data_5H92
#
_entry.id   5H92
#
_cell.length_a   103.414
_cell.length_b   103.406
_cell.length_c   122.434
_cell.angle_alpha   90.00
_cell.angle_beta   90.00
_cell.angle_gamma   90.00
#
_symmetry.space_group_name_H-M   'P 21 21 21'
#
loop_
_entity.id
_entity.type
_entity.pdbx_description
1 polymer 'Sulfite reductase [ferredoxin], chloroplastic'
2 polymer 'Ferredoxin-1, chloroplastic'
3 non-polymer 'IRON/SULFUR CLUSTER'
4 non-polymer SIROHEME
5 non-polymer 'PHOSPHATE ION'
6 non-polymer 'MAGNESIUM ION'
7 non-polymer 'FE2/S2 (INORGANIC) CLUSTER'
8 water water
#
loop_
_entity_poly.entity_id
_entity_poly.type
_entity_poly.pdbx_seq_one_letter_code
_entity_poly.pdbx_strand_id
1 'polypeptide(L)'
;APAKKDASEVKRSKVEIIKEKSNFLRYPLNEELVSEAPNINESAVQLIKFHGSYQQTDRDVRGQKNYSFMLRTKNPCGKV
PNQLYLAMDTLADEFGIGTLRLTTRQTFQLHGVLKKNLKTVLSTVIKNMGSTLGACGDLNRNVLAPAAPYVKKDILFAQQ
TAENIAALLTPQSGAYYDLWVDGEKIMSAEEPPEVTKARNDNSHGTNFPDSPEPIYGTQYLPRKFKVAVTAAGDNSVDIL
TNDIGVVVVSDDAGEPIGFNIYVGGGMGRTHRVETTFPRLADPLGYVPKEDILYAIKAIVVTQRENGRRDDRKYSRMKYM
IDRWGIDRFRAEVEKYYGKKFESFRPLPEWQFNSYLGWQEQGDGKLFYGVHVDNGRVGGQAKKTLREIIEKYNLDVSITP
NQNLILCGIDQAWREPITTALAQAGLLEPKDVDPLNLTAMACPALPLCPLAQTEAERGILPILKRIRAVFNKVGIKDSES
VVVRITGCPNGCARPYMAELGFVGDGPKSYQIWLGGTPNQSTLAESFMDKVKLDDIEKVLEPLFTYWNGTRQEGESFGSF
TNRTGFDKLKEVVNKWAESPSAA
;
A,B
2 'polypeptide(L)'
;ATYNVKLITPEGEVELQVPDDVYILDQAEEDGIDLPYSCRAGSCSSCAGKVVSGSVDQSDQSYLDDGQIADGWVLTCHAY
PTSDVVIETHKEEELTGA
;
C
#
loop_
_chem_comp.id
_chem_comp.type
_chem_comp.name
_chem_comp.formula
FES non-polymer 'FE2/S2 (INORGANIC) CLUSTER' 'Fe2 S2'
MG non-polymer 'MAGNESIUM ION' 'Mg 2'
PO4 non-polymer 'PHOSPHATE ION' 'O4 P -3'
SF4 non-polymer 'IRON/SULFUR CLUSTER' 'Fe4 S4'
SRM non-polymer SIROHEME 'C42 H44 Fe N4 O16'
#
# COMPACT_ATOMS: atom_id res chain seq x y z
N LYS A 11 -14.72 4.86 -46.62
CA LYS A 11 -13.21 4.86 -46.52
C LYS A 11 -12.72 3.72 -45.61
N ARG A 12 -11.67 3.02 -46.04
CA ARG A 12 -10.98 1.98 -45.25
C ARG A 12 -9.51 2.25 -45.30
N SER A 13 -8.82 1.98 -44.21
CA SER A 13 -7.38 2.21 -44.14
C SER A 13 -6.69 1.22 -45.05
N LYS A 14 -5.42 1.53 -45.35
CA LYS A 14 -4.57 0.69 -46.17
C LYS A 14 -4.41 -0.70 -45.56
N VAL A 15 -4.37 -0.78 -44.23
CA VAL A 15 -4.24 -2.08 -43.55
C VAL A 15 -5.46 -3.02 -43.76
N GLU A 16 -6.66 -2.45 -43.85
CA GLU A 16 -7.90 -3.25 -44.09
C GLU A 16 -7.84 -3.93 -45.45
N ILE A 17 -7.40 -3.19 -46.43
CA ILE A 17 -7.19 -3.78 -47.77
C ILE A 17 -6.09 -4.87 -47.80
N ILE A 18 -4.95 -4.59 -47.14
CA ILE A 18 -3.87 -5.57 -46.98
C ILE A 18 -4.38 -6.83 -46.32
N LYS A 19 -5.17 -6.68 -45.26
CA LYS A 19 -5.79 -7.83 -44.61
C LYS A 19 -6.71 -8.58 -45.57
N GLU A 20 -7.63 -7.84 -46.19
CA GLU A 20 -8.54 -8.39 -47.15
C GLU A 20 -7.88 -9.27 -48.23
N LYS A 21 -6.74 -8.82 -48.74
CA LYS A 21 -6.06 -9.43 -49.87
C LYS A 21 -4.95 -10.40 -49.48
N SER A 22 -4.90 -10.81 -48.21
CA SER A 22 -3.80 -11.64 -47.72
C SER A 22 -4.14 -13.15 -47.65
N ASN A 23 -5.38 -13.55 -47.99
CA ASN A 23 -5.76 -14.96 -47.82
C ASN A 23 -5.52 -15.41 -46.36
N PHE A 24 -6.06 -14.63 -45.42
CA PHE A 24 -5.90 -14.92 -44.01
C PHE A 24 -4.45 -14.92 -43.59
N LEU A 25 -3.78 -13.84 -43.95
CA LEU A 25 -2.46 -13.47 -43.44
C LEU A 25 -1.31 -14.26 -44.03
N ARG A 26 -1.48 -14.70 -45.27
CA ARG A 26 -0.43 -15.46 -45.99
C ARG A 26 0.29 -14.67 -47.06
N TYR A 27 -0.45 -13.84 -47.79
CA TYR A 27 0.04 -13.30 -49.05
C TYR A 27 0.05 -11.80 -48.99
N PRO A 28 1.13 -11.15 -49.48
CA PRO A 28 2.39 -11.62 -50.08
C PRO A 28 3.51 -11.94 -49.10
N LEU A 29 3.19 -12.04 -47.82
CA LEU A 29 4.21 -12.35 -46.82
C LEU A 29 4.93 -13.64 -47.22
N ASN A 30 4.16 -14.64 -47.62
CA ASN A 30 4.72 -15.90 -48.07
C ASN A 30 5.88 -15.76 -49.10
N GLU A 31 5.64 -15.01 -50.18
CA GLU A 31 6.66 -14.75 -51.22
C GLU A 31 7.77 -13.80 -50.71
N GLU A 32 7.41 -12.82 -49.90
CA GLU A 32 8.43 -11.86 -49.43
C GLU A 32 9.46 -12.49 -48.49
N LEU A 33 8.98 -13.41 -47.64
CA LEU A 33 9.87 -14.12 -46.73
C LEU A 33 11.04 -14.85 -47.41
N VAL A 34 10.87 -15.25 -48.67
CA VAL A 34 11.93 -15.96 -49.39
C VAL A 34 12.69 -15.16 -50.44
N SER A 35 12.46 -13.84 -50.51
CA SER A 35 13.20 -13.02 -51.47
C SER A 35 14.59 -12.72 -50.93
N GLU A 36 15.51 -12.35 -51.84
CA GLU A 36 16.91 -12.10 -51.50
C GLU A 36 17.15 -10.76 -50.77
N ALA A 37 16.22 -9.82 -50.94
CA ALA A 37 16.27 -8.59 -50.18
C ALA A 37 16.41 -8.85 -48.66
N PRO A 38 17.09 -7.94 -47.94
CA PRO A 38 17.14 -8.08 -46.49
C PRO A 38 15.84 -7.61 -45.79
N ASN A 39 14.98 -6.89 -46.52
CA ASN A 39 13.70 -6.39 -46.00
C ASN A 39 12.54 -7.04 -46.72
N ILE A 40 11.30 -6.76 -46.28
CA ILE A 40 10.08 -7.22 -46.97
C ILE A 40 9.23 -6.01 -47.36
N ASN A 41 8.32 -6.19 -48.33
CA ASN A 41 7.51 -5.07 -48.85
C ASN A 41 6.47 -4.53 -47.90
N GLU A 42 5.80 -3.42 -48.26
CA GLU A 42 4.92 -2.77 -47.25
C GLU A 42 3.77 -3.67 -46.79
N SER A 43 3.13 -4.37 -47.73
CA SER A 43 2.08 -5.32 -47.33
C SER A 43 2.62 -6.40 -46.39
N ALA A 44 3.78 -6.95 -46.70
CA ALA A 44 4.39 -7.98 -45.84
C ALA A 44 4.81 -7.40 -44.48
N VAL A 45 5.31 -6.17 -44.45
CA VAL A 45 5.61 -5.52 -43.17
C VAL A 45 4.40 -5.55 -42.22
N GLN A 46 3.22 -5.31 -42.79
CA GLN A 46 2.01 -5.17 -42.01
C GLN A 46 1.50 -6.54 -41.59
N LEU A 47 1.61 -7.51 -42.51
CA LEU A 47 1.16 -8.85 -42.27
C LEU A 47 2.02 -9.60 -41.23
N ILE A 48 3.33 -9.37 -41.26
CA ILE A 48 4.19 -10.18 -40.42
C ILE A 48 3.95 -9.87 -38.92
N LYS A 49 3.42 -8.69 -38.64
CA LYS A 49 3.03 -8.31 -37.26
C LYS A 49 2.05 -9.32 -36.69
N PHE A 50 1.19 -9.87 -37.55
CA PHE A 50 0.20 -10.82 -37.05
C PHE A 50 0.88 -12.14 -36.60
N HIS A 51 2.03 -12.43 -37.19
CA HIS A 51 2.76 -13.65 -36.88
C HIS A 51 3.75 -13.40 -35.76
N GLY A 52 3.63 -12.21 -35.14
CA GLY A 52 4.42 -11.86 -33.94
C GLY A 52 5.83 -11.31 -34.26
N SER A 53 6.03 -10.74 -35.44
CA SER A 53 7.37 -10.20 -35.74
C SER A 53 7.24 -8.83 -36.34
N TYR A 54 8.19 -7.96 -36.03
CA TYR A 54 8.24 -6.58 -36.54
C TYR A 54 9.55 -6.35 -37.27
N GLN A 55 9.52 -5.90 -38.52
CA GLN A 55 10.74 -5.44 -39.17
C GLN A 55 11.08 -4.10 -38.54
N GLN A 56 12.38 -3.89 -38.34
CA GLN A 56 12.91 -2.71 -37.66
C GLN A 56 14.17 -2.33 -38.37
N THR A 57 14.61 -1.09 -38.18
CA THR A 57 15.93 -0.67 -38.64
C THR A 57 16.64 0.02 -37.50
N ASP A 58 17.96 -0.09 -37.46
CA ASP A 58 18.72 0.46 -36.36
C ASP A 58 18.98 1.94 -36.59
N ARG A 59 18.32 2.77 -35.78
CA ARG A 59 18.37 4.21 -36.00
C ARG A 59 19.65 4.86 -35.46
N ASP A 60 20.54 4.10 -34.82
CA ASP A 60 21.87 4.60 -34.43
C ASP A 60 22.84 4.61 -35.63
N VAL A 61 22.53 3.81 -36.66
CA VAL A 61 23.31 3.87 -37.90
C VAL A 61 22.57 4.61 -38.98
N ARG A 62 23.09 5.81 -39.27
CA ARG A 62 22.48 6.74 -40.21
C ARG A 62 23.12 6.68 -41.62
N GLY A 63 22.36 7.13 -42.63
CA GLY A 63 22.84 7.13 -44.01
C GLY A 63 22.95 5.73 -44.58
N GLN A 64 22.10 4.84 -44.04
CA GLN A 64 22.18 3.41 -44.32
C GLN A 64 21.18 2.64 -43.45
N LYS A 65 20.35 1.83 -44.11
CA LYS A 65 19.33 1.04 -43.39
C LYS A 65 19.80 -0.36 -43.14
N ASN A 66 20.00 -0.66 -41.86
CA ASN A 66 20.27 -2.00 -41.41
C ASN A 66 18.97 -2.62 -40.93
N TYR A 67 18.38 -3.49 -41.74
CA TYR A 67 17.13 -4.14 -41.40
C TYR A 67 17.36 -5.29 -40.44
N SER A 68 16.42 -5.49 -39.52
CA SER A 68 16.42 -6.65 -38.66
C SER A 68 14.97 -6.88 -38.21
N PHE A 69 14.67 -8.05 -37.65
CA PHE A 69 13.31 -8.33 -37.15
C PHE A 69 13.34 -8.56 -35.66
N MET A 70 12.29 -8.06 -34.98
CA MET A 70 12.10 -8.30 -33.54
C MET A 70 11.03 -9.35 -33.49
N LEU A 71 11.17 -10.32 -32.61
CA LEU A 71 10.00 -11.16 -32.31
C LEU A 71 9.52 -11.01 -30.91
N ARG A 72 8.23 -11.25 -30.75
CA ARG A 72 7.54 -11.08 -29.49
C ARG A 72 6.70 -12.34 -29.25
N THR A 73 6.79 -12.90 -28.04
CA THR A 73 6.11 -14.15 -27.78
C THR A 73 4.69 -13.91 -27.28
N LYS A 74 3.92 -15.00 -27.23
CA LYS A 74 2.61 -15.03 -26.57
C LYS A 74 2.74 -15.94 -25.38
N ASN A 75 2.37 -15.45 -24.20
CA ASN A 75 2.64 -16.16 -22.95
C ASN A 75 1.52 -15.74 -21.99
N PRO A 76 0.34 -16.34 -22.14
CA PRO A 76 -0.69 -15.87 -21.24
C PRO A 76 -0.27 -15.99 -19.78
N CYS A 77 -0.67 -15.01 -18.98
CA CYS A 77 -0.34 -14.92 -17.58
C CYS A 77 1.14 -14.68 -17.33
N GLY A 78 1.90 -14.49 -18.40
CA GLY A 78 3.37 -14.42 -18.32
C GLY A 78 4.10 -15.72 -18.04
N LYS A 79 3.39 -16.84 -18.07
CA LYS A 79 4.01 -18.13 -17.73
C LYS A 79 4.92 -18.63 -18.82
N VAL A 80 6.13 -19.03 -18.45
CA VAL A 80 7.13 -19.50 -19.42
C VAL A 80 7.67 -20.84 -18.93
N PRO A 81 7.44 -21.90 -19.73
CA PRO A 81 8.01 -23.20 -19.35
C PRO A 81 9.53 -23.23 -19.53
N ASN A 82 10.21 -23.97 -18.65
CA ASN A 82 11.65 -24.11 -18.64
C ASN A 82 12.22 -24.30 -20.05
N GLN A 83 11.54 -25.14 -20.84
CA GLN A 83 12.08 -25.50 -22.15
C GLN A 83 12.10 -24.27 -23.03
N LEU A 84 11.03 -23.47 -22.96
CA LEU A 84 10.94 -22.26 -23.74
C LEU A 84 11.95 -21.22 -23.29
N TYR A 85 12.13 -21.08 -21.98
CA TYR A 85 13.13 -20.14 -21.50
C TYR A 85 14.52 -20.48 -22.08
N LEU A 86 14.93 -21.75 -22.00
CA LEU A 86 16.27 -22.12 -22.52
C LEU A 86 16.42 -21.85 -24.02
N ALA A 87 15.39 -22.14 -24.79
CA ALA A 87 15.42 -21.85 -26.23
C ALA A 87 15.59 -20.36 -26.49
N MET A 88 14.78 -19.54 -25.83
CA MET A 88 14.79 -18.11 -26.09
C MET A 88 16.18 -17.55 -25.76
N ASP A 89 16.71 -17.98 -24.63
CA ASP A 89 18.03 -17.55 -24.20
C ASP A 89 19.12 -17.87 -25.23
N THR A 90 19.08 -19.10 -25.73
CA THR A 90 20.07 -19.53 -26.73
C THR A 90 19.89 -18.71 -28.02
N LEU A 91 18.63 -18.55 -28.42
CA LEU A 91 18.29 -17.88 -29.68
C LEU A 91 18.77 -16.44 -29.67
N ALA A 92 18.63 -15.77 -28.52
CA ALA A 92 19.04 -14.37 -28.39
C ALA A 92 20.56 -14.23 -28.71
N ASP A 93 21.36 -15.16 -28.17
CA ASP A 93 22.80 -15.17 -28.46
C ASP A 93 23.15 -15.67 -29.86
N GLU A 94 22.48 -16.70 -30.35
CA GLU A 94 22.87 -17.19 -31.66
C GLU A 94 22.33 -16.41 -32.86
N PHE A 95 21.09 -15.93 -32.75
CA PHE A 95 20.47 -15.21 -33.87
C PHE A 95 20.09 -13.73 -33.63
N GLY A 96 20.16 -13.30 -32.37
CA GLY A 96 19.78 -11.94 -31.98
C GLY A 96 20.98 -11.10 -31.60
N ILE A 97 20.80 -10.12 -30.72
CA ILE A 97 21.88 -9.21 -30.40
C ILE A 97 22.23 -9.41 -28.93
N GLY A 98 21.95 -10.61 -28.45
CA GLY A 98 22.47 -11.05 -27.17
C GLY A 98 21.62 -10.67 -25.96
N THR A 99 20.40 -10.16 -26.16
CA THR A 99 19.58 -9.78 -25.03
C THR A 99 18.18 -10.35 -25.19
N LEU A 100 17.46 -10.51 -24.08
CA LEU A 100 16.03 -10.74 -24.11
C LEU A 100 15.42 -9.50 -23.44
N ARG A 101 14.22 -9.15 -23.85
CA ARG A 101 13.55 -7.96 -23.37
C ARG A 101 12.22 -8.40 -22.80
N LEU A 102 12.11 -8.34 -21.48
CA LEU A 102 10.84 -8.53 -20.79
C LEU A 102 9.91 -7.32 -20.96
N THR A 103 8.59 -7.54 -21.09
CA THR A 103 7.71 -6.45 -21.55
C THR A 103 6.62 -6.16 -20.54
N THR A 104 5.97 -5.03 -20.75
CA THR A 104 4.90 -4.61 -19.85
C THR A 104 3.63 -5.43 -20.04
N ARG A 105 3.61 -6.33 -21.03
CA ARG A 105 2.52 -7.33 -21.16
C ARG A 105 2.93 -8.79 -20.89
N GLN A 106 4.02 -8.98 -20.13
CA GLN A 106 4.39 -10.31 -19.67
C GLN A 106 4.85 -11.23 -20.83
N THR A 107 5.55 -10.67 -21.82
CA THR A 107 6.06 -11.47 -22.93
C THR A 107 7.57 -11.20 -23.05
N PHE A 108 8.28 -12.00 -23.85
CA PHE A 108 9.61 -11.65 -24.31
C PHE A 108 9.55 -10.98 -25.64
N GLN A 109 10.49 -10.05 -25.87
CA GLN A 109 10.87 -9.66 -27.21
C GLN A 109 12.33 -10.05 -27.44
N LEU A 110 12.62 -10.45 -28.67
CA LEU A 110 14.00 -10.72 -29.09
C LEU A 110 14.23 -9.83 -30.28
N HIS A 111 15.18 -8.91 -30.15
CA HIS A 111 15.55 -7.93 -31.17
C HIS A 111 16.71 -8.37 -32.03
N GLY A 112 16.76 -7.92 -33.28
CA GLY A 112 18.00 -8.00 -34.05
C GLY A 112 18.20 -9.18 -34.96
N VAL A 113 17.11 -9.91 -35.23
CA VAL A 113 17.19 -11.11 -36.08
C VAL A 113 17.16 -10.77 -37.58
N LEU A 114 18.16 -11.22 -38.33
CA LEU A 114 18.24 -11.03 -39.77
C LEU A 114 17.17 -11.84 -40.47
N LYS A 115 16.67 -11.32 -41.61
CA LYS A 115 15.55 -11.95 -42.31
C LYS A 115 15.85 -13.43 -42.62
N LYS A 116 17.07 -13.67 -43.11
CA LYS A 116 17.51 -15.02 -43.47
C LYS A 116 17.47 -16.04 -42.33
N ASN A 117 17.43 -15.58 -41.08
CA ASN A 117 17.38 -16.48 -39.94
C ASN A 117 16.02 -16.51 -39.30
N LEU A 118 15.08 -15.74 -39.84
CA LEU A 118 13.81 -15.49 -39.15
C LEU A 118 12.98 -16.78 -39.07
N LYS A 119 12.93 -17.54 -40.14
CA LYS A 119 12.17 -18.79 -40.12
C LYS A 119 12.80 -19.78 -39.14
N THR A 120 14.13 -19.84 -39.13
CA THR A 120 14.80 -20.73 -38.20
C THR A 120 14.37 -20.43 -36.79
N VAL A 121 14.29 -19.15 -36.46
CA VAL A 121 14.06 -18.69 -35.09
C VAL A 121 12.60 -18.93 -34.67
N LEU A 122 11.63 -18.58 -35.53
CA LEU A 122 10.22 -18.83 -35.16
C LEU A 122 9.92 -20.31 -35.09
N SER A 123 10.46 -21.11 -36.01
CA SER A 123 10.20 -22.54 -35.89
C SER A 123 10.81 -23.10 -34.60
N THR A 124 11.99 -22.62 -34.21
CA THR A 124 12.57 -23.04 -32.94
C THR A 124 11.68 -22.73 -31.72
N VAL A 125 11.12 -21.53 -31.72
CA VAL A 125 10.20 -21.09 -30.68
C VAL A 125 9.00 -22.06 -30.70
N ILE A 126 8.45 -22.32 -31.88
CA ILE A 126 7.23 -23.14 -32.05
C ILE A 126 7.49 -24.54 -31.49
N LYS A 127 8.70 -25.03 -31.72
CA LYS A 127 9.05 -26.39 -31.40
C LYS A 127 9.61 -26.55 -29.99
N ASN A 128 9.68 -25.46 -29.24
CA ASN A 128 10.12 -25.47 -27.84
C ASN A 128 9.07 -24.88 -26.90
N MET A 129 7.82 -25.21 -27.16
CA MET A 129 6.66 -24.87 -26.35
C MET A 129 6.28 -23.38 -26.38
N GLY A 130 6.55 -22.71 -27.49
CA GLY A 130 6.30 -21.27 -27.56
C GLY A 130 5.42 -20.92 -28.73
N SER A 131 5.08 -19.64 -28.84
CA SER A 131 4.36 -19.12 -29.96
C SER A 131 4.59 -17.63 -29.99
N THR A 132 4.53 -17.06 -31.19
CA THR A 132 4.57 -15.62 -31.37
C THR A 132 3.28 -15.18 -32.09
N LEU A 133 2.37 -16.12 -32.33
CA LEU A 133 1.12 -15.85 -33.07
C LEU A 133 0.26 -14.82 -32.38
N GLY A 134 -0.06 -13.75 -33.10
CA GLY A 134 -0.85 -12.68 -32.56
C GLY A 134 -0.22 -11.91 -31.41
N ALA A 135 1.10 -11.97 -31.32
CA ALA A 135 1.82 -11.11 -30.38
C ALA A 135 1.77 -9.66 -30.88
N CYS A 136 1.81 -9.48 -32.20
CA CYS A 136 1.39 -8.22 -32.80
C CYS A 136 0.15 -8.39 -33.73
N GLY A 137 -0.27 -7.32 -34.40
CA GLY A 137 -1.40 -7.38 -35.34
C GLY A 137 -2.71 -6.78 -34.83
N ASP A 138 -3.73 -6.75 -35.69
CA ASP A 138 -5.07 -6.32 -35.33
C ASP A 138 -5.82 -7.51 -34.69
N LEU A 139 -5.38 -7.91 -33.51
CA LEU A 139 -5.68 -9.22 -32.96
C LEU A 139 -5.71 -9.07 -31.45
N ASN A 140 -6.25 -10.05 -30.75
CA ASN A 140 -6.03 -10.11 -29.28
C ASN A 140 -4.57 -10.27 -28.91
N ARG A 141 -4.06 -9.36 -28.06
CA ARG A 141 -2.66 -9.38 -27.57
C ARG A 141 -2.47 -10.31 -26.34
N ASN A 142 -1.26 -10.41 -25.81
CA ASN A 142 -1.06 -11.22 -24.62
C ASN A 142 -2.05 -10.84 -23.55
N VAL A 143 -2.71 -11.86 -23.01
CA VAL A 143 -3.72 -11.67 -21.94
C VAL A 143 -2.99 -11.69 -20.59
N LEU A 144 -3.14 -10.64 -19.80
CA LEU A 144 -2.42 -10.50 -18.56
C LEU A 144 -3.08 -11.31 -17.46
N ALA A 145 -2.28 -11.75 -16.49
CA ALA A 145 -2.86 -12.25 -15.20
C ALA A 145 -1.84 -12.11 -14.08
N PRO A 146 -2.26 -12.35 -12.80
CA PRO A 146 -1.27 -12.29 -11.70
C PRO A 146 -0.09 -13.19 -12.01
N ALA A 147 1.10 -12.63 -12.04
CA ALA A 147 2.32 -13.38 -12.34
C ALA A 147 2.81 -14.32 -11.24
N ALA A 148 2.48 -14.02 -9.99
CA ALA A 148 2.98 -14.82 -8.86
C ALA A 148 2.45 -16.24 -8.97
N PRO A 149 3.34 -17.23 -8.79
CA PRO A 149 2.78 -18.59 -8.86
C PRO A 149 2.11 -19.04 -7.56
N TYR A 150 1.13 -18.29 -7.05
CA TYR A 150 0.44 -18.69 -5.81
C TYR A 150 -0.46 -19.84 -6.17
N VAL A 151 -0.60 -20.80 -5.26
CA VAL A 151 -1.59 -21.88 -5.45
C VAL A 151 -2.99 -21.55 -4.93
N LYS A 152 -3.16 -20.34 -4.43
CA LYS A 152 -4.47 -19.91 -3.92
C LYS A 152 -5.52 -20.05 -5.04
N LYS A 153 -6.69 -20.56 -4.66
CA LYS A 153 -7.70 -20.97 -5.60
C LYS A 153 -7.96 -19.88 -6.63
N ASP A 154 -8.28 -18.68 -6.17
CA ASP A 154 -8.74 -17.63 -7.07
C ASP A 154 -7.62 -17.05 -7.97
N ILE A 155 -6.38 -17.11 -7.49
CA ILE A 155 -5.25 -16.75 -8.31
C ILE A 155 -5.12 -17.80 -9.40
N LEU A 156 -5.18 -19.06 -9.01
CA LEU A 156 -5.12 -20.07 -10.01
C LEU A 156 -6.24 -19.81 -11.03
N PHE A 157 -7.45 -19.50 -10.53
CA PHE A 157 -8.62 -19.33 -11.43
C PHE A 157 -8.44 -18.13 -12.38
N ALA A 158 -7.90 -17.00 -11.89
CA ALA A 158 -7.55 -15.85 -12.76
C ALA A 158 -6.68 -16.29 -13.94
N GLN A 159 -5.63 -17.01 -13.59
CA GLN A 159 -4.65 -17.50 -14.55
C GLN A 159 -5.29 -18.47 -15.57
N GLN A 160 -6.06 -19.46 -15.10
CA GLN A 160 -6.73 -20.35 -16.05
C GLN A 160 -7.67 -19.59 -16.99
N THR A 161 -8.35 -18.57 -16.46
CA THR A 161 -9.29 -17.74 -17.22
C THR A 161 -8.60 -16.95 -18.29
N ALA A 162 -7.41 -16.46 -17.98
CA ALA A 162 -6.62 -15.70 -18.92
C ALA A 162 -6.19 -16.60 -20.04
N GLU A 163 -5.68 -17.77 -19.69
CA GLU A 163 -5.32 -18.79 -20.68
C GLU A 163 -6.47 -19.20 -21.57
N ASN A 164 -7.69 -19.32 -21.01
CA ASN A 164 -8.80 -19.70 -21.88
C ASN A 164 -9.19 -18.61 -22.84
N ILE A 165 -9.09 -17.37 -22.37
CA ILE A 165 -9.41 -16.20 -23.24
C ILE A 165 -8.37 -16.09 -24.37
N ALA A 166 -7.10 -16.30 -24.05
CA ALA A 166 -6.07 -16.23 -25.10
C ALA A 166 -6.38 -17.30 -26.14
N ALA A 167 -6.76 -18.48 -25.63
CA ALA A 167 -7.08 -19.61 -26.52
C ALA A 167 -8.28 -19.28 -27.37
N LEU A 168 -9.34 -18.79 -26.73
CA LEU A 168 -10.59 -18.43 -27.42
C LEU A 168 -10.28 -17.49 -28.62
N LEU A 169 -9.41 -16.50 -28.41
CA LEU A 169 -9.15 -15.46 -29.40
C LEU A 169 -7.87 -15.67 -30.23
N THR A 170 -7.43 -16.92 -30.37
CA THR A 170 -6.23 -17.27 -31.15
C THR A 170 -6.71 -17.45 -32.62
N PRO A 171 -6.03 -16.85 -33.60
CA PRO A 171 -6.40 -17.02 -35.01
C PRO A 171 -6.43 -18.49 -35.38
N GLN A 172 -7.42 -18.88 -36.18
CA GLN A 172 -7.61 -20.28 -36.52
C GLN A 172 -7.30 -20.65 -37.98
N SER A 173 -6.82 -19.70 -38.77
CA SER A 173 -6.73 -19.83 -40.23
C SER A 173 -5.60 -20.77 -40.69
N GLY A 174 -4.59 -20.95 -39.84
CA GLY A 174 -3.48 -21.90 -40.13
C GLY A 174 -2.30 -21.31 -40.90
N ALA A 175 -2.41 -20.03 -41.29
CA ALA A 175 -1.30 -19.40 -41.98
C ALA A 175 -0.05 -19.49 -41.13
N TYR A 176 -0.22 -19.40 -39.80
CA TYR A 176 0.94 -19.44 -38.87
C TYR A 176 1.80 -20.69 -39.07
N TYR A 177 1.22 -21.87 -38.87
CA TYR A 177 1.98 -23.11 -39.02
C TYR A 177 2.36 -23.35 -40.48
N ASP A 178 1.54 -22.86 -41.40
CA ASP A 178 1.80 -22.96 -42.82
C ASP A 178 3.10 -22.28 -43.21
N LEU A 179 3.32 -21.07 -42.70
CA LEU A 179 4.54 -20.31 -43.03
C LEU A 179 5.79 -20.78 -42.29
N TRP A 180 5.66 -21.06 -41.00
CA TRP A 180 6.85 -21.17 -40.16
C TRP A 180 7.29 -22.59 -39.92
N VAL A 181 6.34 -23.54 -39.93
CA VAL A 181 6.71 -24.94 -39.80
C VAL A 181 6.17 -25.81 -40.92
N ASP A 182 5.90 -25.18 -42.06
CA ASP A 182 5.50 -25.85 -43.31
C ASP A 182 4.30 -26.75 -43.04
N GLY A 183 3.31 -26.21 -42.33
CA GLY A 183 2.05 -26.89 -42.04
C GLY A 183 2.18 -28.17 -41.24
N GLU A 184 3.24 -28.28 -40.44
CA GLU A 184 3.41 -29.44 -39.59
C GLU A 184 2.43 -29.38 -38.44
N LYS A 185 2.06 -30.57 -37.96
CA LYS A 185 1.29 -30.70 -36.74
C LYS A 185 2.26 -30.46 -35.57
N ILE A 186 1.86 -29.59 -34.65
CA ILE A 186 2.67 -29.31 -33.48
C ILE A 186 1.89 -29.69 -32.24
N MET A 187 2.48 -30.59 -31.47
CA MET A 187 1.88 -31.13 -30.26
C MET A 187 1.70 -30.05 -29.19
N SER A 188 0.46 -29.94 -28.72
CA SER A 188 0.12 -29.04 -27.64
C SER A 188 -0.91 -29.71 -26.73
N ALA A 189 -0.99 -29.24 -25.49
CA ALA A 189 -2.01 -29.70 -24.53
C ALA A 189 -3.38 -29.30 -25.04
N GLU A 190 -4.39 -30.15 -24.83
CA GLU A 190 -5.72 -29.91 -25.39
C GLU A 190 -6.38 -28.73 -24.71
N GLU A 191 -7.17 -27.98 -25.46
CA GLU A 191 -7.82 -26.83 -24.87
C GLU A 191 -9.01 -27.37 -24.09
N PRO A 192 -9.33 -26.72 -22.97
CA PRO A 192 -10.50 -27.14 -22.20
C PRO A 192 -11.75 -27.15 -23.08
N PRO A 193 -12.56 -28.19 -22.97
CA PRO A 193 -13.87 -28.21 -23.66
C PRO A 193 -14.69 -26.92 -23.55
N GLU A 194 -14.63 -26.22 -22.42
CA GLU A 194 -15.26 -24.91 -22.24
C GLU A 194 -14.91 -23.93 -23.39
N VAL A 195 -13.64 -23.89 -23.76
CA VAL A 195 -13.16 -22.91 -24.75
C VAL A 195 -13.71 -23.28 -26.11
N THR A 196 -13.52 -24.53 -26.50
CA THR A 196 -13.97 -24.97 -27.82
C THR A 196 -15.45 -24.69 -27.96
N LYS A 197 -16.19 -24.95 -26.89
CA LYS A 197 -17.63 -24.85 -26.94
C LYS A 197 -18.03 -23.37 -27.04
N ALA A 198 -17.35 -22.51 -26.30
CA ALA A 198 -17.67 -21.09 -26.42
C ALA A 198 -17.28 -20.55 -27.76
N ARG A 199 -16.10 -20.95 -28.26
CA ARG A 199 -15.64 -20.48 -29.57
C ARG A 199 -16.66 -20.80 -30.65
N ASN A 200 -17.21 -22.01 -30.63
CA ASN A 200 -18.13 -22.49 -31.66
C ASN A 200 -19.55 -21.97 -31.52
N ASP A 201 -19.92 -21.46 -30.35
CA ASP A 201 -21.31 -21.06 -30.17
C ASP A 201 -21.69 -19.94 -31.13
N ASN A 202 -22.80 -20.11 -31.84
CA ASN A 202 -23.32 -19.04 -32.67
C ASN A 202 -24.78 -18.74 -32.38
N SER A 203 -25.15 -19.00 -31.12
CA SER A 203 -26.52 -18.86 -30.63
C SER A 203 -26.99 -17.44 -30.85
N HIS A 204 -26.05 -16.51 -30.86
CA HIS A 204 -26.41 -15.09 -30.89
C HIS A 204 -25.77 -14.31 -32.01
N GLY A 205 -25.45 -15.02 -33.09
CA GLY A 205 -24.93 -14.41 -34.28
C GLY A 205 -23.60 -13.71 -34.12
N THR A 206 -22.75 -14.24 -33.28
CA THR A 206 -21.42 -13.67 -33.09
C THR A 206 -20.40 -14.12 -34.14
N ASN A 207 -20.63 -15.30 -34.74
CA ASN A 207 -19.56 -15.96 -35.52
C ASN A 207 -19.76 -15.81 -37.03
N PHE A 208 -18.70 -16.02 -37.81
CA PHE A 208 -18.85 -16.31 -39.24
C PHE A 208 -18.65 -17.79 -39.46
N PRO A 209 -19.74 -18.56 -39.43
CA PRO A 209 -19.48 -20.00 -39.36
C PRO A 209 -18.93 -20.63 -40.68
N ASP A 210 -18.90 -19.88 -41.78
CA ASP A 210 -18.34 -20.41 -43.05
C ASP A 210 -16.89 -19.96 -43.29
N SER A 211 -16.41 -19.10 -42.40
CA SER A 211 -15.08 -18.50 -42.50
C SER A 211 -13.99 -19.35 -41.88
N PRO A 212 -12.79 -19.33 -42.49
CA PRO A 212 -11.60 -19.82 -41.81
C PRO A 212 -11.33 -19.12 -40.48
N GLU A 213 -11.89 -17.93 -40.26
CA GLU A 213 -11.78 -17.30 -38.95
C GLU A 213 -13.19 -17.06 -38.39
N PRO A 214 -13.70 -18.02 -37.65
CA PRO A 214 -15.11 -17.93 -37.24
C PRO A 214 -15.38 -16.71 -36.32
N ILE A 215 -14.37 -16.26 -35.56
CA ILE A 215 -14.53 -15.06 -34.69
C ILE A 215 -13.99 -13.79 -35.40
N TYR A 216 -12.78 -13.89 -35.95
CA TYR A 216 -12.12 -12.73 -36.53
C TYR A 216 -12.63 -12.36 -37.89
N GLY A 217 -13.12 -13.33 -38.67
CA GLY A 217 -13.56 -13.07 -40.04
C GLY A 217 -12.33 -12.69 -40.86
N THR A 218 -12.59 -12.24 -42.09
CA THR A 218 -11.60 -11.79 -43.05
C THR A 218 -10.83 -10.56 -42.60
N GLN A 219 -11.52 -9.63 -41.94
CA GLN A 219 -10.94 -8.34 -41.64
C GLN A 219 -10.30 -8.26 -40.24
N TYR A 220 -10.28 -9.38 -39.52
CA TYR A 220 -9.80 -9.39 -38.12
C TYR A 220 -10.40 -8.20 -37.37
N LEU A 221 -9.72 -7.67 -36.38
CA LEU A 221 -10.29 -6.59 -35.57
C LEU A 221 -9.86 -5.26 -36.20
N PRO A 222 -10.51 -4.15 -35.79
CA PRO A 222 -10.02 -2.85 -36.28
C PRO A 222 -8.58 -2.41 -35.82
N ARG A 223 -8.05 -3.05 -34.80
CA ARG A 223 -6.80 -2.67 -34.19
C ARG A 223 -6.53 -3.70 -33.09
N LYS A 224 -5.36 -3.61 -32.47
CA LYS A 224 -5.01 -4.44 -31.31
C LYS A 224 -6.04 -4.42 -30.18
N PHE A 225 -6.08 -5.48 -29.40
CA PHE A 225 -7.14 -5.62 -28.41
C PHE A 225 -6.42 -6.24 -27.21
N LYS A 226 -6.62 -5.70 -26.01
CA LYS A 226 -5.87 -6.10 -24.84
C LYS A 226 -6.76 -6.41 -23.66
N VAL A 227 -6.52 -7.56 -23.04
CA VAL A 227 -7.35 -8.02 -21.94
C VAL A 227 -6.42 -8.30 -20.75
N ALA A 228 -6.88 -7.95 -19.55
CA ALA A 228 -6.13 -8.34 -18.35
C ALA A 228 -7.08 -8.99 -17.37
N VAL A 229 -6.61 -10.04 -16.66
CA VAL A 229 -7.44 -10.76 -15.68
C VAL A 229 -6.76 -10.67 -14.31
N THR A 230 -7.50 -10.49 -13.23
CA THR A 230 -6.88 -10.47 -11.93
C THR A 230 -7.89 -10.92 -10.86
N ALA A 231 -7.40 -11.03 -9.63
CA ALA A 231 -8.20 -11.30 -8.47
C ALA A 231 -8.39 -9.95 -7.77
N ALA A 232 -9.51 -9.81 -7.05
CA ALA A 232 -9.87 -8.55 -6.36
C ALA A 232 -8.66 -8.07 -5.59
N GLY A 233 -8.35 -6.78 -5.76
CA GLY A 233 -7.35 -6.12 -4.97
C GLY A 233 -5.96 -6.09 -5.66
N ASP A 234 -5.65 -7.08 -6.52
CA ASP A 234 -4.31 -7.16 -7.11
C ASP A 234 -4.25 -6.40 -8.40
N ASN A 235 -3.70 -5.19 -8.37
CA ASN A 235 -3.53 -4.46 -9.61
C ASN A 235 -2.10 -4.45 -10.18
N SER A 236 -1.38 -5.57 -10.11
CA SER A 236 -0.13 -5.70 -10.89
C SER A 236 -0.36 -5.58 -12.39
N VAL A 237 -1.56 -5.95 -12.85
CA VAL A 237 -1.86 -5.94 -14.29
C VAL A 237 -2.21 -4.57 -14.88
N ASP A 238 -2.30 -3.54 -14.03
CA ASP A 238 -2.70 -2.22 -14.49
C ASP A 238 -4.01 -2.36 -15.28
N ILE A 239 -5.01 -2.87 -14.57
CA ILE A 239 -6.20 -3.37 -15.18
C ILE A 239 -6.93 -2.27 -15.97
N LEU A 240 -6.88 -1.03 -15.45
CA LEU A 240 -7.73 0.01 -15.99
C LEU A 240 -7.34 0.47 -17.39
N THR A 241 -6.17 0.07 -17.87
CA THR A 241 -5.62 0.55 -19.15
C THR A 241 -6.04 -0.33 -20.31
N ASN A 242 -6.68 -1.45 -19.97
CA ASN A 242 -7.01 -2.50 -20.94
C ASN A 242 -8.34 -2.31 -21.65
N ASP A 243 -8.50 -2.96 -22.80
CA ASP A 243 -9.78 -3.01 -23.45
C ASP A 243 -10.83 -3.73 -22.61
N ILE A 244 -10.46 -4.87 -22.04
CA ILE A 244 -11.30 -5.54 -21.05
C ILE A 244 -10.46 -5.80 -19.84
N GLY A 245 -11.00 -5.46 -18.67
CA GLY A 245 -10.43 -5.89 -17.40
C GLY A 245 -11.39 -6.87 -16.79
N VAL A 246 -10.86 -7.98 -16.30
CA VAL A 246 -11.68 -9.06 -15.76
C VAL A 246 -11.16 -9.34 -14.33
N VAL A 247 -12.08 -9.35 -13.36
CA VAL A 247 -11.73 -9.51 -11.94
C VAL A 247 -12.47 -10.67 -11.32
N VAL A 248 -11.73 -11.61 -10.75
CA VAL A 248 -12.36 -12.78 -10.14
C VAL A 248 -13.09 -12.35 -8.86
N VAL A 249 -14.35 -12.75 -8.73
CA VAL A 249 -15.17 -12.55 -7.52
C VAL A 249 -15.37 -13.90 -6.90
N SER A 250 -15.10 -13.98 -5.59
CA SER A 250 -15.21 -15.19 -4.76
C SER A 250 -16.36 -14.94 -3.74
N ASP A 251 -17.13 -15.95 -3.39
CA ASP A 251 -17.38 -16.41 -2.02
C ASP A 251 -16.45 -16.25 -0.83
N ASP A 252 -17.08 -16.18 0.34
CA ASP A 252 -16.38 -15.96 1.61
C ASP A 252 -15.32 -17.04 1.90
N ALA A 253 -15.61 -18.26 1.46
CA ALA A 253 -14.69 -19.39 1.61
C ALA A 253 -13.56 -19.43 0.57
N GLY A 254 -13.53 -18.44 -0.34
CA GLY A 254 -12.49 -18.37 -1.36
C GLY A 254 -12.80 -19.03 -2.69
N GLU A 255 -14.01 -19.52 -2.87
CA GLU A 255 -14.40 -20.15 -4.12
C GLU A 255 -14.92 -19.11 -5.13
N PRO A 256 -14.25 -18.99 -6.29
CA PRO A 256 -14.67 -18.08 -7.38
C PRO A 256 -16.14 -18.33 -7.68
N ILE A 257 -16.89 -17.26 -7.84
CA ILE A 257 -18.30 -17.40 -8.25
C ILE A 257 -18.59 -16.71 -9.55
N GLY A 258 -17.80 -15.70 -9.92
CA GLY A 258 -18.09 -14.91 -11.13
C GLY A 258 -17.00 -13.92 -11.43
N PHE A 259 -17.26 -12.99 -12.33
CA PHE A 259 -16.29 -11.95 -12.68
C PHE A 259 -16.95 -10.60 -12.81
N ASN A 260 -16.29 -9.57 -12.29
CA ASN A 260 -16.55 -8.18 -12.67
C ASN A 260 -15.79 -7.88 -13.95
N ILE A 261 -16.39 -7.05 -14.78
CA ILE A 261 -15.80 -6.71 -16.04
C ILE A 261 -15.77 -5.18 -16.14
N TYR A 262 -14.61 -4.67 -16.55
CA TYR A 262 -14.44 -3.30 -17.04
C TYR A 262 -14.15 -3.31 -18.54
N VAL A 263 -14.50 -2.21 -19.23
CA VAL A 263 -14.20 -2.06 -20.65
C VAL A 263 -13.75 -0.65 -21.02
N GLY A 264 -12.87 -0.56 -22.00
CA GLY A 264 -12.67 0.71 -22.69
C GLY A 264 -11.51 1.55 -22.19
N GLY A 265 -10.44 0.90 -21.76
CA GLY A 265 -9.26 1.64 -21.37
C GLY A 265 -8.30 1.64 -22.54
N GLY A 266 -7.24 2.45 -22.45
CA GLY A 266 -6.21 2.53 -23.51
C GLY A 266 -5.30 3.73 -23.28
N MET A 267 -4.02 3.63 -23.65
CA MET A 267 -3.08 4.71 -23.43
C MET A 267 -2.85 5.55 -24.67
N GLY A 268 -2.90 4.94 -25.85
CA GLY A 268 -2.42 5.60 -27.05
C GLY A 268 -3.02 6.99 -27.21
N ARG A 269 -2.15 7.99 -27.46
CA ARG A 269 -2.59 9.30 -27.95
C ARG A 269 -1.49 9.89 -28.85
N THR A 270 -1.82 10.99 -29.53
CA THR A 270 -0.92 11.70 -30.43
C THR A 270 -0.75 13.16 -29.99
N HIS A 271 0.49 13.67 -29.99
CA HIS A 271 0.75 15.03 -29.52
C HIS A 271 -0.02 16.01 -30.45
N ARG A 272 -0.57 17.07 -29.88
CA ARG A 272 -1.38 18.07 -30.62
C ARG A 272 -2.69 17.57 -31.26
N VAL A 273 -3.11 16.32 -30.98
CA VAL A 273 -4.37 15.81 -31.55
C VAL A 273 -5.27 15.52 -30.36
N GLU A 274 -5.94 16.55 -29.90
CA GLU A 274 -6.58 16.48 -28.61
C GLU A 274 -7.75 15.51 -28.66
N THR A 275 -8.15 15.14 -29.88
CA THR A 275 -9.18 14.10 -30.07
C THR A 275 -8.69 12.68 -29.78
N THR A 276 -7.39 12.55 -29.48
CA THR A 276 -6.84 11.29 -29.01
C THR A 276 -6.42 11.44 -27.57
N PHE A 277 -6.62 10.41 -26.76
CA PHE A 277 -6.39 10.57 -25.35
C PHE A 277 -6.34 9.21 -24.67
N PRO A 278 -5.63 9.14 -23.54
CA PRO A 278 -5.69 7.97 -22.69
C PRO A 278 -7.04 7.87 -21.97
N ARG A 279 -7.46 6.65 -21.64
CA ARG A 279 -8.78 6.50 -21.00
C ARG A 279 -8.74 5.39 -20.00
N LEU A 280 -9.44 5.53 -18.88
CA LEU A 280 -9.67 4.43 -17.93
C LEU A 280 -10.85 3.58 -18.33
N ALA A 281 -10.73 2.27 -18.12
CA ALA A 281 -11.80 1.35 -18.44
C ALA A 281 -12.96 1.58 -17.46
N ASP A 282 -14.21 1.54 -17.98
CA ASP A 282 -15.39 1.68 -17.12
C ASP A 282 -15.85 0.34 -16.57
N PRO A 283 -16.38 0.31 -15.35
CA PRO A 283 -17.10 -0.88 -14.87
C PRO A 283 -18.31 -1.14 -15.78
N LEU A 284 -18.39 -2.34 -16.34
CA LEU A 284 -19.52 -2.73 -17.21
C LEU A 284 -20.56 -3.53 -16.42
N GLY A 285 -20.14 -4.54 -15.69
CA GLY A 285 -21.10 -5.41 -14.98
C GLY A 285 -20.42 -6.66 -14.45
N TYR A 286 -21.26 -7.59 -13.99
CA TYR A 286 -20.84 -8.88 -13.44
C TYR A 286 -21.46 -10.05 -14.22
N VAL A 287 -20.70 -11.12 -14.39
CA VAL A 287 -21.30 -12.36 -14.94
C VAL A 287 -20.93 -13.54 -14.07
N PRO A 288 -21.81 -14.54 -13.98
CA PRO A 288 -21.45 -15.77 -13.29
C PRO A 288 -20.28 -16.45 -14.03
N LYS A 289 -19.48 -17.24 -13.31
CA LYS A 289 -18.20 -17.75 -13.88
C LYS A 289 -18.31 -18.54 -15.20
N GLU A 290 -19.39 -19.29 -15.39
CA GLU A 290 -19.56 -20.10 -16.61
C GLU A 290 -19.78 -19.26 -17.87
N ASP A 291 -20.17 -17.99 -17.66
CA ASP A 291 -20.54 -17.09 -18.75
C ASP A 291 -19.34 -16.35 -19.36
N ILE A 292 -18.19 -16.41 -18.70
CA ILE A 292 -17.15 -15.42 -18.96
C ILE A 292 -16.71 -15.41 -20.44
N LEU A 293 -16.46 -16.58 -21.03
CA LEU A 293 -15.96 -16.64 -22.42
C LEU A 293 -17.03 -16.16 -23.43
N TYR A 294 -18.29 -16.37 -23.07
CA TYR A 294 -19.40 -15.83 -23.84
C TYR A 294 -19.45 -14.32 -23.76
N ALA A 295 -19.29 -13.77 -22.57
CA ALA A 295 -19.30 -12.31 -22.42
C ALA A 295 -18.11 -11.65 -23.13
N ILE A 296 -16.96 -12.30 -23.06
CA ILE A 296 -15.75 -11.77 -23.64
C ILE A 296 -15.90 -11.71 -25.15
N LYS A 297 -16.33 -12.81 -25.76
CA LYS A 297 -16.59 -12.82 -27.19
C LYS A 297 -17.60 -11.74 -27.53
N ALA A 298 -18.67 -11.63 -26.74
CA ALA A 298 -19.69 -10.63 -27.06
C ALA A 298 -19.02 -9.26 -27.17
N ILE A 299 -18.10 -8.97 -26.27
CA ILE A 299 -17.42 -7.66 -26.25
C ILE A 299 -16.51 -7.52 -27.45
N VAL A 300 -15.73 -8.56 -27.73
CA VAL A 300 -14.79 -8.51 -28.87
C VAL A 300 -15.62 -8.34 -30.14
N VAL A 301 -16.81 -8.98 -30.23
CA VAL A 301 -17.57 -8.97 -31.49
C VAL A 301 -18.15 -7.57 -31.70
N THR A 302 -18.56 -6.94 -30.58
CA THR A 302 -19.05 -5.54 -30.62
C THR A 302 -18.02 -4.59 -31.19
N GLN A 303 -16.77 -4.76 -30.77
CA GLN A 303 -15.65 -4.02 -31.34
C GLN A 303 -15.39 -4.41 -32.77
N ARG A 304 -15.40 -5.71 -33.07
CA ARG A 304 -15.19 -6.19 -34.44
C ARG A 304 -16.16 -5.53 -35.39
N GLU A 305 -17.41 -5.44 -34.96
CA GLU A 305 -18.47 -4.97 -35.84
C GLU A 305 -18.61 -3.45 -35.94
N ASN A 306 -18.17 -2.74 -34.91
CA ASN A 306 -18.45 -1.29 -34.79
C ASN A 306 -17.21 -0.38 -34.70
N GLY A 307 -16.05 -0.93 -34.39
CA GLY A 307 -14.83 -0.10 -34.23
C GLY A 307 -14.47 0.49 -35.59
N ARG A 308 -14.02 1.74 -35.61
CA ARG A 308 -13.73 2.43 -36.88
C ARG A 308 -12.61 1.74 -37.60
N ARG A 309 -12.82 1.57 -38.91
CA ARG A 309 -11.80 1.03 -39.81
C ARG A 309 -11.33 2.03 -40.88
N ASP A 310 -11.81 3.27 -40.80
CA ASP A 310 -11.37 4.36 -41.70
C ASP A 310 -10.09 5.08 -41.26
N ASP A 311 -9.97 5.32 -39.97
CA ASP A 311 -8.84 6.07 -39.45
C ASP A 311 -8.36 5.34 -38.21
N ARG A 312 -7.15 4.80 -38.30
CA ARG A 312 -6.59 3.94 -37.27
C ARG A 312 -6.34 4.62 -35.93
N LYS A 313 -6.24 5.95 -35.90
CA LYS A 313 -6.11 6.69 -34.65
C LYS A 313 -7.35 6.58 -33.78
N TYR A 314 -8.49 6.26 -34.40
CA TYR A 314 -9.77 6.22 -33.67
C TYR A 314 -10.38 4.84 -33.68
N SER A 315 -9.56 3.82 -33.82
CA SER A 315 -10.08 2.49 -34.04
C SER A 315 -10.19 1.74 -32.73
N ARG A 316 -9.39 2.09 -31.72
CA ARG A 316 -9.52 1.37 -30.43
C ARG A 316 -10.94 1.41 -29.81
N MET A 317 -11.29 0.36 -29.08
CA MET A 317 -12.60 0.26 -28.44
C MET A 317 -12.90 1.43 -27.50
N LYS A 318 -11.88 1.99 -26.86
CA LYS A 318 -12.08 3.17 -26.00
C LYS A 318 -12.84 4.31 -26.68
N TYR A 319 -12.62 4.51 -27.99
CA TYR A 319 -13.35 5.55 -28.73
C TYR A 319 -14.82 5.26 -28.96
N MET A 320 -15.15 4.01 -29.28
CA MET A 320 -16.54 3.70 -29.45
C MET A 320 -17.30 3.82 -28.13
N ILE A 321 -16.63 3.50 -27.02
CA ILE A 321 -17.24 3.65 -25.71
C ILE A 321 -17.35 5.13 -25.33
N ASP A 322 -16.33 5.92 -25.64
CA ASP A 322 -16.40 7.37 -25.44
C ASP A 322 -17.58 8.01 -26.23
N ARG A 323 -17.74 7.59 -27.47
CA ARG A 323 -18.75 8.08 -28.41
C ARG A 323 -20.17 7.62 -27.95
N TRP A 324 -20.32 6.32 -27.71
CA TRP A 324 -21.62 5.73 -27.38
C TRP A 324 -22.08 5.95 -25.93
N GLY A 325 -21.13 5.94 -25.00
CA GLY A 325 -21.47 5.94 -23.59
C GLY A 325 -21.62 4.47 -23.21
N ILE A 326 -21.32 4.18 -21.96
CA ILE A 326 -21.23 2.82 -21.46
C ILE A 326 -22.57 2.08 -21.49
N ASP A 327 -23.67 2.79 -21.28
CA ASP A 327 -24.98 2.15 -21.23
C ASP A 327 -25.38 1.63 -22.63
N ARG A 328 -25.22 2.48 -23.65
CA ARG A 328 -25.46 2.06 -25.03
C ARG A 328 -24.48 0.94 -25.46
N PHE A 329 -23.22 1.08 -25.07
CA PHE A 329 -22.24 -0.01 -25.27
C PHE A 329 -22.72 -1.37 -24.64
N ARG A 330 -23.07 -1.32 -23.35
CA ARG A 330 -23.51 -2.52 -22.68
C ARG A 330 -24.68 -3.17 -23.45
N ALA A 331 -25.67 -2.36 -23.82
CA ALA A 331 -26.84 -2.87 -24.47
C ALA A 331 -26.46 -3.57 -25.77
N GLU A 332 -25.51 -3.00 -26.50
CA GLU A 332 -25.08 -3.62 -27.75
C GLU A 332 -24.39 -4.95 -27.45
N VAL A 333 -23.56 -4.98 -26.42
CA VAL A 333 -22.81 -6.21 -26.06
C VAL A 333 -23.79 -7.31 -25.65
N GLU A 334 -24.79 -6.96 -24.84
CA GLU A 334 -25.79 -7.94 -24.42
C GLU A 334 -26.56 -8.65 -25.55
N LYS A 335 -26.65 -8.00 -26.72
CA LYS A 335 -27.32 -8.60 -27.87
C LYS A 335 -26.49 -9.81 -28.33
N TYR A 336 -25.18 -9.70 -28.24
CA TYR A 336 -24.29 -10.83 -28.60
C TYR A 336 -24.05 -11.89 -27.46
N TYR A 337 -24.18 -11.44 -26.22
CA TYR A 337 -24.09 -12.32 -25.01
C TYR A 337 -25.41 -13.08 -24.81
N GLY A 338 -26.51 -12.48 -25.27
CA GLY A 338 -27.82 -13.13 -25.28
C GLY A 338 -28.48 -13.03 -23.93
N LYS A 339 -27.89 -12.20 -23.06
CA LYS A 339 -28.48 -11.95 -21.73
C LYS A 339 -27.90 -10.67 -21.13
N LYS A 340 -28.41 -10.26 -19.98
CA LYS A 340 -28.00 -8.97 -19.44
C LYS A 340 -26.90 -9.19 -18.41
N PHE A 341 -25.91 -8.29 -18.36
CA PHE A 341 -24.99 -8.23 -17.22
C PHE A 341 -25.75 -7.99 -15.91
N GLU A 342 -25.26 -8.57 -14.82
CA GLU A 342 -25.71 -8.16 -13.49
C GLU A 342 -24.97 -6.91 -13.13
N SER A 343 -25.38 -6.28 -12.03
CA SER A 343 -24.72 -5.07 -11.54
C SER A 343 -23.29 -5.39 -11.12
N PHE A 344 -22.34 -4.52 -11.51
CA PHE A 344 -20.94 -4.62 -11.08
C PHE A 344 -20.92 -4.75 -9.54
N ARG A 345 -20.22 -5.76 -9.01
CA ARG A 345 -20.16 -5.98 -7.56
C ARG A 345 -19.03 -5.17 -6.90
N PRO A 346 -19.33 -4.54 -5.76
CA PRO A 346 -18.27 -3.78 -5.10
C PRO A 346 -16.96 -4.55 -4.90
N LEU A 347 -15.84 -3.88 -5.13
CA LEU A 347 -14.51 -4.50 -4.98
C LEU A 347 -13.65 -3.77 -3.95
N PRO A 348 -12.65 -4.45 -3.35
CA PRO A 348 -11.77 -3.73 -2.43
C PRO A 348 -10.87 -2.75 -3.18
N GLU A 349 -10.08 -1.98 -2.42
CA GLU A 349 -9.16 -1.04 -3.01
C GLU A 349 -8.04 -1.80 -3.79
N TRP A 350 -7.54 -1.22 -4.88
CA TRP A 350 -6.49 -1.87 -5.66
C TRP A 350 -5.20 -1.67 -4.89
N GLN A 351 -4.28 -2.64 -5.03
CA GLN A 351 -2.92 -2.53 -4.48
C GLN A 351 -1.98 -2.94 -5.58
N PHE A 352 -0.87 -2.21 -5.78
CA PHE A 352 0.19 -2.65 -6.75
C PHE A 352 1.00 -3.71 -6.05
N ASN A 353 1.34 -4.79 -6.76
CA ASN A 353 2.21 -5.84 -6.24
C ASN A 353 3.33 -6.10 -7.22
N SER A 354 4.59 -5.97 -6.79
CA SER A 354 5.75 -6.18 -7.68
C SER A 354 6.06 -7.67 -7.73
N TYR A 355 5.58 -8.43 -6.73
CA TYR A 355 6.03 -9.83 -6.55
C TYR A 355 7.54 -10.02 -6.45
N LEU A 356 8.30 -9.02 -6.03
CA LEU A 356 9.73 -9.16 -6.01
C LEU A 356 10.19 -9.72 -4.66
N GLY A 357 11.40 -10.23 -4.62
CA GLY A 357 11.92 -10.95 -3.44
C GLY A 357 11.38 -12.35 -3.19
N TRP A 358 11.76 -12.90 -2.04
CA TRP A 358 11.56 -14.29 -1.68
C TRP A 358 10.18 -14.39 -1.11
N GLN A 359 9.35 -15.28 -1.66
CA GLN A 359 7.98 -15.44 -1.16
C GLN A 359 7.55 -16.90 -1.20
N GLU A 360 6.45 -17.24 -0.51
CA GLU A 360 5.91 -18.61 -0.51
C GLU A 360 4.82 -18.80 -1.55
N GLN A 361 4.87 -19.92 -2.27
CA GLN A 361 3.76 -20.28 -3.21
C GLN A 361 2.48 -20.75 -2.51
N GLY A 362 2.66 -21.37 -1.35
CA GLY A 362 1.58 -21.99 -0.61
C GLY A 362 1.57 -23.51 -0.72
N ASP A 363 2.53 -24.07 -1.45
CA ASP A 363 2.56 -25.53 -1.64
C ASP A 363 3.85 -26.11 -1.11
N GLY A 364 4.57 -25.33 -0.31
CA GLY A 364 5.86 -25.74 0.25
C GLY A 364 7.08 -25.17 -0.47
N LYS A 365 6.89 -24.74 -1.70
CA LYS A 365 8.00 -24.14 -2.46
C LYS A 365 7.97 -22.64 -2.39
N LEU A 366 9.11 -22.06 -2.72
CA LEU A 366 9.29 -20.60 -2.76
C LEU A 366 9.25 -20.07 -4.19
N PHE A 367 8.96 -18.78 -4.35
CA PHE A 367 9.31 -18.10 -5.58
C PHE A 367 10.17 -16.88 -5.27
N TYR A 368 10.96 -16.45 -6.24
CA TYR A 368 11.72 -15.25 -6.09
C TYR A 368 11.47 -14.31 -7.27
N GLY A 369 11.02 -13.08 -7.02
CA GLY A 369 10.88 -12.05 -8.08
C GLY A 369 12.18 -11.32 -8.25
N VAL A 370 12.72 -11.41 -9.47
CA VAL A 370 14.01 -10.79 -9.88
C VAL A 370 13.74 -9.36 -10.42
N HIS A 371 14.21 -8.33 -9.74
CA HIS A 371 14.09 -6.97 -10.28
C HIS A 371 15.00 -6.85 -11.49
N VAL A 372 14.45 -6.42 -12.63
CA VAL A 372 15.24 -6.18 -13.85
C VAL A 372 14.90 -4.78 -14.37
N ASP A 373 15.85 -3.84 -14.38
CA ASP A 373 15.59 -2.49 -14.88
C ASP A 373 15.18 -2.57 -16.36
N ASN A 374 13.98 -2.09 -16.68
CA ASN A 374 13.51 -2.05 -18.06
C ASN A 374 13.32 -3.41 -18.73
N GLY A 375 13.28 -4.48 -17.96
CA GLY A 375 13.16 -5.77 -18.61
C GLY A 375 14.34 -6.20 -19.45
N ARG A 376 15.45 -5.47 -19.43
CA ARG A 376 16.54 -5.84 -20.36
C ARG A 376 17.45 -6.86 -19.71
N VAL A 377 17.50 -8.04 -20.31
CA VAL A 377 18.25 -9.16 -19.77
C VAL A 377 19.42 -9.38 -20.71
N GLY A 378 20.62 -9.14 -20.21
CA GLY A 378 21.78 -9.27 -21.06
C GLY A 378 23.02 -9.45 -20.21
N GLY A 379 24.17 -9.60 -20.86
CA GLY A 379 25.46 -9.69 -20.14
C GLY A 379 25.52 -10.83 -19.13
N GLN A 380 26.31 -10.67 -18.10
CA GLN A 380 26.36 -11.62 -17.00
C GLN A 380 25.03 -11.94 -16.36
N ALA A 381 24.16 -10.94 -16.18
CA ALA A 381 22.86 -11.23 -15.60
C ALA A 381 22.10 -12.28 -16.40
N LYS A 382 22.14 -12.16 -17.72
CA LYS A 382 21.45 -13.12 -18.63
C LYS A 382 22.08 -14.51 -18.45
N LYS A 383 23.40 -14.55 -18.45
CA LYS A 383 24.11 -15.81 -18.28
C LYS A 383 23.80 -16.45 -16.94
N THR A 384 23.89 -15.66 -15.87
CA THR A 384 23.50 -16.19 -14.56
C THR A 384 22.05 -16.65 -14.46
N LEU A 385 21.12 -15.90 -15.02
CA LEU A 385 19.74 -16.38 -14.94
C LEU A 385 19.58 -17.69 -15.68
N ARG A 386 20.23 -17.84 -16.83
CA ARG A 386 20.07 -19.08 -17.54
C ARG A 386 20.68 -20.24 -16.78
N GLU A 387 21.83 -20.02 -16.12
CA GLU A 387 22.46 -21.12 -15.36
C GLU A 387 21.53 -21.57 -14.24
N ILE A 388 20.93 -20.62 -13.55
CA ILE A 388 20.04 -20.95 -12.44
C ILE A 388 18.81 -21.72 -12.94
N ILE A 389 18.15 -21.15 -13.93
CA ILE A 389 16.95 -21.72 -14.54
C ILE A 389 17.21 -23.11 -15.12
N GLU A 390 18.36 -23.30 -15.78
CA GLU A 390 18.70 -24.63 -16.27
C GLU A 390 19.06 -25.62 -15.16
N LYS A 391 19.96 -25.21 -14.26
CA LYS A 391 20.42 -26.10 -13.18
C LYS A 391 19.25 -26.66 -12.38
N TYR A 392 18.30 -25.78 -12.03
CA TYR A 392 17.17 -26.18 -11.19
C TYR A 392 15.93 -26.55 -11.92
N ASN A 393 16.01 -26.63 -13.26
CA ASN A 393 14.85 -26.86 -14.10
C ASN A 393 13.67 -25.98 -13.68
N LEU A 394 13.89 -24.68 -13.55
CA LEU A 394 12.78 -23.79 -13.16
C LEU A 394 11.83 -23.43 -14.32
N ASP A 395 10.52 -23.43 -14.07
CA ASP A 395 9.61 -22.62 -14.86
C ASP A 395 9.68 -21.20 -14.31
N VAL A 396 9.35 -20.20 -15.16
CA VAL A 396 9.47 -18.80 -14.80
C VAL A 396 8.20 -18.07 -15.20
N SER A 397 8.05 -16.83 -14.73
CA SER A 397 6.90 -16.03 -15.05
C SER A 397 7.34 -14.59 -15.26
N ILE A 398 6.83 -13.95 -16.29
CA ILE A 398 7.19 -12.55 -16.57
C ILE A 398 6.10 -11.64 -15.99
N THR A 399 6.52 -10.58 -15.30
CA THR A 399 5.54 -9.66 -14.66
C THR A 399 5.26 -8.47 -15.55
N PRO A 400 4.10 -7.79 -15.35
CA PRO A 400 3.75 -6.63 -16.16
C PRO A 400 4.61 -5.42 -15.87
N ASN A 401 5.53 -5.53 -14.88
CA ASN A 401 6.57 -4.49 -14.69
C ASN A 401 7.92 -4.91 -15.23
N GLN A 402 7.93 -5.84 -16.19
CA GLN A 402 9.16 -6.19 -16.89
C GLN A 402 10.15 -6.88 -15.97
N ASN A 403 9.63 -7.60 -14.96
CA ASN A 403 10.44 -8.38 -14.07
C ASN A 403 10.28 -9.90 -14.33
N LEU A 404 11.13 -10.72 -13.69
CA LEU A 404 11.09 -12.16 -13.91
C LEU A 404 10.93 -12.87 -12.56
N ILE A 405 9.96 -13.76 -12.48
CA ILE A 405 9.82 -14.58 -11.31
C ILE A 405 10.38 -15.98 -11.53
N LEU A 406 11.28 -16.38 -10.64
CA LEU A 406 11.74 -17.78 -10.57
C LEU A 406 10.78 -18.60 -9.70
N CYS A 407 10.11 -19.59 -10.31
CA CYS A 407 9.02 -20.30 -9.66
C CYS A 407 9.48 -21.65 -9.16
N GLY A 408 8.76 -22.23 -8.19
CA GLY A 408 9.00 -23.61 -7.77
C GLY A 408 10.30 -23.97 -7.09
N ILE A 409 10.78 -23.10 -6.20
CA ILE A 409 12.12 -23.21 -5.62
C ILE A 409 12.06 -23.94 -4.26
N ASP A 410 12.87 -25.00 -4.10
CA ASP A 410 12.96 -25.74 -2.83
C ASP A 410 13.61 -24.78 -1.85
N GLN A 411 13.23 -24.87 -0.58
CA GLN A 411 13.85 -24.09 0.48
C GLN A 411 15.38 -24.22 0.47
N ALA A 412 15.87 -25.43 0.22
CA ALA A 412 17.31 -25.66 0.31
C ALA A 412 18.08 -24.99 -0.81
N TRP A 413 17.37 -24.56 -1.86
CA TRP A 413 18.01 -23.87 -2.98
C TRP A 413 18.04 -22.35 -2.78
N ARG A 414 17.37 -21.86 -1.74
CA ARG A 414 17.32 -20.42 -1.55
C ARG A 414 18.74 -19.79 -1.47
N GLU A 415 19.59 -20.30 -0.60
CA GLU A 415 20.91 -19.71 -0.42
C GLU A 415 21.76 -19.73 -1.70
N PRO A 416 21.90 -20.89 -2.34
CA PRO A 416 22.68 -21.00 -3.57
C PRO A 416 22.12 -20.08 -4.67
N ILE A 417 20.81 -19.98 -4.81
CA ILE A 417 20.28 -19.05 -5.81
C ILE A 417 20.56 -17.57 -5.48
N THR A 418 20.33 -17.20 -4.24
CA THR A 418 20.55 -15.84 -3.79
C THR A 418 22.02 -15.45 -4.08
N THR A 419 22.94 -16.38 -3.79
CA THR A 419 24.36 -16.17 -3.99
C THR A 419 24.71 -15.97 -5.44
N ALA A 420 24.27 -16.90 -6.28
CA ALA A 420 24.48 -16.76 -7.72
C ALA A 420 23.88 -15.46 -8.29
N LEU A 421 22.67 -15.09 -7.90
CA LEU A 421 22.10 -13.84 -8.39
C LEU A 421 22.92 -12.65 -7.92
N ALA A 422 23.35 -12.64 -6.65
CA ALA A 422 24.17 -11.52 -6.19
C ALA A 422 25.50 -11.40 -6.94
N GLN A 423 26.11 -12.53 -7.31
CA GLN A 423 27.40 -12.45 -8.02
C GLN A 423 27.26 -11.75 -9.38
N ALA A 424 26.05 -11.81 -9.95
CA ALA A 424 25.75 -11.21 -11.24
C ALA A 424 25.23 -9.79 -11.10
N GLY A 425 25.13 -9.31 -9.88
CA GLY A 425 24.57 -7.98 -9.64
C GLY A 425 23.07 -7.88 -9.73
N LEU A 426 22.38 -8.99 -9.59
CA LEU A 426 20.92 -8.99 -9.53
C LEU A 426 20.45 -8.97 -8.05
N LEU A 427 20.12 -7.76 -7.58
CA LEU A 427 19.93 -7.49 -6.18
C LEU A 427 18.49 -7.72 -5.71
N GLU A 428 18.36 -7.96 -4.39
CA GLU A 428 17.07 -8.11 -3.72
C GLU A 428 16.48 -6.73 -3.55
N PRO A 429 15.16 -6.63 -3.50
CA PRO A 429 14.58 -5.28 -3.43
C PRO A 429 15.11 -4.34 -2.33
N LYS A 430 15.46 -4.87 -1.17
CA LYS A 430 15.99 -4.01 -0.12
C LYS A 430 17.25 -3.29 -0.56
N ASP A 431 17.97 -3.86 -1.52
CA ASP A 431 19.21 -3.26 -1.97
C ASP A 431 19.06 -2.46 -3.28
N VAL A 432 17.82 -2.17 -3.69
CA VAL A 432 17.57 -1.38 -4.90
C VAL A 432 16.86 -0.10 -4.48
N ASP A 433 17.18 1.01 -5.15
CA ASP A 433 16.51 2.28 -4.87
C ASP A 433 15.01 2.02 -5.17
N PRO A 434 14.10 2.43 -4.27
CA PRO A 434 12.69 2.21 -4.52
C PRO A 434 12.21 2.84 -5.79
N LEU A 435 12.88 3.90 -6.24
CA LEU A 435 12.48 4.48 -7.53
C LEU A 435 12.67 3.48 -8.68
N ASN A 436 13.78 2.76 -8.71
CA ASN A 436 13.95 1.71 -9.71
C ASN A 436 12.87 0.62 -9.63
N LEU A 437 12.48 0.19 -8.41
CA LEU A 437 11.58 -0.95 -8.26
C LEU A 437 10.29 -0.73 -9.01
N THR A 438 9.84 0.52 -9.02
CA THR A 438 8.53 0.79 -9.66
C THR A 438 8.66 1.54 -10.98
N ALA A 439 9.88 1.78 -11.47
CA ALA A 439 10.08 2.48 -12.75
C ALA A 439 9.97 1.54 -13.95
N MET A 440 9.44 2.07 -15.04
CA MET A 440 9.45 1.41 -16.33
C MET A 440 9.78 2.36 -17.46
N ALA A 441 10.41 1.82 -18.51
CA ALA A 441 10.56 2.57 -19.74
C ALA A 441 10.42 1.60 -20.87
N CYS A 442 9.94 2.13 -22.00
CA CYS A 442 9.77 1.35 -23.21
C CYS A 442 11.13 1.33 -23.89
N PRO A 443 11.29 0.47 -24.93
CA PRO A 443 12.60 0.42 -25.57
C PRO A 443 12.96 1.69 -26.29
N ALA A 444 12.03 2.26 -27.04
CA ALA A 444 12.27 3.51 -27.79
C ALA A 444 13.46 3.32 -28.75
N LEU A 445 14.40 4.27 -28.75
CA LEU A 445 15.58 4.16 -29.62
C LEU A 445 16.50 3.08 -29.06
N PRO A 446 17.23 2.37 -29.94
CA PRO A 446 17.38 2.66 -31.38
C PRO A 446 16.47 1.90 -32.37
N LEU A 447 15.75 0.87 -31.93
CA LEU A 447 14.98 0.02 -32.88
C LEU A 447 13.50 0.38 -33.05
N CYS A 448 12.95 1.15 -32.12
CA CYS A 448 11.55 1.62 -32.37
C CYS A 448 11.47 2.69 -33.46
N PRO A 449 10.63 2.45 -34.52
CA PRO A 449 10.49 3.37 -35.66
C PRO A 449 9.67 4.62 -35.27
N LEU A 450 8.96 4.53 -34.14
CA LEU A 450 8.05 5.60 -33.69
C LEU A 450 8.66 6.51 -32.65
N ALA A 451 9.76 6.09 -32.02
CA ALA A 451 10.40 6.92 -30.97
C ALA A 451 10.76 8.35 -31.42
N GLN A 452 10.51 9.32 -30.52
CA GLN A 452 10.96 10.70 -30.69
C GLN A 452 12.18 10.98 -29.83
N THR A 453 12.33 10.21 -28.75
CA THR A 453 13.45 10.38 -27.88
C THR A 453 13.78 9.06 -27.18
N GLU A 454 14.80 9.07 -26.32
CA GLU A 454 15.21 7.87 -25.57
C GLU A 454 14.18 7.58 -24.46
N ALA A 455 14.15 6.33 -23.99
CA ALA A 455 13.36 6.00 -22.81
C ALA A 455 14.19 5.00 -22.01
N GLU A 456 14.23 3.73 -22.43
CA GLU A 456 15.05 2.72 -21.77
C GLU A 456 16.51 3.19 -21.63
N ARG A 457 17.06 3.78 -22.68
CA ARG A 457 18.46 4.19 -22.65
C ARG A 457 18.75 5.49 -21.87
N GLY A 458 17.71 6.20 -21.43
CA GLY A 458 17.93 7.36 -20.58
C GLY A 458 17.32 7.35 -19.19
N ILE A 459 16.51 6.35 -18.88
CA ILE A 459 15.75 6.40 -17.64
C ILE A 459 16.65 6.30 -16.41
N LEU A 460 17.71 5.52 -16.46
CA LEU A 460 18.44 5.25 -15.24
C LEU A 460 19.26 6.46 -14.73
N PRO A 461 19.93 7.19 -15.64
CA PRO A 461 20.44 8.53 -15.20
C PRO A 461 19.33 9.49 -14.72
N ILE A 462 18.11 9.41 -15.28
CA ILE A 462 16.98 10.25 -14.78
C ILE A 462 16.59 9.84 -13.37
N LEU A 463 16.48 8.55 -13.11
CA LEU A 463 16.19 8.09 -11.73
C LEU A 463 17.24 8.61 -10.73
N LYS A 464 18.51 8.51 -11.08
CA LYS A 464 19.55 9.03 -10.21
C LYS A 464 19.37 10.52 -10.01
N ARG A 465 18.98 11.24 -11.06
CA ARG A 465 18.72 12.67 -10.91
C ARG A 465 17.54 12.98 -9.98
N ILE A 466 16.49 12.16 -10.06
CA ILE A 466 15.32 12.32 -9.17
C ILE A 466 15.73 12.03 -7.72
N ARG A 467 16.46 10.93 -7.47
CA ARG A 467 16.95 10.69 -6.11
C ARG A 467 17.82 11.89 -5.61
N ALA A 468 18.58 12.50 -6.50
CA ALA A 468 19.45 13.63 -6.08
C ALA A 468 18.58 14.82 -5.66
N VAL A 469 17.48 15.05 -6.39
CA VAL A 469 16.50 16.08 -6.00
C VAL A 469 15.87 15.78 -4.65
N PHE A 470 15.51 14.52 -4.43
CA PHE A 470 14.96 14.09 -3.13
C PHE A 470 15.93 14.42 -2.01
N ASN A 471 17.18 14.03 -2.20
CA ASN A 471 18.22 14.31 -1.17
C ASN A 471 18.38 15.80 -0.90
N LYS A 472 18.41 16.59 -1.98
CA LYS A 472 18.56 18.04 -1.86
C LYS A 472 17.37 18.65 -1.10
N VAL A 473 16.18 18.19 -1.43
CA VAL A 473 14.98 18.65 -0.71
C VAL A 473 14.90 18.13 0.74
N GLY A 474 15.58 17.03 1.05
CA GLY A 474 15.49 16.44 2.40
C GLY A 474 14.47 15.32 2.49
N ILE A 475 14.06 14.81 1.34
CA ILE A 475 13.22 13.62 1.31
C ILE A 475 14.02 12.35 1.56
N LYS A 476 13.51 11.51 2.45
CA LYS A 476 14.20 10.29 2.95
C LYS A 476 14.43 9.33 1.79
N ASP A 477 15.45 8.50 1.89
CA ASP A 477 15.76 7.65 0.75
C ASP A 477 14.89 6.39 0.60
N SER A 478 14.03 6.10 1.57
CA SER A 478 13.06 5.03 1.45
C SER A 478 11.81 5.51 0.71
N GLU A 479 11.65 6.84 0.57
CA GLU A 479 10.51 7.42 -0.17
C GLU A 479 10.68 7.35 -1.70
N SER A 480 9.55 7.29 -2.41
CA SER A 480 9.59 7.02 -3.84
C SER A 480 8.34 7.57 -4.54
N VAL A 481 8.38 7.64 -5.87
CA VAL A 481 7.22 7.87 -6.71
C VAL A 481 7.38 6.95 -7.90
N VAL A 482 6.27 6.57 -8.51
CA VAL A 482 6.27 5.77 -9.72
C VAL A 482 6.65 6.67 -10.90
N VAL A 483 7.76 6.32 -11.53
CA VAL A 483 8.24 7.04 -12.69
C VAL A 483 8.15 6.13 -13.90
N ARG A 484 7.47 6.60 -14.93
CA ARG A 484 7.42 5.86 -16.17
C ARG A 484 7.75 6.76 -17.34
N ILE A 485 8.58 6.23 -18.25
CA ILE A 485 9.08 6.99 -19.37
C ILE A 485 8.81 6.30 -20.72
N THR A 486 8.28 7.05 -21.67
CA THR A 486 8.20 6.59 -23.06
C THR A 486 8.90 7.53 -24.03
N GLY A 487 9.22 7.03 -25.23
CA GLY A 487 9.96 7.84 -26.17
C GLY A 487 9.01 8.57 -27.10
N CYS A 488 7.71 8.32 -26.93
CA CYS A 488 6.65 8.91 -27.78
C CYS A 488 5.30 8.69 -27.05
N PRO A 489 4.23 9.32 -27.54
CA PRO A 489 3.01 9.31 -26.74
C PRO A 489 2.10 8.06 -26.84
N ASN A 490 2.59 7.02 -27.51
CA ASN A 490 1.82 5.77 -27.64
C ASN A 490 1.61 5.07 -26.31
N GLY A 491 2.55 5.24 -25.36
CA GLY A 491 2.25 4.92 -24.00
C GLY A 491 2.59 3.51 -23.54
N CYS A 492 3.58 2.89 -24.17
CA CYS A 492 3.89 1.45 -24.02
C CYS A 492 4.34 1.04 -22.60
N ALA A 493 4.93 1.98 -21.86
CA ALA A 493 5.24 1.80 -20.45
C ALA A 493 4.13 2.39 -19.58
N ARG A 494 2.93 2.56 -20.15
CA ARG A 494 1.78 3.10 -19.42
C ARG A 494 2.13 4.36 -18.61
N PRO A 495 2.80 5.36 -19.24
CA PRO A 495 3.21 6.55 -18.45
C PRO A 495 2.02 7.43 -17.97
N TYR A 496 0.83 7.26 -18.55
CA TYR A 496 -0.32 8.07 -18.19
C TYR A 496 -0.96 7.57 -16.89
N MET A 497 -0.43 6.47 -16.33
CA MET A 497 -0.81 6.01 -15.00
C MET A 497 0.21 6.35 -13.94
N ALA A 498 1.27 7.06 -14.32
CA ALA A 498 2.41 7.22 -13.42
C ALA A 498 2.12 8.36 -12.48
N GLU A 499 2.71 8.31 -11.28
CA GLU A 499 2.80 9.51 -10.42
C GLU A 499 3.64 10.62 -11.08
N LEU A 500 4.69 10.20 -11.79
CA LEU A 500 5.55 11.12 -12.60
C LEU A 500 5.82 10.51 -13.98
N GLY A 501 5.05 10.88 -14.99
CA GLY A 501 5.36 10.34 -16.34
C GLY A 501 6.16 11.28 -17.20
N PHE A 502 7.15 10.75 -17.95
CA PHE A 502 7.82 11.51 -18.99
C PHE A 502 7.50 10.88 -20.33
N VAL A 503 6.93 11.68 -21.24
CA VAL A 503 6.50 11.19 -22.54
C VAL A 503 7.27 11.98 -23.63
N GLY A 504 8.12 11.29 -24.41
CA GLY A 504 8.94 11.95 -25.43
C GLY A 504 8.13 12.89 -26.29
N ASP A 505 8.61 14.13 -26.47
CA ASP A 505 7.85 15.03 -27.33
C ASP A 505 8.72 15.92 -28.22
N GLY A 506 10.02 15.64 -28.19
CA GLY A 506 11.02 16.27 -29.05
C GLY A 506 12.37 15.57 -28.89
N PRO A 507 13.36 15.94 -29.73
CA PRO A 507 14.61 15.15 -29.69
C PRO A 507 15.21 14.93 -28.28
N LYS A 508 15.21 15.91 -27.40
CA LYS A 508 15.59 15.63 -25.99
C LYS A 508 14.63 16.39 -25.05
N SER A 509 13.33 16.19 -25.25
CA SER A 509 12.38 16.84 -24.38
C SER A 509 11.26 15.90 -24.12
N TYR A 510 10.63 16.10 -22.96
CA TYR A 510 9.52 15.28 -22.52
C TYR A 510 8.35 16.15 -22.10
N GLN A 511 7.18 15.62 -22.35
CA GLN A 511 5.96 16.08 -21.76
C GLN A 511 5.87 15.41 -20.34
N ILE A 512 5.70 16.20 -19.28
CA ILE A 512 5.49 15.65 -17.92
C ILE A 512 4.02 15.50 -17.55
N TRP A 513 3.66 14.28 -17.11
CA TRP A 513 2.33 13.95 -16.66
C TRP A 513 2.39 13.70 -15.15
N LEU A 514 1.35 14.15 -14.44
CA LEU A 514 1.19 13.93 -12.99
C LEU A 514 -0.22 13.44 -12.69
N GLY A 515 -0.41 12.82 -11.52
CA GLY A 515 -1.76 12.46 -11.03
C GLY A 515 -2.06 10.97 -10.99
N GLY A 516 -1.14 10.15 -11.47
CA GLY A 516 -1.30 8.71 -11.33
C GLY A 516 -1.03 8.46 -9.85
N THR A 517 -1.34 7.26 -9.36
CA THR A 517 -1.23 6.95 -7.94
C THR A 517 -0.46 5.62 -7.82
N PRO A 518 0.09 5.34 -6.63
CA PRO A 518 0.88 4.10 -6.40
C PRO A 518 0.17 2.80 -6.76
N ASN A 519 -1.15 2.76 -6.72
CA ASN A 519 -1.87 1.53 -7.05
C ASN A 519 -2.46 1.53 -8.43
N GLN A 520 -2.00 2.47 -9.25
CA GLN A 520 -2.55 2.73 -10.61
C GLN A 520 -4.11 2.77 -10.68
N SER A 521 -4.70 3.51 -9.74
CA SER A 521 -6.15 3.65 -9.75
C SER A 521 -6.61 4.94 -10.42
N THR A 522 -5.69 5.81 -10.86
CA THR A 522 -6.11 7.11 -11.36
C THR A 522 -5.31 7.48 -12.61
N LEU A 523 -5.91 8.34 -13.45
CA LEU A 523 -5.32 8.69 -14.73
C LEU A 523 -4.58 10.02 -14.54
N ALA A 524 -3.31 10.05 -14.95
CA ALA A 524 -2.51 11.28 -14.91
C ALA A 524 -3.02 12.32 -15.95
N GLU A 525 -2.62 13.58 -15.79
CA GLU A 525 -2.97 14.63 -16.76
C GLU A 525 -1.67 15.32 -17.20
N SER A 526 -1.66 15.82 -18.43
CA SER A 526 -0.53 16.54 -18.99
C SER A 526 -0.28 17.76 -18.14
N PHE A 527 0.92 17.90 -17.62
CA PHE A 527 1.26 19.02 -16.73
C PHE A 527 2.07 20.11 -17.42
N MET A 528 3.16 19.72 -18.08
CA MET A 528 3.94 20.67 -18.88
C MET A 528 4.46 19.97 -20.11
N ASP A 529 4.61 20.74 -21.19
CA ASP A 529 5.05 20.25 -22.51
C ASP A 529 6.49 20.67 -22.77
N LYS A 530 7.21 19.84 -23.51
CA LYS A 530 8.54 20.18 -24.00
C LYS A 530 9.51 20.60 -22.91
N VAL A 531 9.53 19.83 -21.83
CA VAL A 531 10.56 20.07 -20.82
C VAL A 531 11.88 19.48 -21.31
N LYS A 532 12.91 20.31 -21.47
CA LYS A 532 14.16 19.80 -22.03
C LYS A 532 14.79 18.90 -20.98
N LEU A 533 15.50 17.85 -21.43
CA LEU A 533 16.15 16.90 -20.53
C LEU A 533 17.03 17.60 -19.49
N ASP A 534 17.78 18.59 -19.95
CA ASP A 534 18.67 19.41 -19.13
C ASP A 534 17.90 20.16 -18.02
N ASP A 535 16.64 20.49 -18.30
CA ASP A 535 15.84 21.33 -17.41
C ASP A 535 14.97 20.60 -16.38
N ILE A 536 15.02 19.27 -16.32
CA ILE A 536 14.00 18.53 -15.54
C ILE A 536 14.02 18.91 -14.06
N GLU A 537 15.18 19.26 -13.50
CA GLU A 537 15.24 19.64 -12.09
C GLU A 537 14.50 20.95 -11.79
N LYS A 538 14.42 21.86 -12.77
CA LYS A 538 13.70 23.15 -12.57
C LYS A 538 12.23 22.94 -12.32
N VAL A 539 11.69 21.86 -12.88
CA VAL A 539 10.33 21.44 -12.60
C VAL A 539 10.25 20.60 -11.32
N LEU A 540 11.07 19.57 -11.23
CA LEU A 540 11.00 18.63 -10.14
C LEU A 540 11.31 19.22 -8.76
N GLU A 541 12.39 19.98 -8.65
CA GLU A 541 12.77 20.46 -7.33
C GLU A 541 11.64 21.25 -6.64
N PRO A 542 11.05 22.24 -7.35
CA PRO A 542 9.93 22.87 -6.68
C PRO A 542 8.71 21.94 -6.38
N LEU A 543 8.42 20.96 -7.24
CA LEU A 543 7.26 20.12 -6.98
C LEU A 543 7.47 19.30 -5.73
N PHE A 544 8.68 18.76 -5.62
CA PHE A 544 9.01 17.85 -4.51
C PHE A 544 9.26 18.64 -3.27
N THR A 545 9.76 19.88 -3.39
CA THR A 545 9.79 20.77 -2.21
C THR A 545 8.38 21.01 -1.61
N TYR A 546 7.41 21.27 -2.47
CA TYR A 546 6.04 21.56 -2.07
C TYR A 546 5.37 20.30 -1.49
N TRP A 547 5.64 19.15 -2.11
CA TRP A 547 5.18 17.86 -1.60
C TRP A 547 5.76 17.60 -0.21
N ASN A 548 7.08 17.66 -0.08
CA ASN A 548 7.72 17.42 1.23
C ASN A 548 7.20 18.39 2.29
N GLY A 549 7.11 19.67 1.93
CA GLY A 549 6.67 20.71 2.88
C GLY A 549 5.20 20.64 3.31
N THR A 550 4.30 20.16 2.43
CA THR A 550 2.87 20.19 2.73
C THR A 550 2.08 18.90 2.67
N ARG A 551 2.71 17.79 2.29
CA ARG A 551 1.92 16.57 2.15
C ARG A 551 1.34 16.23 3.53
N GLN A 552 0.24 15.50 3.53
CA GLN A 552 -0.23 14.92 4.80
C GLN A 552 0.62 13.69 5.12
N GLU A 553 0.55 13.24 6.38
CA GLU A 553 1.43 12.15 6.84
C GLU A 553 1.31 10.90 5.95
N GLY A 554 2.41 10.54 5.29
CA GLY A 554 2.44 9.40 4.37
C GLY A 554 1.67 9.54 3.07
N GLU A 555 1.25 10.75 2.75
CA GLU A 555 0.53 10.98 1.48
C GLU A 555 1.47 10.79 0.26
N SER A 556 1.12 9.90 -0.67
CA SER A 556 1.92 9.69 -1.86
C SER A 556 1.92 10.96 -2.73
N PHE A 557 2.95 11.08 -3.57
CA PHE A 557 3.04 12.22 -4.47
C PHE A 557 1.86 12.29 -5.39
N GLY A 558 1.44 11.16 -5.94
CA GLY A 558 0.24 11.19 -6.78
C GLY A 558 -1.04 11.65 -6.04
N SER A 559 -1.27 11.14 -4.83
CA SER A 559 -2.48 11.58 -4.06
C SER A 559 -2.40 13.08 -3.78
N PHE A 560 -1.22 13.49 -3.33
CA PHE A 560 -0.93 14.89 -3.09
C PHE A 560 -1.21 15.77 -4.31
N THR A 561 -0.74 15.32 -5.48
CA THR A 561 -1.00 15.97 -6.74
C THR A 561 -2.48 16.19 -7.01
N ASN A 562 -3.26 15.13 -6.87
CA ASN A 562 -4.65 15.19 -7.21
C ASN A 562 -5.42 16.05 -6.18
N ARG A 563 -4.98 16.01 -4.94
CA ARG A 563 -5.61 16.80 -3.91
C ARG A 563 -5.30 18.28 -4.09
N THR A 564 -4.05 18.64 -4.34
CA THR A 564 -3.69 20.06 -4.41
C THR A 564 -4.09 20.69 -5.77
N GLY A 565 -3.96 19.92 -6.85
CA GLY A 565 -4.44 20.37 -8.18
C GLY A 565 -3.38 21.13 -8.96
N PHE A 566 -3.56 21.18 -10.27
CA PHE A 566 -2.56 21.75 -11.21
C PHE A 566 -2.33 23.26 -11.06
N ASP A 567 -3.40 24.01 -10.81
CA ASP A 567 -3.25 25.45 -10.60
C ASP A 567 -2.14 25.72 -9.60
N LYS A 568 -2.21 25.13 -8.39
CA LYS A 568 -1.19 25.41 -7.36
C LYS A 568 0.18 24.86 -7.75
N LEU A 569 0.16 23.72 -8.41
CA LEU A 569 1.41 23.09 -8.78
C LEU A 569 2.22 23.94 -9.77
N LYS A 570 1.55 24.46 -10.81
CA LYS A 570 2.16 25.33 -11.85
C LYS A 570 2.60 26.63 -11.24
N GLU A 571 1.84 27.12 -10.28
CA GLU A 571 2.22 28.32 -9.56
C GLU A 571 3.51 28.10 -8.76
N VAL A 572 3.62 26.98 -8.04
CA VAL A 572 4.88 26.64 -7.33
C VAL A 572 6.07 26.51 -8.34
N VAL A 573 5.82 25.88 -9.48
CA VAL A 573 6.88 25.74 -10.45
C VAL A 573 7.21 27.11 -11.02
N ASN A 574 6.18 27.85 -11.45
CA ASN A 574 6.39 29.17 -12.05
C ASN A 574 7.30 30.04 -11.19
N LYS A 575 7.30 29.86 -9.88
CA LYS A 575 7.42 30.94 -8.93
C LYS A 575 8.88 30.64 -8.55
N TRP A 576 9.28 29.37 -8.73
CA TRP A 576 10.69 28.91 -8.57
C TRP A 576 11.60 29.57 -9.60
N ALA A 577 11.07 29.79 -10.81
CA ALA A 577 11.82 30.34 -11.97
C ALA A 577 11.67 31.86 -12.17
N LYS B 11 -11.04 -16.52 53.85
CA LYS B 11 -11.16 -16.56 52.35
C LYS B 11 -11.46 -15.21 51.60
N ARG B 12 -11.18 -14.05 52.23
CA ARG B 12 -11.36 -12.74 51.53
C ARG B 12 -10.12 -11.86 51.63
N SER B 13 -9.75 -11.18 50.53
CA SER B 13 -8.56 -10.28 50.54
C SER B 13 -8.64 -9.17 51.59
N LYS B 14 -7.49 -8.61 51.98
CA LYS B 14 -7.49 -7.52 52.97
C LYS B 14 -8.13 -6.28 52.32
N VAL B 15 -8.11 -6.22 51.00
CA VAL B 15 -8.76 -5.13 50.28
C VAL B 15 -10.29 -5.26 50.35
N GLU B 16 -10.82 -6.48 50.27
CA GLU B 16 -12.27 -6.70 50.41
C GLU B 16 -12.81 -6.13 51.73
N ILE B 17 -12.05 -6.37 52.81
CA ILE B 17 -12.42 -5.94 54.15
C ILE B 17 -12.35 -4.41 54.25
N ILE B 18 -11.30 -3.84 53.65
CA ILE B 18 -11.11 -2.39 53.62
C ILE B 18 -12.26 -1.72 52.85
N LYS B 19 -12.65 -2.31 51.72
CA LYS B 19 -13.85 -1.88 50.99
C LYS B 19 -15.15 -1.96 51.78
N GLU B 20 -15.42 -3.12 52.39
CA GLU B 20 -16.63 -3.30 53.20
C GLU B 20 -16.72 -2.25 54.29
N LYS B 21 -15.60 -2.00 54.93
CA LYS B 21 -15.56 -1.06 56.05
C LYS B 21 -15.50 0.43 55.74
N SER B 22 -15.62 0.82 54.47
CA SER B 22 -15.23 2.17 54.06
C SER B 22 -16.40 3.15 53.82
N ASN B 23 -17.65 2.69 53.99
CA ASN B 23 -18.80 3.53 53.65
C ASN B 23 -18.69 4.02 52.22
N PHE B 24 -18.65 3.06 51.30
CA PHE B 24 -18.41 3.38 49.90
C PHE B 24 -17.20 4.30 49.69
N LEU B 25 -16.05 3.89 50.23
CA LEU B 25 -14.74 4.47 49.84
C LEU B 25 -14.47 5.81 50.49
N ARG B 26 -15.13 6.06 51.63
CA ARG B 26 -14.94 7.28 52.40
C ARG B 26 -14.01 7.13 53.63
N TYR B 27 -14.13 6.01 54.33
CA TYR B 27 -13.58 5.87 55.67
C TYR B 27 -12.55 4.73 55.74
N PRO B 28 -11.39 4.97 56.40
CA PRO B 28 -10.91 6.16 57.15
C PRO B 28 -10.09 7.18 56.30
N LEU B 29 -10.17 7.05 54.97
CA LEU B 29 -9.46 7.95 54.08
C LEU B 29 -9.75 9.42 54.42
N ASN B 30 -11.02 9.72 54.67
CA ASN B 30 -11.49 11.05 55.03
C ASN B 30 -10.69 11.63 56.22
N GLU B 31 -10.52 10.85 57.29
CA GLU B 31 -9.66 11.23 58.44
C GLU B 31 -8.17 11.36 58.08
N GLU B 32 -7.65 10.39 57.36
CA GLU B 32 -6.21 10.36 57.06
C GLU B 32 -5.77 11.52 56.16
N LEU B 33 -6.65 11.93 55.26
CA LEU B 33 -6.36 13.07 54.36
C LEU B 33 -5.98 14.33 55.14
N VAL B 34 -6.51 14.46 56.36
CA VAL B 34 -6.31 15.69 57.15
C VAL B 34 -5.35 15.59 58.36
N SER B 35 -4.67 14.45 58.50
CA SER B 35 -3.67 14.29 59.56
C SER B 35 -2.37 15.01 59.17
N GLU B 36 -1.52 15.24 60.15
CA GLU B 36 -0.33 16.05 59.94
C GLU B 36 0.82 15.26 59.33
N ALA B 37 0.78 13.93 59.48
CA ALA B 37 1.73 13.04 58.79
C ALA B 37 1.84 13.40 57.31
N PRO B 38 3.02 13.18 56.69
CA PRO B 38 3.15 13.40 55.25
C PRO B 38 2.55 12.25 54.43
N ASN B 39 2.26 11.12 55.11
CA ASN B 39 1.68 9.92 54.48
C ASN B 39 0.30 9.60 55.08
N ILE B 40 -0.33 8.53 54.62
CA ILE B 40 -1.66 8.09 55.14
C ILE B 40 -1.63 6.58 55.48
N ASN B 41 -2.61 6.09 56.26
CA ASN B 41 -2.51 4.70 56.81
C ASN B 41 -2.83 3.66 55.75
N GLU B 42 -2.61 2.37 56.03
CA GLU B 42 -2.74 1.38 54.97
C GLU B 42 -4.16 1.28 54.38
N SER B 43 -5.16 1.35 55.24
CA SER B 43 -6.54 1.39 54.76
C SER B 43 -6.75 2.56 53.79
N ALA B 44 -6.18 3.72 54.12
CA ALA B 44 -6.25 4.92 53.29
C ALA B 44 -5.44 4.79 52.00
N VAL B 45 -4.24 4.20 52.08
CA VAL B 45 -3.48 3.87 50.90
C VAL B 45 -4.29 3.08 49.87
N GLN B 46 -5.09 2.14 50.32
CA GLN B 46 -5.87 1.32 49.39
C GLN B 46 -7.09 2.08 48.87
N LEU B 47 -7.77 2.79 49.75
CA LEU B 47 -8.96 3.55 49.37
C LEU B 47 -8.69 4.69 48.40
N ILE B 48 -7.60 5.41 48.60
CA ILE B 48 -7.33 6.61 47.78
C ILE B 48 -7.13 6.27 46.31
N LYS B 49 -6.62 5.07 46.04
CA LYS B 49 -6.57 4.52 44.67
C LYS B 49 -7.89 4.66 43.93
N PHE B 50 -8.99 4.43 44.62
CA PHE B 50 -10.31 4.51 43.98
C PHE B 50 -10.67 5.97 43.60
N HIS B 51 -10.04 6.93 44.25
CA HIS B 51 -10.21 8.35 43.96
C HIS B 51 -9.16 8.83 42.96
N GLY B 52 -8.42 7.88 42.39
CA GLY B 52 -7.44 8.14 41.35
C GLY B 52 -6.14 8.73 41.79
N SER B 53 -5.69 8.39 43.02
CA SER B 53 -4.38 8.81 43.49
C SER B 53 -3.64 7.64 44.12
N TYR B 54 -2.32 7.69 44.05
CA TYR B 54 -1.41 6.68 44.62
C TYR B 54 -0.37 7.40 45.42
N GLN B 55 -0.21 6.97 46.67
CA GLN B 55 0.91 7.40 47.47
C GLN B 55 2.16 6.66 46.98
N GLN B 56 3.26 7.41 46.91
CA GLN B 56 4.51 6.90 46.33
C GLN B 56 5.66 7.33 47.22
N THR B 57 6.86 6.79 46.98
CA THR B 57 8.09 7.30 47.62
C THR B 57 9.18 7.26 46.57
N ASP B 58 10.04 8.28 46.55
CA ASP B 58 11.13 8.32 45.58
C ASP B 58 12.21 7.30 45.95
N ARG B 59 12.31 6.23 45.17
CA ARG B 59 13.31 5.20 45.48
C ARG B 59 14.77 5.58 45.18
N ASP B 60 14.99 6.76 44.60
CA ASP B 60 16.37 7.24 44.34
C ASP B 60 17.03 7.73 45.64
N VAL B 61 16.21 8.20 46.57
CA VAL B 61 16.73 8.81 47.78
C VAL B 61 17.02 7.71 48.78
N ARG B 62 18.28 7.57 49.11
CA ARG B 62 18.71 6.48 49.95
C ARG B 62 18.83 7.01 51.37
N GLY B 63 18.05 6.42 52.28
CA GLY B 63 18.18 6.73 53.69
C GLY B 63 17.11 7.68 54.19
N GLN B 64 16.19 8.13 53.32
CA GLN B 64 15.31 9.21 53.77
C GLN B 64 13.79 8.94 53.86
N LYS B 65 13.21 8.41 52.79
CA LYS B 65 11.76 8.10 52.75
C LYS B 65 10.90 9.36 52.68
N ASN B 66 10.77 9.89 51.49
CA ASN B 66 9.80 10.91 51.24
C ASN B 66 8.44 10.24 50.90
N TYR B 67 7.41 11.07 50.78
CA TYR B 67 6.14 10.63 50.31
C TYR B 67 5.68 11.72 49.37
N SER B 68 5.12 11.29 48.25
CA SER B 68 4.41 12.17 47.35
C SER B 68 3.27 11.34 46.76
N PHE B 69 2.29 12.01 46.14
CA PHE B 69 1.12 11.37 45.57
C PHE B 69 1.13 11.59 44.06
N MET B 70 0.94 10.50 43.31
CA MET B 70 0.65 10.54 41.88
C MET B 70 -0.87 10.61 41.78
N LEU B 71 -1.38 11.41 40.82
CA LEU B 71 -2.79 11.35 40.44
C LEU B 71 -2.92 11.01 38.96
N ARG B 72 -4.02 10.34 38.62
CA ARG B 72 -4.24 9.86 37.28
C ARG B 72 -5.63 10.29 36.87
N THR B 73 -5.82 10.80 35.66
CA THR B 73 -7.14 11.31 35.29
C THR B 73 -7.98 10.24 34.61
N LYS B 74 -9.27 10.53 34.48
CA LYS B 74 -10.21 9.75 33.70
C LYS B 74 -10.58 10.57 32.45
N ASN B 75 -10.34 10.02 31.26
CA ASN B 75 -10.49 10.76 29.99
C ASN B 75 -10.95 9.79 28.91
N PRO B 76 -12.26 9.48 28.86
CA PRO B 76 -12.70 8.44 27.94
C PRO B 76 -12.31 8.78 26.51
N CYS B 77 -11.91 7.78 25.73
CA CYS B 77 -11.39 7.98 24.36
C CYS B 77 -10.13 8.83 24.28
N GLY B 78 -9.54 9.19 25.41
CA GLY B 78 -8.39 10.11 25.43
C GLY B 78 -8.69 11.58 25.25
N LYS B 79 -9.96 11.95 25.10
CA LYS B 79 -10.34 13.31 24.76
C LYS B 79 -10.15 14.24 25.94
N VAL B 80 -9.43 15.34 25.72
CA VAL B 80 -9.11 16.34 26.79
C VAL B 80 -9.53 17.73 26.30
N PRO B 81 -10.52 18.33 26.98
CA PRO B 81 -10.98 19.66 26.59
C PRO B 81 -9.88 20.68 26.86
N ASN B 82 -9.83 21.74 26.05
CA ASN B 82 -8.86 22.78 26.18
C ASN B 82 -8.67 23.25 27.65
N GLN B 83 -9.76 23.50 28.37
CA GLN B 83 -9.69 24.03 29.75
C GLN B 83 -8.98 23.05 30.69
N LEU B 84 -9.29 21.76 30.55
CA LEU B 84 -8.63 20.75 31.37
C LEU B 84 -7.16 20.66 31.07
N TYR B 85 -6.80 20.66 29.79
CA TYR B 85 -5.36 20.67 29.48
C TYR B 85 -4.64 21.79 30.21
N LEU B 86 -5.20 23.01 30.09
CA LEU B 86 -4.53 24.21 30.63
C LEU B 86 -4.44 24.10 32.15
N ALA B 87 -5.54 23.65 32.79
CA ALA B 87 -5.51 23.34 34.24
C ALA B 87 -4.40 22.33 34.62
N MET B 88 -4.32 21.20 33.89
CA MET B 88 -3.31 20.15 34.18
C MET B 88 -1.87 20.64 33.96
N ASP B 89 -1.61 21.38 32.89
CA ASP B 89 -0.27 21.92 32.63
C ASP B 89 0.21 22.81 33.80
N THR B 90 -0.69 23.68 34.23
CA THR B 90 -0.43 24.59 35.34
C THR B 90 -0.29 23.83 36.65
N LEU B 91 -1.20 22.91 36.94
CA LEU B 91 -1.07 22.07 38.14
C LEU B 91 0.30 21.39 38.21
N ALA B 92 0.80 20.88 37.09
CA ALA B 92 2.07 20.13 37.16
C ALA B 92 3.19 21.08 37.54
N ASP B 93 3.08 22.35 37.15
CA ASP B 93 4.16 23.31 37.38
C ASP B 93 4.11 23.78 38.83
N GLU B 94 2.90 23.86 39.39
CA GLU B 94 2.72 24.49 40.71
C GLU B 94 2.74 23.50 41.86
N PHE B 95 2.29 22.27 41.62
CA PHE B 95 2.21 21.29 42.71
C PHE B 95 2.95 19.99 42.42
N GLY B 96 3.28 19.73 41.16
CA GLY B 96 3.96 18.49 40.83
C GLY B 96 5.47 18.68 40.71
N ILE B 97 6.10 17.86 39.87
CA ILE B 97 7.53 17.97 39.55
C ILE B 97 7.72 18.59 38.15
N GLY B 98 6.71 19.28 37.66
CA GLY B 98 6.75 19.99 36.39
C GLY B 98 6.64 19.15 35.13
N THR B 99 6.16 17.91 35.24
CA THR B 99 5.90 17.11 34.04
C THR B 99 4.47 16.57 34.09
N LEU B 100 3.90 16.33 32.92
CA LEU B 100 2.75 15.47 32.73
C LEU B 100 3.26 14.18 32.09
N ARG B 101 2.64 13.06 32.42
CA ARG B 101 2.95 11.79 31.81
C ARG B 101 1.65 11.30 31.17
N LEU B 102 1.67 11.17 29.85
CA LEU B 102 0.59 10.51 29.11
C LEU B 102 0.73 9.00 29.20
N THR B 103 -0.38 8.29 29.21
CA THR B 103 -0.34 6.86 29.58
C THR B 103 -0.79 5.96 28.45
N THR B 104 -0.57 4.66 28.64
CA THR B 104 -1.00 3.64 27.64
C THR B 104 -2.54 3.41 27.70
N ARG B 105 -3.22 4.05 28.63
CA ARG B 105 -4.69 4.07 28.55
C ARG B 105 -5.28 5.45 28.21
N GLN B 106 -4.51 6.30 27.53
CA GLN B 106 -5.03 7.62 27.09
C GLN B 106 -5.42 8.53 28.27
N THR B 107 -4.66 8.49 29.38
CA THR B 107 -4.87 9.43 30.48
C THR B 107 -3.59 10.20 30.78
N PHE B 108 -3.72 11.17 31.70
CA PHE B 108 -2.57 11.93 32.26
C PHE B 108 -2.23 11.31 33.60
N GLN B 109 -0.94 11.29 33.95
CA GLN B 109 -0.55 11.23 35.35
C GLN B 109 0.26 12.47 35.69
N LEU B 110 0.09 12.90 36.92
CA LEU B 110 0.82 14.02 37.47
C LEU B 110 1.48 13.43 38.73
N HIS B 111 2.81 13.34 38.74
CA HIS B 111 3.60 12.81 39.86
C HIS B 111 4.12 13.87 40.83
N GLY B 112 4.35 13.46 42.07
CA GLY B 112 5.12 14.27 42.99
C GLY B 112 4.36 15.26 43.86
N VAL B 113 3.05 15.07 44.02
CA VAL B 113 2.26 16.00 44.79
C VAL B 113 2.38 15.67 46.28
N LEU B 114 2.66 16.70 47.09
CA LEU B 114 2.69 16.58 48.56
C LEU B 114 1.27 16.38 49.08
N LYS B 115 1.13 15.65 50.17
CA LYS B 115 -0.19 15.35 50.70
C LYS B 115 -1.00 16.64 50.97
N LYS B 116 -0.34 17.63 51.57
CA LYS B 116 -0.99 18.90 51.96
C LYS B 116 -1.66 19.64 50.78
N ASN B 117 -1.19 19.35 49.57
CA ASN B 117 -1.68 20.01 48.33
C ASN B 117 -2.63 19.11 47.56
N LEU B 118 -2.84 17.91 48.04
CA LEU B 118 -3.52 16.91 47.26
C LEU B 118 -4.97 17.34 46.97
N LYS B 119 -5.68 17.80 47.99
CA LYS B 119 -7.05 18.25 47.83
C LYS B 119 -7.16 19.44 46.91
N THR B 120 -6.19 20.35 47.00
CA THR B 120 -6.17 21.52 46.13
C THR B 120 -6.11 21.07 44.67
N VAL B 121 -5.23 20.11 44.38
CA VAL B 121 -5.04 19.57 43.03
C VAL B 121 -6.30 18.84 42.48
N LEU B 122 -6.83 17.92 43.26
CA LEU B 122 -7.98 17.14 42.80
C LEU B 122 -9.16 18.03 42.60
N SER B 123 -9.43 18.95 43.52
CA SER B 123 -10.59 19.85 43.26
C SER B 123 -10.37 20.79 42.10
N THR B 124 -9.13 21.21 41.85
CA THR B 124 -8.82 21.97 40.60
C THR B 124 -9.17 21.16 39.33
N VAL B 125 -8.78 19.87 39.30
CA VAL B 125 -9.12 18.99 38.18
C VAL B 125 -10.65 18.96 38.00
N ILE B 126 -11.34 18.66 39.07
CA ILE B 126 -12.83 18.56 39.07
C ILE B 126 -13.54 19.83 38.60
N LYS B 127 -13.03 20.97 39.00
CA LYS B 127 -13.62 22.27 38.65
C LYS B 127 -13.12 22.80 37.31
N ASN B 128 -12.28 22.01 36.64
CA ASN B 128 -11.85 22.34 35.27
C ASN B 128 -12.15 21.26 34.23
N MET B 129 -13.35 20.70 34.31
CA MET B 129 -13.85 19.76 33.33
C MET B 129 -13.20 18.38 33.39
N GLY B 130 -12.51 18.06 34.49
CA GLY B 130 -11.80 16.79 34.60
C GLY B 130 -12.33 15.90 35.70
N SER B 131 -11.74 14.71 35.85
CA SER B 131 -12.04 13.83 36.97
C SER B 131 -10.87 12.87 37.18
N THR B 132 -10.62 12.45 38.41
CA THR B 132 -9.70 11.35 38.65
C THR B 132 -10.43 10.07 39.21
N LEU B 133 -11.75 10.15 39.30
CA LEU B 133 -12.54 9.04 39.80
C LEU B 133 -12.38 7.76 39.05
N GLY B 134 -12.01 6.69 39.75
CA GLY B 134 -11.98 5.38 39.14
C GLY B 134 -10.76 5.17 38.29
N ALA B 135 -9.83 6.14 38.32
CA ALA B 135 -8.63 6.05 37.52
C ALA B 135 -7.72 4.94 38.02
N CYS B 136 -7.76 4.68 39.33
CA CYS B 136 -7.19 3.46 39.94
C CYS B 136 -8.35 2.78 40.72
N GLY B 137 -8.07 1.72 41.49
CA GLY B 137 -9.06 0.99 42.30
C GLY B 137 -9.66 -0.22 41.59
N ASP B 138 -10.51 -0.96 42.33
CA ASP B 138 -11.17 -2.17 41.83
C ASP B 138 -12.45 -1.73 41.11
N LEU B 139 -12.26 -1.13 39.95
CA LEU B 139 -13.28 -0.37 39.27
C LEU B 139 -12.96 -0.44 37.77
N ASN B 140 -13.92 -0.01 36.95
CA ASN B 140 -13.70 0.21 35.54
C ASN B 140 -12.71 1.34 35.31
N ARG B 141 -11.62 1.01 34.60
CA ARG B 141 -10.57 1.95 34.25
C ARG B 141 -10.96 2.79 33.02
N ASN B 142 -10.02 3.61 32.56
CA ASN B 142 -10.28 4.50 31.44
C ASN B 142 -10.60 3.67 30.24
N VAL B 143 -11.76 3.95 29.68
CA VAL B 143 -12.24 3.34 28.44
C VAL B 143 -11.54 3.92 27.20
N LEU B 144 -10.82 3.04 26.51
CA LEU B 144 -10.11 3.39 25.24
C LEU B 144 -11.03 3.53 24.05
N ALA B 145 -10.68 4.41 23.13
CA ALA B 145 -11.35 4.48 21.83
C ALA B 145 -10.37 5.11 20.85
N PRO B 146 -10.69 5.08 19.54
CA PRO B 146 -9.73 5.63 18.53
C PRO B 146 -9.48 7.08 18.90
N ALA B 147 -8.21 7.45 19.04
CA ALA B 147 -7.87 8.81 19.48
C ALA B 147 -8.08 9.85 18.41
N ALA B 148 -8.06 9.43 17.14
CA ALA B 148 -8.13 10.40 16.04
C ALA B 148 -9.51 11.04 15.92
N PRO B 149 -9.55 12.39 15.80
CA PRO B 149 -10.85 13.08 15.69
C PRO B 149 -11.43 13.05 14.27
N TYR B 150 -11.60 11.87 13.70
CA TYR B 150 -12.25 11.70 12.40
C TYR B 150 -13.74 11.85 12.55
N VAL B 151 -14.41 12.35 11.51
CA VAL B 151 -15.85 12.42 11.51
C VAL B 151 -16.48 11.15 10.89
N LYS B 152 -15.66 10.18 10.52
CA LYS B 152 -16.19 8.93 9.97
C LYS B 152 -17.21 8.37 10.95
N LYS B 153 -18.34 7.89 10.45
CA LYS B 153 -19.42 7.46 11.31
C LYS B 153 -18.99 6.44 12.36
N ASP B 154 -18.16 5.46 11.98
CA ASP B 154 -17.87 4.35 12.91
C ASP B 154 -16.84 4.73 13.95
N ILE B 155 -16.06 5.76 13.65
CA ILE B 155 -15.08 6.28 14.56
C ILE B 155 -15.82 7.08 15.62
N LEU B 156 -16.70 8.00 15.18
CA LEU B 156 -17.54 8.75 16.11
C LEU B 156 -18.41 7.89 17.01
N PHE B 157 -19.05 6.87 16.44
CA PHE B 157 -19.81 5.86 17.18
C PHE B 157 -18.96 5.09 18.20
N ALA B 158 -17.78 4.62 17.78
CA ALA B 158 -16.84 4.01 18.71
C ALA B 158 -16.57 4.95 19.91
N GLN B 159 -16.26 6.20 19.62
CA GLN B 159 -16.02 7.21 20.66
C GLN B 159 -17.19 7.45 21.62
N GLN B 160 -18.39 7.67 21.10
CA GLN B 160 -19.58 7.84 21.93
C GLN B 160 -19.89 6.60 22.72
N THR B 161 -19.63 5.42 22.16
CA THR B 161 -19.94 4.20 22.84
C THR B 161 -19.02 4.08 24.05
N ALA B 162 -17.76 4.48 23.87
CA ALA B 162 -16.78 4.45 24.94
C ALA B 162 -17.17 5.43 26.04
N GLU B 163 -17.54 6.64 25.67
CA GLU B 163 -18.05 7.58 26.66
C GLU B 163 -19.25 7.06 27.45
N ASN B 164 -20.19 6.42 26.76
CA ASN B 164 -21.37 5.81 27.40
C ASN B 164 -21.02 4.68 28.37
N ILE B 165 -20.08 3.84 28.00
CA ILE B 165 -19.64 2.76 28.88
C ILE B 165 -18.91 3.36 30.12
N ALA B 166 -18.01 4.32 29.92
CA ALA B 166 -17.33 4.97 31.06
C ALA B 166 -18.38 5.55 32.05
N ALA B 167 -19.41 6.22 31.52
CA ALA B 167 -20.44 6.84 32.37
C ALA B 167 -21.20 5.75 33.08
N LEU B 168 -21.62 4.72 32.33
CA LEU B 168 -22.34 3.58 32.90
C LEU B 168 -21.61 3.04 34.14
N LEU B 169 -20.29 2.87 34.03
CA LEU B 169 -19.52 2.21 35.06
C LEU B 169 -18.82 3.18 36.03
N THR B 170 -19.33 4.41 36.08
CA THR B 170 -18.79 5.43 36.99
C THR B 170 -19.44 5.13 38.34
N PRO B 171 -18.67 5.10 39.43
CA PRO B 171 -19.23 4.95 40.79
C PRO B 171 -20.29 6.00 41.12
N GLN B 172 -21.34 5.59 41.81
CA GLN B 172 -22.50 6.47 41.98
C GLN B 172 -22.64 6.94 43.44
N SER B 173 -21.76 6.49 44.33
CA SER B 173 -22.03 6.60 45.79
C SER B 173 -22.04 8.06 46.21
N GLY B 174 -21.32 8.91 45.47
CA GLY B 174 -21.14 10.32 45.88
C GLY B 174 -19.90 10.64 46.74
N ALA B 175 -19.12 9.61 47.08
CA ALA B 175 -17.97 9.77 47.99
C ALA B 175 -16.88 10.68 47.40
N TYR B 176 -16.64 10.53 46.11
CA TYR B 176 -15.64 11.35 45.43
C TYR B 176 -15.89 12.84 45.66
N TYR B 177 -17.08 13.35 45.33
CA TYR B 177 -17.34 14.80 45.51
C TYR B 177 -17.43 15.20 46.99
N ASP B 178 -17.76 14.25 47.84
CA ASP B 178 -17.75 14.47 49.28
C ASP B 178 -16.35 14.81 49.81
N LEU B 179 -15.38 13.98 49.44
CA LEU B 179 -14.00 14.17 49.89
C LEU B 179 -13.34 15.40 49.27
N TRP B 180 -13.43 15.54 47.95
CA TRP B 180 -12.59 16.52 47.26
C TRP B 180 -13.23 17.89 47.01
N VAL B 181 -14.55 17.96 46.98
CA VAL B 181 -15.17 19.24 46.77
C VAL B 181 -16.24 19.50 47.83
N ASP B 182 -16.09 18.85 48.98
CA ASP B 182 -16.92 19.08 50.17
C ASP B 182 -18.40 18.88 49.87
N GLY B 183 -18.69 18.05 48.89
CA GLY B 183 -20.05 17.74 48.49
C GLY B 183 -20.75 18.78 47.62
N GLU B 184 -20.01 19.76 47.09
CA GLU B 184 -20.61 20.73 46.17
C GLU B 184 -21.10 20.08 44.88
N LYS B 185 -21.76 20.88 44.04
CA LYS B 185 -22.26 20.38 42.76
C LYS B 185 -21.39 20.93 41.64
N ILE B 186 -20.94 20.03 40.76
CA ILE B 186 -20.14 20.40 39.61
C ILE B 186 -21.00 20.26 38.34
N MET B 187 -20.88 21.24 37.43
CA MET B 187 -21.77 21.36 36.27
C MET B 187 -22.00 20.05 35.48
N SER B 188 -21.12 19.75 34.53
CA SER B 188 -21.22 18.51 33.74
C SER B 188 -22.43 18.39 32.75
N ALA B 189 -22.12 17.91 31.55
CA ALA B 189 -23.14 17.66 30.51
C ALA B 189 -24.11 16.56 30.93
N GLU B 190 -25.33 16.66 30.44
CA GLU B 190 -26.34 15.65 30.74
C GLU B 190 -25.87 14.34 30.12
N GLU B 191 -25.86 13.29 30.94
CA GLU B 191 -25.61 11.95 30.46
C GLU B 191 -26.73 11.54 29.50
N PRO B 192 -26.40 10.81 28.42
CA PRO B 192 -27.42 10.34 27.47
C PRO B 192 -28.44 9.45 28.15
N PRO B 193 -29.73 9.67 27.86
CA PRO B 193 -30.78 8.87 28.42
C PRO B 193 -30.56 7.36 28.24
N GLU B 194 -29.96 6.92 27.14
CA GLU B 194 -29.70 5.49 27.01
C GLU B 194 -28.80 4.93 28.12
N VAL B 195 -27.89 5.78 28.65
CA VAL B 195 -27.01 5.36 29.72
C VAL B 195 -27.76 5.19 31.04
N THR B 196 -28.65 6.14 31.35
CA THR B 196 -29.34 6.16 32.63
C THR B 196 -30.27 4.95 32.68
N LYS B 197 -30.99 4.79 31.59
CA LYS B 197 -31.91 3.70 31.40
C LYS B 197 -31.25 2.32 31.62
N ALA B 198 -30.17 2.09 30.89
CA ALA B 198 -29.41 0.84 31.01
C ALA B 198 -28.87 0.61 32.44
N ARG B 199 -28.22 1.62 33.04
CA ARG B 199 -27.77 1.46 34.43
C ARG B 199 -28.96 1.07 35.32
N ASN B 200 -30.09 1.73 35.12
CA ASN B 200 -31.25 1.50 35.97
C ASN B 200 -31.91 0.15 35.77
N ASP B 201 -31.66 -0.49 34.64
CA ASP B 201 -32.42 -1.69 34.32
C ASP B 201 -32.06 -2.84 35.27
N ASN B 202 -33.08 -3.40 35.93
CA ASN B 202 -32.93 -4.58 36.76
C ASN B 202 -33.75 -5.79 36.30
N SER B 203 -34.13 -5.80 35.03
CA SER B 203 -34.85 -6.92 34.37
C SER B 203 -34.24 -8.29 34.64
N HIS B 204 -32.92 -8.34 34.75
CA HIS B 204 -32.23 -9.63 34.85
C HIS B 204 -31.38 -9.77 36.11
N GLY B 205 -31.72 -9.01 37.15
CA GLY B 205 -31.13 -9.20 38.48
C GLY B 205 -29.64 -8.86 38.50
N THR B 206 -29.26 -7.91 37.64
CA THR B 206 -27.92 -7.37 37.54
C THR B 206 -27.57 -6.41 38.66
N ASN B 207 -28.57 -5.75 39.23
CA ASN B 207 -28.36 -4.56 40.07
C ASN B 207 -28.60 -4.83 41.55
N PHE B 208 -28.12 -3.90 42.39
CA PHE B 208 -28.47 -3.91 43.81
C PHE B 208 -29.46 -2.80 44.05
N PRO B 209 -30.74 -3.18 44.15
CA PRO B 209 -31.83 -2.31 44.56
C PRO B 209 -31.48 -1.40 45.75
N ASP B 210 -31.61 -0.09 45.53
CA ASP B 210 -31.59 0.86 46.64
C ASP B 210 -30.20 1.02 47.25
N SER B 211 -29.19 0.38 46.65
CA SER B 211 -27.82 0.60 47.05
C SER B 211 -27.27 1.91 46.48
N PRO B 212 -26.37 2.57 47.24
CA PRO B 212 -25.62 3.70 46.69
C PRO B 212 -24.77 3.33 45.49
N GLU B 213 -24.49 2.04 45.32
CA GLU B 213 -23.85 1.55 44.08
C GLU B 213 -24.68 0.43 43.45
N PRO B 214 -25.62 0.79 42.56
CA PRO B 214 -26.56 -0.20 41.96
C PRO B 214 -25.83 -1.25 41.10
N ILE B 215 -24.72 -0.87 40.47
CA ILE B 215 -23.90 -1.85 39.72
C ILE B 215 -22.76 -2.40 40.56
N TYR B 216 -22.00 -1.54 41.21
CA TYR B 216 -20.81 -2.00 41.93
C TYR B 216 -21.10 -2.70 43.24
N GLY B 217 -22.18 -2.30 43.92
CA GLY B 217 -22.47 -2.76 45.25
C GLY B 217 -21.43 -2.30 46.24
N THR B 218 -21.50 -2.82 47.46
CA THR B 218 -20.54 -2.57 48.52
C THR B 218 -19.07 -2.94 48.22
N GLN B 219 -18.85 -4.03 47.51
CA GLN B 219 -17.50 -4.61 47.35
C GLN B 219 -16.87 -4.23 46.03
N TYR B 220 -17.57 -3.44 45.23
CA TYR B 220 -17.07 -3.03 43.91
C TYR B 220 -16.67 -4.31 43.15
N LEU B 221 -15.66 -4.23 42.28
CA LEU B 221 -15.21 -5.41 41.54
C LEU B 221 -14.10 -6.16 42.30
N PRO B 222 -13.81 -7.42 41.94
CA PRO B 222 -12.65 -8.11 42.50
C PRO B 222 -11.28 -7.47 42.18
N ARG B 223 -11.24 -6.57 41.19
CA ARG B 223 -9.97 -6.02 40.67
C ARG B 223 -10.32 -5.00 39.61
N LYS B 224 -9.31 -4.23 39.17
CA LYS B 224 -9.42 -3.31 38.04
C LYS B 224 -10.02 -4.00 36.83
N PHE B 225 -10.68 -3.23 35.97
CA PHE B 225 -11.45 -3.75 34.86
C PHE B 225 -11.25 -2.80 33.67
N LYS B 226 -10.87 -3.35 32.53
CA LYS B 226 -10.41 -2.56 31.41
C LYS B 226 -11.17 -2.86 30.12
N VAL B 227 -11.69 -1.81 29.49
CA VAL B 227 -12.51 -1.91 28.26
C VAL B 227 -11.88 -1.03 27.14
N ALA B 228 -11.87 -1.54 25.91
CA ALA B 228 -11.42 -0.78 24.79
C ALA B 228 -12.46 -0.85 23.69
N VAL B 229 -12.79 0.28 23.08
CA VAL B 229 -13.73 0.35 21.96
C VAL B 229 -13.02 0.81 20.67
N THR B 230 -13.31 0.19 19.53
CA THR B 230 -12.67 0.67 18.31
C THR B 230 -13.56 0.40 17.10
N ALA B 231 -13.11 0.78 15.93
CA ALA B 231 -13.85 0.41 14.73
C ALA B 231 -13.06 -0.70 14.05
N ALA B 232 -13.79 -1.56 13.33
CA ALA B 232 -13.20 -2.69 12.58
C ALA B 232 -11.88 -2.27 11.91
N GLY B 233 -10.82 -3.05 12.12
CA GLY B 233 -9.55 -2.75 11.45
C GLY B 233 -8.59 -1.85 12.24
N ASP B 234 -9.09 -0.94 13.08
CA ASP B 234 -8.16 -0.04 13.82
C ASP B 234 -7.74 -0.60 15.19
N ASN B 235 -6.51 -1.11 15.30
CA ASN B 235 -6.03 -1.57 16.59
C ASN B 235 -5.07 -0.66 17.31
N SER B 236 -5.26 0.65 17.20
CA SER B 236 -4.52 1.55 18.06
C SER B 236 -4.78 1.22 19.53
N VAL B 237 -5.95 0.67 19.85
CA VAL B 237 -6.32 0.49 21.27
C VAL B 237 -5.71 -0.78 21.93
N ASP B 238 -4.96 -1.59 21.15
CA ASP B 238 -4.42 -2.87 21.68
C ASP B 238 -5.53 -3.75 22.27
N ILE B 239 -6.54 -3.98 21.43
CA ILE B 239 -7.84 -4.48 21.84
C ILE B 239 -7.79 -5.85 22.53
N LEU B 240 -6.89 -6.72 22.08
CA LEU B 240 -6.88 -8.07 22.59
C LEU B 240 -6.41 -8.15 24.05
N THR B 241 -5.85 -7.08 24.60
CA THR B 241 -5.29 -7.13 25.95
C THR B 241 -6.31 -6.79 27.07
N ASN B 242 -7.51 -6.35 26.69
CA ASN B 242 -8.43 -5.76 27.66
C ASN B 242 -9.42 -6.78 28.21
N ASP B 243 -10.05 -6.48 29.35
CA ASP B 243 -11.13 -7.35 29.84
C ASP B 243 -12.25 -7.46 28.81
N ILE B 244 -12.63 -6.34 28.23
CA ILE B 244 -13.59 -6.35 27.15
C ILE B 244 -13.10 -5.54 25.97
N GLY B 245 -13.22 -6.12 24.78
CA GLY B 245 -12.89 -5.41 23.52
C GLY B 245 -14.17 -5.21 22.72
N VAL B 246 -14.47 -3.95 22.38
CA VAL B 246 -15.71 -3.65 21.64
C VAL B 246 -15.39 -3.10 20.24
N VAL B 247 -15.96 -3.75 19.21
CA VAL B 247 -15.63 -3.38 17.84
C VAL B 247 -16.90 -3.00 17.08
N VAL B 248 -16.98 -1.74 16.66
CA VAL B 248 -18.10 -1.27 15.83
C VAL B 248 -18.11 -2.02 14.51
N VAL B 249 -19.23 -2.65 14.23
CA VAL B 249 -19.52 -3.30 12.93
C VAL B 249 -20.51 -2.44 12.14
N SER B 250 -20.16 -2.21 10.87
CA SER B 250 -20.97 -1.43 9.91
C SER B 250 -21.47 -2.41 8.82
N ASP B 251 -22.65 -2.22 8.23
CA ASP B 251 -22.88 -1.54 6.94
C ASP B 251 -21.80 -1.51 5.87
N ASP B 252 -22.13 -2.12 4.73
CA ASP B 252 -21.43 -1.88 3.48
C ASP B 252 -21.39 -0.37 3.21
N ALA B 253 -22.50 0.31 3.51
CA ALA B 253 -22.62 1.75 3.33
C ALA B 253 -21.92 2.58 4.43
N GLY B 254 -21.27 1.89 5.38
CA GLY B 254 -20.52 2.57 6.45
C GLY B 254 -21.33 2.98 7.66
N GLU B 255 -22.59 2.53 7.73
CA GLU B 255 -23.50 2.76 8.87
C GLU B 255 -23.34 1.67 9.93
N PRO B 256 -23.05 2.07 11.20
CA PRO B 256 -22.89 1.14 12.31
C PRO B 256 -24.13 0.32 12.58
N ILE B 257 -23.96 -1.00 12.69
CA ILE B 257 -25.11 -1.82 12.97
C ILE B 257 -25.06 -2.53 14.33
N GLY B 258 -23.87 -2.64 14.89
CA GLY B 258 -23.71 -3.35 16.15
C GLY B 258 -22.26 -3.53 16.48
N PHE B 259 -22.00 -4.47 17.38
CA PHE B 259 -20.65 -4.64 17.93
C PHE B 259 -20.26 -6.09 18.03
N ASN B 260 -19.07 -6.41 17.61
CA ASN B 260 -18.41 -7.61 18.09
C ASN B 260 -17.80 -7.35 19.45
N ILE B 261 -17.74 -8.40 20.26
CA ILE B 261 -17.18 -8.32 21.60
C ILE B 261 -16.15 -9.42 21.81
N TYR B 262 -14.99 -9.04 22.33
CA TYR B 262 -14.02 -9.99 22.88
C TYR B 262 -14.02 -9.87 24.41
N VAL B 263 -13.67 -10.93 25.11
CA VAL B 263 -13.55 -10.88 26.55
C VAL B 263 -12.33 -11.63 27.05
N GLY B 264 -11.79 -11.19 28.18
CA GLY B 264 -10.85 -12.00 28.94
C GLY B 264 -9.38 -11.88 28.56
N GLY B 265 -8.95 -10.69 28.13
CA GLY B 265 -7.53 -10.43 27.92
C GLY B 265 -6.91 -9.81 29.15
N GLY B 266 -5.58 -9.75 29.19
CA GLY B 266 -4.94 -9.12 30.33
C GLY B 266 -3.47 -9.43 30.31
N MET B 267 -2.65 -8.53 30.82
CA MET B 267 -1.21 -8.70 30.62
C MET B 267 -0.56 -9.28 31.87
N GLY B 268 -1.11 -8.94 33.03
CA GLY B 268 -0.36 -9.04 34.28
C GLY B 268 0.08 -10.44 34.63
N ARG B 269 1.32 -10.58 35.10
CA ARG B 269 1.78 -11.86 35.60
C ARG B 269 2.94 -11.66 36.56
N THR B 270 3.40 -12.76 37.14
CA THR B 270 4.35 -12.76 38.24
C THR B 270 5.51 -13.72 37.88
N HIS B 271 6.76 -13.28 38.08
CA HIS B 271 7.89 -14.09 37.70
C HIS B 271 7.86 -15.39 38.45
N ARG B 272 8.08 -16.47 37.72
CA ARG B 272 8.24 -17.80 38.31
C ARG B 272 6.94 -18.36 38.90
N VAL B 273 5.83 -17.66 38.69
CA VAL B 273 4.51 -18.17 39.13
C VAL B 273 3.74 -18.50 37.87
N GLU B 274 3.82 -19.76 37.47
CA GLU B 274 3.44 -20.16 36.13
C GLU B 274 1.96 -20.15 35.89
N THR B 275 1.21 -20.21 36.98
CA THR B 275 -0.24 -20.08 36.92
C THR B 275 -0.72 -18.63 36.74
N THR B 276 0.23 -17.69 36.55
CA THR B 276 -0.10 -16.32 36.13
C THR B 276 0.43 -16.08 34.73
N PHE B 277 -0.37 -15.42 33.91
CA PHE B 277 0.00 -15.30 32.50
C PHE B 277 -0.75 -14.20 31.79
N PRO B 278 -0.08 -13.59 30.76
CA PRO B 278 -0.81 -12.71 29.84
C PRO B 278 -1.78 -13.58 29.05
N ARG B 279 -2.81 -12.96 28.48
CA ARG B 279 -3.86 -13.70 27.80
C ARG B 279 -4.51 -12.78 26.81
N LEU B 280 -4.87 -13.30 25.64
CA LEU B 280 -5.58 -12.52 24.64
C LEU B 280 -7.08 -12.71 24.83
N ALA B 281 -7.85 -11.66 24.59
CA ALA B 281 -9.31 -11.74 24.75
C ALA B 281 -9.87 -12.72 23.73
N ASP B 282 -10.87 -13.51 24.13
CA ASP B 282 -11.57 -14.41 23.21
C ASP B 282 -12.70 -13.66 22.49
N PRO B 283 -12.95 -14.00 21.21
CA PRO B 283 -14.17 -13.55 20.57
C PRO B 283 -15.41 -14.14 21.24
N LEU B 284 -16.25 -13.28 21.77
CA LEU B 284 -17.39 -13.72 22.55
C LEU B 284 -18.61 -13.89 21.67
N GLY B 285 -18.95 -12.84 20.94
CA GLY B 285 -20.14 -12.84 20.09
C GLY B 285 -20.40 -11.46 19.51
N TYR B 286 -21.61 -11.28 19.02
CA TYR B 286 -22.05 -10.02 18.42
C TYR B 286 -23.40 -9.59 19.02
N VAL B 287 -23.59 -8.27 19.18
CA VAL B 287 -24.87 -7.72 19.66
C VAL B 287 -25.31 -6.58 18.73
N PRO B 288 -26.63 -6.46 18.45
CA PRO B 288 -27.15 -5.23 17.84
C PRO B 288 -26.74 -4.00 18.64
N LYS B 289 -26.56 -2.89 17.95
CA LYS B 289 -25.92 -1.70 18.57
C LYS B 289 -26.71 -1.18 19.77
N GLU B 290 -28.03 -1.31 19.75
CA GLU B 290 -28.85 -0.87 20.89
C GLU B 290 -28.67 -1.69 22.19
N ASP B 291 -28.04 -2.86 22.07
CA ASP B 291 -27.87 -3.78 23.20
C ASP B 291 -26.59 -3.59 24.00
N ILE B 292 -25.73 -2.72 23.54
CA ILE B 292 -24.34 -2.70 23.98
C ILE B 292 -24.17 -2.51 25.48
N LEU B 293 -24.90 -1.57 26.07
CA LEU B 293 -24.63 -1.27 27.48
C LEU B 293 -25.19 -2.37 28.35
N TYR B 294 -26.20 -3.09 27.84
CA TYR B 294 -26.81 -4.21 28.54
C TYR B 294 -25.85 -5.39 28.52
N ALA B 295 -25.27 -5.66 27.34
CA ALA B 295 -24.22 -6.66 27.19
C ALA B 295 -23.00 -6.30 28.04
N ILE B 296 -22.61 -5.03 28.08
CA ILE B 296 -21.42 -4.65 28.86
C ILE B 296 -21.72 -4.90 30.32
N LYS B 297 -22.88 -4.45 30.79
CA LYS B 297 -23.16 -4.58 32.20
C LYS B 297 -23.23 -6.04 32.57
N ALA B 298 -23.72 -6.87 31.65
CA ALA B 298 -23.87 -8.29 31.97
C ALA B 298 -22.50 -8.96 32.22
N ILE B 299 -21.53 -8.61 31.39
CA ILE B 299 -20.14 -9.04 31.52
C ILE B 299 -19.48 -8.59 32.82
N VAL B 300 -19.55 -7.28 33.11
CA VAL B 300 -19.08 -6.72 34.41
C VAL B 300 -19.71 -7.42 35.61
N VAL B 301 -21.02 -7.58 35.58
CA VAL B 301 -21.76 -8.28 36.64
C VAL B 301 -21.29 -9.74 36.85
N THR B 302 -21.08 -10.47 35.76
CA THR B 302 -20.55 -11.82 35.81
C THR B 302 -19.18 -11.84 36.53
N GLN B 303 -18.29 -10.93 36.12
CA GLN B 303 -17.03 -10.74 36.84
C GLN B 303 -17.25 -10.36 38.33
N ARG B 304 -18.15 -9.41 38.58
CA ARG B 304 -18.46 -8.97 39.95
C ARG B 304 -18.87 -10.12 40.87
N GLU B 305 -19.78 -10.93 40.33
CA GLU B 305 -20.34 -12.05 41.04
C GLU B 305 -19.42 -13.25 41.11
N ASN B 306 -18.53 -13.41 40.14
CA ASN B 306 -17.79 -14.66 40.06
C ASN B 306 -16.28 -14.56 40.13
N GLY B 307 -15.72 -13.36 39.97
CA GLY B 307 -14.26 -13.22 40.08
C GLY B 307 -13.75 -13.48 41.49
N ARG B 308 -12.62 -14.17 41.60
CA ARG B 308 -12.04 -14.52 42.89
C ARG B 308 -11.70 -13.31 43.74
N ARG B 309 -12.09 -13.38 45.02
CA ARG B 309 -11.84 -12.30 45.96
C ARG B 309 -11.00 -12.78 47.15
N ASP B 310 -10.46 -14.00 47.06
CA ASP B 310 -9.54 -14.52 48.07
C ASP B 310 -8.08 -14.14 47.83
N ASP B 311 -7.65 -14.31 46.59
CA ASP B 311 -6.28 -14.09 46.15
C ASP B 311 -6.38 -13.25 44.88
N ARG B 312 -6.10 -11.95 45.06
CA ARG B 312 -6.09 -10.94 44.04
C ARG B 312 -5.22 -11.27 42.83
N LYS B 313 -4.21 -12.10 43.02
CA LYS B 313 -3.38 -12.57 41.90
C LYS B 313 -4.20 -13.29 40.84
N TYR B 314 -5.37 -13.82 41.24
CA TYR B 314 -6.19 -14.60 40.31
C TYR B 314 -7.59 -14.00 40.14
N SER B 315 -7.66 -12.71 40.42
CA SER B 315 -8.93 -12.01 40.51
C SER B 315 -9.44 -11.49 39.17
N ARG B 316 -8.53 -11.27 38.22
CA ARG B 316 -8.89 -10.66 36.92
C ARG B 316 -9.75 -11.63 36.13
N MET B 317 -10.61 -11.09 35.29
CA MET B 317 -11.58 -11.89 34.56
C MET B 317 -10.92 -12.88 33.59
N LYS B 318 -9.72 -12.58 33.06
CA LYS B 318 -8.99 -13.58 32.27
C LYS B 318 -8.90 -14.93 32.97
N TYR B 319 -8.79 -14.94 34.29
CA TYR B 319 -8.70 -16.21 35.04
C TYR B 319 -9.99 -17.01 35.10
N MET B 320 -11.13 -16.34 35.24
CA MET B 320 -12.40 -17.08 35.26
C MET B 320 -12.75 -17.59 33.87
N ILE B 321 -12.35 -16.90 32.80
CA ILE B 321 -12.64 -17.39 31.47
C ILE B 321 -11.72 -18.58 31.15
N ASP B 322 -10.47 -18.47 31.55
CA ASP B 322 -9.54 -19.57 31.40
C ASP B 322 -10.04 -20.81 32.12
N ARG B 323 -10.60 -20.61 33.32
CA ARG B 323 -11.03 -21.71 34.19
C ARG B 323 -12.32 -22.35 33.66
N TRP B 324 -13.31 -21.52 33.37
CA TRP B 324 -14.63 -21.98 32.99
C TRP B 324 -14.66 -22.39 31.54
N GLY B 325 -13.87 -21.70 30.73
CA GLY B 325 -13.98 -21.83 29.29
C GLY B 325 -14.94 -20.77 28.74
N ILE B 326 -14.76 -20.43 27.47
CA ILE B 326 -15.49 -19.31 26.87
C ILE B 326 -17.01 -19.60 26.82
N ASP B 327 -17.38 -20.86 26.59
CA ASP B 327 -18.76 -21.24 26.33
C ASP B 327 -19.58 -21.14 27.58
N ARG B 328 -19.03 -21.66 28.68
CA ARG B 328 -19.66 -21.56 29.98
C ARG B 328 -19.76 -20.08 30.40
N PHE B 329 -18.71 -19.31 30.08
CA PHE B 329 -18.67 -17.89 30.36
C PHE B 329 -19.84 -17.22 29.65
N ARG B 330 -19.95 -17.47 28.35
CA ARG B 330 -21.01 -16.86 27.55
C ARG B 330 -22.39 -17.15 28.12
N ALA B 331 -22.64 -18.42 28.48
CA ALA B 331 -23.91 -18.78 29.09
C ALA B 331 -24.21 -17.97 30.34
N GLU B 332 -23.20 -17.73 31.15
CA GLU B 332 -23.46 -17.01 32.39
C GLU B 332 -23.74 -15.53 32.10
N VAL B 333 -22.88 -14.89 31.32
CA VAL B 333 -23.14 -13.52 30.82
C VAL B 333 -24.58 -13.42 30.32
N GLU B 334 -24.99 -14.38 29.50
CA GLU B 334 -26.32 -14.38 28.89
C GLU B 334 -27.49 -14.38 29.87
N LYS B 335 -27.27 -14.87 31.09
CA LYS B 335 -28.30 -14.80 32.12
C LYS B 335 -28.60 -13.35 32.47
N TYR B 336 -27.53 -12.55 32.52
CA TYR B 336 -27.62 -11.20 33.01
C TYR B 336 -28.01 -10.25 31.88
N TYR B 337 -27.70 -10.65 30.66
CA TYR B 337 -28.02 -9.88 29.44
C TYR B 337 -29.48 -10.14 28.99
N GLY B 338 -30.02 -11.30 29.39
CA GLY B 338 -31.43 -11.59 29.17
C GLY B 338 -31.71 -12.12 27.79
N LYS B 339 -30.65 -12.49 27.09
CA LYS B 339 -30.78 -13.05 25.77
C LYS B 339 -29.41 -13.49 25.29
N LYS B 340 -29.34 -14.01 24.06
CA LYS B 340 -28.13 -14.67 23.53
C LYS B 340 -27.35 -13.77 22.58
N PHE B 341 -26.02 -13.85 22.63
CA PHE B 341 -25.16 -13.16 21.68
C PHE B 341 -25.36 -13.83 20.31
N GLU B 342 -25.33 -13.05 19.24
CA GLU B 342 -25.23 -13.64 17.90
C GLU B 342 -23.79 -14.10 17.69
N SER B 343 -23.57 -14.84 16.62
CA SER B 343 -22.24 -15.28 16.26
C SER B 343 -21.38 -14.06 16.01
N PHE B 344 -20.17 -14.06 16.62
CA PHE B 344 -19.09 -13.11 16.30
C PHE B 344 -19.01 -13.01 14.77
N ARG B 345 -19.01 -11.79 14.25
CA ARG B 345 -18.95 -11.59 12.78
C ARG B 345 -17.54 -11.36 12.25
N PRO B 346 -17.27 -11.82 11.02
CA PRO B 346 -15.98 -11.62 10.35
C PRO B 346 -15.52 -10.18 10.38
N LEU B 347 -14.22 -9.99 10.57
CA LEU B 347 -13.65 -8.65 10.63
C LEU B 347 -12.44 -8.61 9.73
N PRO B 348 -12.06 -7.40 9.27
CA PRO B 348 -10.83 -7.29 8.51
C PRO B 348 -9.62 -7.47 9.43
N GLU B 349 -8.46 -7.69 8.83
CA GLU B 349 -7.18 -7.71 9.54
C GLU B 349 -7.03 -6.45 10.39
N TRP B 350 -6.41 -6.59 11.55
CA TRP B 350 -6.08 -5.43 12.36
C TRP B 350 -4.93 -4.66 11.74
N GLN B 351 -4.93 -3.36 11.97
CA GLN B 351 -3.80 -2.51 11.61
C GLN B 351 -3.54 -1.58 12.81
N PHE B 352 -2.29 -1.45 13.24
CA PHE B 352 -1.87 -0.40 14.22
C PHE B 352 -1.91 1.00 13.56
N ASN B 353 -2.49 1.98 14.23
CA ASN B 353 -2.44 3.34 13.72
C ASN B 353 -1.88 4.21 14.82
N SER B 354 -0.81 4.94 14.51
CA SER B 354 -0.20 5.87 15.45
C SER B 354 -0.94 7.20 15.49
N TYR B 355 -1.60 7.56 14.37
CA TYR B 355 -2.25 8.86 14.25
C TYR B 355 -1.28 10.05 14.31
N LEU B 356 0.01 9.81 14.04
CA LEU B 356 1.00 10.87 14.15
C LEU B 356 1.10 11.63 12.85
N GLY B 357 1.63 12.85 12.92
CA GLY B 357 1.76 13.70 11.72
C GLY B 357 0.48 14.45 11.37
N TRP B 358 0.51 15.15 10.24
CA TRP B 358 -0.59 15.97 9.77
C TRP B 358 -1.63 15.14 9.03
N GLN B 359 -2.88 15.26 9.44
CA GLN B 359 -3.96 14.48 8.85
C GLN B 359 -5.24 15.33 8.83
N GLU B 360 -6.21 14.90 8.04
CA GLU B 360 -7.46 15.57 7.87
C GLU B 360 -8.51 14.99 8.78
N GLN B 361 -9.28 15.85 9.42
CA GLN B 361 -10.38 15.35 10.22
C GLN B 361 -11.59 14.89 9.38
N GLY B 362 -11.82 15.52 8.23
CA GLY B 362 -13.02 15.24 7.41
C GLY B 362 -14.06 16.38 7.48
N ASP B 363 -13.78 17.39 8.29
CA ASP B 363 -14.72 18.49 8.46
C ASP B 363 -14.09 19.81 8.07
N GLY B 364 -12.92 19.74 7.42
CA GLY B 364 -12.24 20.97 7.01
C GLY B 364 -11.05 21.38 7.85
N LYS B 365 -10.91 20.76 9.03
CA LYS B 365 -9.76 21.05 9.87
C LYS B 365 -8.77 19.90 9.79
N LEU B 366 -7.55 20.17 10.25
CA LEU B 366 -6.52 19.15 10.35
C LEU B 366 -6.38 18.71 11.81
N PHE B 367 -5.68 17.62 12.02
CA PHE B 367 -5.14 17.35 13.33
C PHE B 367 -3.68 16.98 13.19
N TYR B 368 -2.92 17.03 14.28
CA TYR B 368 -1.54 16.69 14.23
C TYR B 368 -1.26 15.80 15.44
N GLY B 369 -0.81 14.57 15.17
CA GLY B 369 -0.33 13.69 16.23
C GLY B 369 1.15 13.93 16.56
N VAL B 370 1.39 14.27 17.83
CA VAL B 370 2.71 14.62 18.32
C VAL B 370 3.39 13.39 18.96
N HIS B 371 4.52 12.96 18.38
CA HIS B 371 5.28 11.85 18.95
C HIS B 371 5.89 12.34 20.26
N VAL B 372 5.64 11.59 21.34
CA VAL B 372 6.25 11.90 22.63
C VAL B 372 6.89 10.64 23.20
N ASP B 373 8.20 10.68 23.42
CA ASP B 373 8.86 9.48 23.95
C ASP B 373 8.37 9.20 25.34
N ASN B 374 7.76 8.02 25.53
CA ASN B 374 7.26 7.56 26.87
C ASN B 374 6.16 8.44 27.44
N GLY B 375 5.61 9.33 26.62
CA GLY B 375 4.53 10.17 27.10
C GLY B 375 4.97 11.23 28.08
N ARG B 376 6.28 11.39 28.27
CA ARG B 376 6.79 12.32 29.27
C ARG B 376 6.86 13.75 28.72
N VAL B 377 5.98 14.62 29.22
CA VAL B 377 5.84 16.00 28.72
C VAL B 377 6.48 16.95 29.75
N GLY B 378 7.59 17.58 29.39
CA GLY B 378 8.24 18.52 30.29
C GLY B 378 9.11 19.52 29.53
N GLY B 379 9.75 20.42 30.28
CA GLY B 379 10.75 21.36 29.74
C GLY B 379 10.14 22.14 28.62
N GLN B 380 10.90 22.39 27.55
CA GLN B 380 10.50 23.23 26.44
C GLN B 380 9.34 22.61 25.65
N ALA B 381 9.32 21.28 25.58
CA ALA B 381 8.25 20.59 24.85
C ALA B 381 6.94 20.93 25.53
N LYS B 382 6.96 20.84 26.86
CA LYS B 382 5.83 21.23 27.69
C LYS B 382 5.36 22.69 27.50
N LYS B 383 6.28 23.66 27.58
CA LYS B 383 5.99 25.08 27.35
C LYS B 383 5.37 25.36 25.99
N THR B 384 6.00 24.82 24.95
CA THR B 384 5.52 24.97 23.59
C THR B 384 4.14 24.36 23.36
N LEU B 385 3.90 23.18 23.90
CA LEU B 385 2.60 22.57 23.68
C LEU B 385 1.50 23.39 24.32
N ARG B 386 1.71 23.83 25.56
CA ARG B 386 0.72 24.70 26.18
C ARG B 386 0.49 25.97 25.36
N GLU B 387 1.59 26.58 24.90
CA GLU B 387 1.48 27.79 24.09
C GLU B 387 0.54 27.58 22.86
N ILE B 388 0.73 26.49 22.15
CA ILE B 388 -0.04 26.23 20.93
C ILE B 388 -1.50 25.98 21.29
N ILE B 389 -1.70 25.12 22.28
CA ILE B 389 -3.01 24.74 22.77
C ILE B 389 -3.80 25.95 23.28
N GLU B 390 -3.14 26.81 24.04
CA GLU B 390 -3.81 27.99 24.60
C GLU B 390 -4.10 29.02 23.51
N LYS B 391 -3.08 29.30 22.68
CA LYS B 391 -3.23 30.31 21.65
C LYS B 391 -4.32 29.95 20.63
N TYR B 392 -4.40 28.67 20.27
CA TYR B 392 -5.40 28.29 19.26
C TYR B 392 -6.67 27.75 19.88
N ASN B 393 -6.76 27.78 21.20
CA ASN B 393 -7.88 27.19 21.90
C ASN B 393 -8.19 25.78 21.46
N LEU B 394 -7.15 24.93 21.36
CA LEU B 394 -7.34 23.60 20.85
C LEU B 394 -7.80 22.63 21.93
N ASP B 395 -8.65 21.68 21.57
CA ASP B 395 -8.84 20.50 22.37
C ASP B 395 -7.84 19.44 21.91
N VAL B 396 -7.58 18.44 22.75
CA VAL B 396 -6.55 17.46 22.41
C VAL B 396 -6.98 16.06 22.79
N SER B 397 -6.18 15.07 22.39
CA SER B 397 -6.54 13.70 22.54
C SER B 397 -5.26 12.96 22.84
N ILE B 398 -5.28 12.10 23.85
CA ILE B 398 -4.12 11.29 24.18
C ILE B 398 -4.30 9.92 23.52
N THR B 399 -3.23 9.38 22.96
CA THR B 399 -3.26 8.06 22.35
C THR B 399 -2.75 6.94 23.32
N PRO B 400 -3.17 5.71 23.04
CA PRO B 400 -2.77 4.53 23.85
C PRO B 400 -1.28 4.24 23.64
N ASN B 401 -0.63 4.98 22.74
CA ASN B 401 0.85 4.89 22.70
C ASN B 401 1.54 6.06 23.36
N GLN B 402 0.85 6.71 24.30
CA GLN B 402 1.47 7.77 25.09
C GLN B 402 1.81 8.99 24.22
N ASN B 403 1.01 9.31 23.22
CA ASN B 403 1.30 10.44 22.33
C ASN B 403 0.18 11.45 22.48
N LEU B 404 0.32 12.63 21.86
CA LEU B 404 -0.72 13.64 21.98
C LEU B 404 -1.20 14.10 20.60
N ILE B 405 -2.50 14.09 20.38
CA ILE B 405 -3.06 14.64 19.17
C ILE B 405 -3.58 16.08 19.37
N LEU B 406 -3.12 17.03 18.55
CA LEU B 406 -3.67 18.39 18.55
C LEU B 406 -4.89 18.46 17.61
N CYS B 407 -6.06 18.78 18.15
CA CYS B 407 -7.29 18.61 17.32
C CYS B 407 -7.77 19.95 16.81
N GLY B 408 -8.47 19.91 15.68
CA GLY B 408 -9.18 21.07 15.19
C GLY B 408 -8.31 22.20 14.72
N ILE B 409 -7.27 21.87 13.98
CA ILE B 409 -6.32 22.88 13.52
C ILE B 409 -6.74 23.47 12.15
N ASP B 410 -6.88 24.82 12.05
CA ASP B 410 -7.20 25.46 10.77
C ASP B 410 -5.96 25.33 9.93
N GLN B 411 -6.13 25.13 8.64
CA GLN B 411 -4.99 24.85 7.80
C GLN B 411 -4.04 26.04 7.83
N ALA B 412 -4.58 27.24 7.99
CA ALA B 412 -3.75 28.43 8.12
C ALA B 412 -2.74 28.36 9.28
N TRP B 413 -3.03 27.55 10.31
CA TRP B 413 -2.15 27.44 11.47
C TRP B 413 -1.03 26.40 11.31
N ARG B 414 -1.01 25.68 10.19
CA ARG B 414 -0.17 24.49 10.08
C ARG B 414 1.33 24.82 10.19
N GLU B 415 1.80 25.73 9.34
CA GLU B 415 3.21 26.11 9.31
C GLU B 415 3.71 26.67 10.67
N PRO B 416 3.00 27.64 11.29
CA PRO B 416 3.44 28.12 12.63
C PRO B 416 3.49 27.04 13.69
N ILE B 417 2.47 26.20 13.75
CA ILE B 417 2.49 25.08 14.68
C ILE B 417 3.70 24.20 14.39
N THR B 418 3.91 23.81 13.13
CA THR B 418 5.00 22.92 12.77
C THR B 418 6.36 23.50 13.24
N THR B 419 6.57 24.78 12.94
CA THR B 419 7.75 25.55 13.37
C THR B 419 7.94 25.61 14.87
N ALA B 420 6.89 25.94 15.59
CA ALA B 420 6.98 26.06 17.04
C ALA B 420 7.36 24.69 17.60
N LEU B 421 6.68 23.63 17.13
CA LEU B 421 6.95 22.30 17.68
C LEU B 421 8.41 21.91 17.46
N ALA B 422 8.88 22.12 16.23
CA ALA B 422 10.23 21.70 15.82
C ALA B 422 11.30 22.40 16.63
N GLN B 423 11.08 23.68 16.90
CA GLN B 423 12.01 24.47 17.71
C GLN B 423 12.17 23.88 19.12
N ALA B 424 11.14 23.18 19.59
CA ALA B 424 11.12 22.62 20.94
C ALA B 424 11.59 21.17 21.01
N GLY B 425 12.04 20.61 19.88
CA GLY B 425 12.43 19.19 19.84
C GLY B 425 11.29 18.21 19.62
N LEU B 426 10.11 18.73 19.29
CA LEU B 426 8.99 17.87 18.92
C LEU B 426 8.95 17.70 17.41
N LEU B 427 9.54 16.59 16.96
CA LEU B 427 9.77 16.35 15.55
C LEU B 427 8.60 15.62 14.90
N GLU B 428 8.47 15.83 13.60
CA GLU B 428 7.50 15.09 12.83
C GLU B 428 7.93 13.64 12.63
N PRO B 429 6.97 12.74 12.35
CA PRO B 429 7.36 11.33 12.29
C PRO B 429 8.48 10.96 11.30
N LYS B 430 8.55 11.60 10.14
CA LYS B 430 9.65 11.36 9.19
C LYS B 430 11.03 11.63 9.80
N ASP B 431 11.10 12.46 10.83
CA ASP B 431 12.41 12.81 11.39
C ASP B 431 12.72 12.11 12.71
N VAL B 432 11.94 11.06 13.07
CA VAL B 432 12.14 10.31 14.31
C VAL B 432 12.53 8.92 13.88
N ASP B 433 13.52 8.31 14.54
CA ASP B 433 13.82 6.88 14.29
C ASP B 433 12.54 6.06 14.40
N PRO B 434 12.20 5.22 13.40
CA PRO B 434 10.95 4.41 13.50
C PRO B 434 10.86 3.49 14.71
N LEU B 435 11.97 3.13 15.33
CA LEU B 435 11.91 2.36 16.60
C LEU B 435 11.23 3.15 17.72
N ASN B 436 11.51 4.45 17.77
CA ASN B 436 10.95 5.33 18.78
C ASN B 436 9.45 5.54 18.55
N LEU B 437 8.99 5.54 17.28
CA LEU B 437 7.59 5.87 16.99
C LEU B 437 6.66 4.84 17.64
N THR B 438 7.07 3.57 17.59
CA THR B 438 6.22 2.48 18.07
C THR B 438 6.73 1.92 19.39
N ALA B 439 7.73 2.58 20.01
CA ALA B 439 8.23 2.13 21.31
C ALA B 439 7.46 2.68 22.49
N MET B 440 7.40 1.88 23.55
CA MET B 440 6.79 2.32 24.83
C MET B 440 7.52 1.74 26.04
N ALA B 441 7.59 2.49 27.12
CA ALA B 441 8.18 2.05 28.39
C ALA B 441 7.28 2.55 29.52
N CYS B 442 7.19 1.82 30.63
CA CYS B 442 6.34 2.30 31.74
C CYS B 442 7.20 3.22 32.62
N PRO B 443 6.59 3.93 33.61
CA PRO B 443 7.42 4.84 34.38
C PRO B 443 8.47 4.11 35.20
N ALA B 444 8.06 3.05 35.87
CA ALA B 444 8.98 2.25 36.69
C ALA B 444 9.72 3.18 37.66
N LEU B 445 11.03 3.01 37.80
CA LEU B 445 11.78 3.80 38.76
C LEU B 445 11.83 5.29 38.33
N PRO B 446 11.92 6.23 39.29
CA PRO B 446 12.12 6.02 40.72
C PRO B 446 10.83 5.96 41.54
N LEU B 447 9.67 6.21 40.95
CA LEU B 447 8.42 6.27 41.77
C LEU B 447 7.50 5.03 41.80
N CYS B 448 7.62 4.13 40.85
CA CYS B 448 6.84 2.88 40.95
C CYS B 448 7.33 1.98 42.10
N PRO B 449 6.42 1.61 43.01
CA PRO B 449 6.78 0.75 44.16
C PRO B 449 7.10 -0.67 43.75
N LEU B 450 6.64 -1.06 42.55
CA LEU B 450 6.71 -2.45 42.13
C LEU B 450 7.85 -2.70 41.17
N ALA B 451 8.46 -1.62 40.68
CA ALA B 451 9.56 -1.74 39.71
C ALA B 451 10.73 -2.55 40.24
N GLN B 452 11.35 -3.31 39.33
CA GLN B 452 12.53 -4.12 39.63
C GLN B 452 13.76 -3.48 39.02
N THR B 453 13.51 -2.81 37.90
CA THR B 453 14.54 -2.14 37.14
C THR B 453 13.94 -0.94 36.38
N GLU B 454 14.79 -0.22 35.66
CA GLU B 454 14.31 0.92 34.86
C GLU B 454 13.52 0.52 33.62
N ALA B 455 12.74 1.46 33.13
CA ALA B 455 12.02 1.28 31.90
C ALA B 455 12.06 2.62 31.19
N GLU B 456 11.21 3.57 31.57
CA GLU B 456 11.27 4.90 30.94
C GLU B 456 12.67 5.50 30.98
N ARG B 457 13.36 5.36 32.11
CA ARG B 457 14.63 6.02 32.27
C ARG B 457 15.73 5.28 31.54
N GLY B 458 15.45 4.07 31.06
CA GLY B 458 16.47 3.31 30.31
C GLY B 458 16.20 3.05 28.82
N ILE B 459 14.96 3.26 28.36
CA ILE B 459 14.60 2.79 27.03
C ILE B 459 15.31 3.52 25.88
N LEU B 460 15.51 4.82 26.03
CA LEU B 460 16.13 5.59 24.94
C LEU B 460 17.58 5.20 24.58
N PRO B 461 18.47 4.99 25.58
CA PRO B 461 19.70 4.31 25.22
C PRO B 461 19.54 2.94 24.60
N ILE B 462 18.57 2.14 25.07
CA ILE B 462 18.35 0.83 24.46
C ILE B 462 17.98 0.96 22.97
N LEU B 463 17.06 1.86 22.65
CA LEU B 463 16.65 2.02 21.27
C LEU B 463 17.83 2.43 20.39
N LYS B 464 18.71 3.28 20.91
CA LYS B 464 19.94 3.63 20.18
C LYS B 464 20.87 2.42 19.91
N ARG B 465 21.01 1.55 20.89
CA ARG B 465 21.79 0.33 20.75
C ARG B 465 21.11 -0.62 19.77
N ILE B 466 19.78 -0.64 19.74
CA ILE B 466 19.09 -1.48 18.78
C ILE B 466 19.30 -0.93 17.37
N ARG B 467 19.22 0.39 17.20
CA ARG B 467 19.62 0.99 15.90
C ARG B 467 21.06 0.63 15.51
N ALA B 468 21.97 0.66 16.48
CA ALA B 468 23.36 0.34 16.21
C ALA B 468 23.53 -1.13 15.84
N VAL B 469 22.71 -2.01 16.41
CA VAL B 469 22.69 -3.41 15.97
C VAL B 469 22.24 -3.59 14.53
N PHE B 470 21.09 -2.99 14.16
CA PHE B 470 20.65 -2.95 12.78
C PHE B 470 21.76 -2.43 11.84
N ASN B 471 22.42 -1.34 12.22
CA ASN B 471 23.46 -0.73 11.36
C ASN B 471 24.62 -1.71 11.14
N LYS B 472 24.97 -2.45 12.20
CA LYS B 472 26.04 -3.44 12.14
C LYS B 472 25.68 -4.60 11.23
N VAL B 473 24.44 -5.07 11.36
CA VAL B 473 23.95 -6.24 10.62
C VAL B 473 23.69 -5.94 9.15
N GLY B 474 23.42 -4.68 8.81
CA GLY B 474 23.15 -4.30 7.42
C GLY B 474 21.68 -4.03 7.12
N ILE B 475 20.92 -3.76 8.18
CA ILE B 475 19.50 -3.51 8.09
C ILE B 475 19.37 -1.99 7.95
N LYS B 476 18.58 -1.55 6.97
CA LYS B 476 18.42 -0.14 6.61
C LYS B 476 17.67 0.58 7.71
N ASP B 477 17.88 1.89 7.81
CA ASP B 477 17.42 2.63 8.98
C ASP B 477 15.93 3.03 8.92
N SER B 478 15.24 2.61 7.86
CA SER B 478 13.78 2.62 7.75
C SER B 478 13.14 1.38 8.36
N GLU B 479 13.90 0.32 8.57
CA GLU B 479 13.33 -0.88 9.20
C GLU B 479 13.18 -0.68 10.72
N SER B 480 12.33 -1.50 11.34
CA SER B 480 11.88 -1.33 12.69
C SER B 480 11.22 -2.61 13.20
N VAL B 481 11.13 -2.68 14.53
CA VAL B 481 10.33 -3.67 15.23
C VAL B 481 9.74 -2.95 16.42
N VAL B 482 8.63 -3.44 16.93
CA VAL B 482 8.00 -2.85 18.12
C VAL B 482 8.73 -3.27 19.40
N VAL B 483 9.25 -2.28 20.12
CA VAL B 483 10.00 -2.51 21.32
C VAL B 483 9.20 -2.00 22.50
N ARG B 484 8.95 -2.85 23.47
CA ARG B 484 8.22 -2.41 24.66
C ARG B 484 8.94 -2.90 25.90
N ILE B 485 9.10 -2.00 26.88
CA ILE B 485 9.97 -2.26 28.03
C ILE B 485 9.20 -1.95 29.32
N THR B 486 9.17 -2.90 30.27
CA THR B 486 8.59 -2.61 31.58
C THR B 486 9.60 -2.93 32.68
N GLY B 487 9.38 -2.36 33.86
CA GLY B 487 10.28 -2.51 34.98
C GLY B 487 10.02 -3.76 35.78
N CYS B 488 8.92 -4.44 35.46
CA CYS B 488 8.51 -5.66 36.19
C CYS B 488 7.46 -6.39 35.36
N PRO B 489 7.03 -7.60 35.80
CA PRO B 489 6.17 -8.36 34.88
C PRO B 489 4.69 -7.92 34.82
N ASN B 490 4.30 -6.89 35.58
CA ASN B 490 2.90 -6.42 35.52
C ASN B 490 2.38 -6.01 34.13
N GLY B 491 3.26 -5.48 33.29
CA GLY B 491 2.97 -5.35 31.86
C GLY B 491 2.30 -4.07 31.44
N CYS B 492 2.57 -2.99 32.18
CA CYS B 492 1.92 -1.68 31.98
C CYS B 492 2.19 -1.08 30.58
N ALA B 493 3.35 -1.37 29.98
CA ALA B 493 3.59 -0.94 28.58
C ALA B 493 3.17 -2.01 27.55
N ARG B 494 2.31 -2.94 28.00
CA ARG B 494 1.82 -4.05 27.18
C ARG B 494 2.95 -4.81 26.44
N PRO B 495 4.01 -5.21 27.19
CA PRO B 495 5.23 -5.75 26.54
C PRO B 495 5.03 -7.16 25.98
N TYR B 496 3.98 -7.84 26.43
CA TYR B 496 3.68 -9.19 25.95
C TYR B 496 3.03 -9.19 24.60
N MET B 497 2.76 -8.01 24.07
CA MET B 497 2.31 -7.87 22.68
C MET B 497 3.42 -7.38 21.74
N ALA B 498 4.62 -7.18 22.27
CA ALA B 498 5.71 -6.56 21.47
C ALA B 498 6.38 -7.57 20.55
N GLU B 499 6.93 -7.07 19.44
CA GLU B 499 7.86 -7.84 18.63
C GLU B 499 9.14 -8.15 19.43
N LEU B 500 9.52 -7.22 20.32
CA LEU B 500 10.68 -7.42 21.19
C LEU B 500 10.34 -6.76 22.53
N GLY B 501 10.00 -7.60 23.50
CA GLY B 501 9.56 -7.11 24.79
C GLY B 501 10.65 -7.32 25.78
N PHE B 502 10.97 -6.29 26.58
CA PHE B 502 11.96 -6.45 27.67
C PHE B 502 11.19 -6.27 29.02
N VAL B 503 11.16 -7.29 29.85
CA VAL B 503 10.35 -7.26 31.07
C VAL B 503 11.30 -7.38 32.26
N GLY B 504 11.44 -6.32 33.05
CA GLY B 504 12.43 -6.33 34.11
C GLY B 504 12.30 -7.55 35.01
N ASP B 505 13.40 -8.25 35.26
CA ASP B 505 13.32 -9.43 36.10
C ASP B 505 14.43 -9.46 37.15
N GLY B 506 15.05 -8.31 37.34
CA GLY B 506 16.12 -8.15 38.34
C GLY B 506 16.66 -6.76 38.19
N PRO B 507 17.45 -6.28 39.17
CA PRO B 507 18.04 -4.93 39.21
C PRO B 507 18.60 -4.39 37.88
N LYS B 508 19.31 -5.21 37.12
CA LYS B 508 19.90 -4.73 35.86
C LYS B 508 19.67 -5.70 34.71
N SER B 509 18.52 -6.39 34.75
CA SER B 509 18.24 -7.47 33.81
C SER B 509 16.78 -7.56 33.39
N TYR B 510 16.59 -8.13 32.19
CA TYR B 510 15.28 -8.31 31.61
C TYR B 510 15.03 -9.71 31.10
N GLN B 511 13.76 -10.04 31.10
CA GLN B 511 13.25 -11.21 30.44
C GLN B 511 12.91 -10.74 29.03
N ILE B 512 13.35 -11.49 28.01
CA ILE B 512 13.11 -11.10 26.63
C ILE B 512 11.96 -11.91 26.08
N TRP B 513 11.00 -11.22 25.47
CA TRP B 513 9.82 -11.82 24.93
C TRP B 513 9.80 -11.54 23.40
N LEU B 514 9.39 -12.54 22.61
CA LEU B 514 9.33 -12.40 21.15
C LEU B 514 8.01 -12.94 20.65
N GLY B 515 7.55 -12.45 19.51
CA GLY B 515 6.39 -13.08 18.87
C GLY B 515 5.14 -12.22 18.78
N GLY B 516 5.19 -11.02 19.33
CA GLY B 516 4.19 -10.02 18.98
C GLY B 516 4.38 -9.60 17.53
N THR B 517 3.38 -8.96 16.95
CA THR B 517 3.47 -8.58 15.52
C THR B 517 3.12 -7.10 15.43
N PRO B 518 3.48 -6.45 14.31
CA PRO B 518 3.19 -5.03 14.12
C PRO B 518 1.76 -4.58 14.40
N ASN B 519 0.75 -5.44 14.26
CA ASN B 519 -0.66 -4.99 14.41
C ASN B 519 -1.26 -5.38 15.75
N GLN B 520 -0.39 -5.83 16.65
CA GLN B 520 -0.77 -6.36 17.97
C GLN B 520 -1.85 -7.43 17.93
N SER B 521 -1.72 -8.37 16.98
CA SER B 521 -2.68 -9.46 16.88
C SER B 521 -2.20 -10.78 17.48
N THR B 522 -0.98 -10.81 17.99
CA THR B 522 -0.41 -12.05 18.54
C THR B 522 0.20 -11.82 19.91
N LEU B 523 0.23 -12.86 20.71
CA LEU B 523 0.82 -12.82 22.05
C LEU B 523 2.26 -13.33 21.97
N ALA B 524 3.20 -12.52 22.43
CA ALA B 524 4.61 -12.94 22.55
C ALA B 524 4.78 -14.10 23.54
N GLU B 525 5.93 -14.76 23.45
CA GLU B 525 6.30 -15.79 24.43
C GLU B 525 7.64 -15.44 25.02
N SER B 526 7.90 -15.98 26.21
CA SER B 526 9.10 -15.68 26.93
C SER B 526 10.24 -16.39 26.24
N PHE B 527 11.24 -15.64 25.79
CA PHE B 527 12.37 -16.22 25.01
C PHE B 527 13.56 -16.59 25.90
N MET B 528 14.07 -15.61 26.63
CA MET B 528 15.18 -15.81 27.53
C MET B 528 14.94 -15.01 28.82
N ASP B 529 15.41 -15.54 29.96
CA ASP B 529 15.31 -14.87 31.27
C ASP B 529 16.63 -14.26 31.71
N LYS B 530 16.56 -13.20 32.52
CA LYS B 530 17.75 -12.62 33.17
C LYS B 530 18.84 -12.23 32.19
N VAL B 531 18.44 -11.54 31.13
CA VAL B 531 19.42 -10.98 30.20
C VAL B 531 19.93 -9.65 30.78
N LYS B 532 21.23 -9.59 31.06
CA LYS B 532 21.82 -8.39 31.64
C LYS B 532 21.87 -7.23 30.63
N LEU B 533 21.45 -6.04 31.04
CA LEU B 533 21.54 -4.83 30.21
C LEU B 533 22.78 -4.77 29.34
N ASP B 534 23.93 -5.08 29.93
CA ASP B 534 25.23 -5.05 29.25
C ASP B 534 25.31 -6.04 28.09
N ASP B 535 24.49 -7.09 28.14
CA ASP B 535 24.56 -8.23 27.23
C ASP B 535 23.50 -8.27 26.11
N ILE B 536 22.65 -7.25 26.00
CA ILE B 536 21.50 -7.39 25.08
C ILE B 536 21.90 -7.67 23.61
N GLU B 537 23.06 -7.18 23.20
CA GLU B 537 23.48 -7.32 21.79
C GLU B 537 23.83 -8.78 21.50
N LYS B 538 24.25 -9.48 22.54
CA LYS B 538 24.61 -10.89 22.40
C LYS B 538 23.40 -11.76 22.11
N VAL B 539 22.21 -11.25 22.48
CA VAL B 539 20.97 -11.85 22.06
C VAL B 539 20.45 -11.24 20.75
N LEU B 540 20.42 -9.92 20.65
CA LEU B 540 19.80 -9.25 19.52
C LEU B 540 20.54 -9.34 18.19
N GLU B 541 21.87 -9.26 18.20
CA GLU B 541 22.61 -9.33 16.96
C GLU B 541 22.41 -10.66 16.20
N PRO B 542 22.47 -11.82 16.89
CA PRO B 542 22.13 -13.02 16.10
C PRO B 542 20.67 -13.12 15.62
N LEU B 543 19.74 -12.63 16.44
CA LEU B 543 18.35 -12.66 16.05
C LEU B 543 18.15 -11.75 14.83
N PHE B 544 18.67 -10.53 14.90
CA PHE B 544 18.53 -9.60 13.80
C PHE B 544 19.28 -9.99 12.52
N THR B 545 20.42 -10.68 12.68
CA THR B 545 21.19 -11.23 11.55
C THR B 545 20.41 -12.34 10.84
N TYR B 546 19.81 -13.24 11.62
CA TYR B 546 19.04 -14.36 11.09
C TYR B 546 17.77 -13.87 10.37
N TRP B 547 17.10 -12.90 10.98
CA TRP B 547 15.97 -12.21 10.33
C TRP B 547 16.38 -11.56 9.02
N ASN B 548 17.35 -10.66 9.07
CA ASN B 548 17.84 -10.02 7.84
C ASN B 548 18.19 -11.07 6.77
N GLY B 549 18.86 -12.13 7.17
CA GLY B 549 19.40 -13.13 6.26
C GLY B 549 18.34 -14.02 5.64
N THR B 550 17.29 -14.39 6.39
CA THR B 550 16.38 -15.43 5.89
C THR B 550 14.90 -15.02 5.84
N ARG B 551 14.56 -13.80 6.24
CA ARG B 551 13.16 -13.39 6.28
C ARG B 551 12.62 -13.37 4.83
N GLN B 552 11.31 -13.51 4.67
CA GLN B 552 10.78 -13.40 3.31
C GLN B 552 10.52 -11.93 3.07
N GLU B 553 10.32 -11.55 1.82
CA GLU B 553 10.15 -10.13 1.46
C GLU B 553 9.10 -9.49 2.33
N GLY B 554 9.49 -8.43 3.01
CA GLY B 554 8.54 -7.63 3.77
C GLY B 554 8.10 -8.31 5.06
N GLU B 555 8.68 -9.47 5.37
CA GLU B 555 8.24 -10.21 6.57
C GLU B 555 8.68 -9.48 7.83
N SER B 556 7.73 -9.14 8.71
CA SER B 556 8.09 -8.48 9.98
C SER B 556 8.90 -9.41 10.88
N PHE B 557 9.66 -8.79 11.79
CA PHE B 557 10.39 -9.52 12.83
C PHE B 557 9.47 -10.44 13.62
N GLY B 558 8.34 -9.90 14.06
CA GLY B 558 7.33 -10.71 14.75
C GLY B 558 6.83 -11.93 13.96
N SER B 559 6.46 -11.73 12.69
CA SER B 559 5.95 -12.83 11.88
C SER B 559 7.03 -13.87 11.63
N PHE B 560 8.25 -13.38 11.45
CA PHE B 560 9.41 -14.21 11.22
C PHE B 560 9.66 -15.13 12.41
N THR B 561 9.62 -14.54 13.61
CA THR B 561 9.86 -15.24 14.84
C THR B 561 8.88 -16.39 15.03
N ASN B 562 7.59 -16.09 14.86
CA ASN B 562 6.53 -17.06 14.92
C ASN B 562 6.63 -18.15 13.89
N ARG B 563 7.07 -17.80 12.68
CA ARG B 563 7.20 -18.80 11.63
C ARG B 563 8.36 -19.74 11.95
N THR B 564 9.49 -19.18 12.39
CA THR B 564 10.70 -19.98 12.61
C THR B 564 10.63 -20.80 13.92
N GLY B 565 10.16 -20.15 14.98
CA GLY B 565 9.97 -20.82 16.26
C GLY B 565 11.17 -20.76 17.18
N PHE B 566 10.93 -20.96 18.48
CA PHE B 566 12.00 -20.77 19.48
C PHE B 566 13.16 -21.77 19.42
N ASP B 567 12.89 -23.02 19.05
CA ASP B 567 13.96 -24.01 18.94
C ASP B 567 15.05 -23.55 17.95
N LYS B 568 14.62 -23.13 16.78
CA LYS B 568 15.55 -22.56 15.82
C LYS B 568 16.23 -21.29 16.34
N LEU B 569 15.45 -20.36 16.91
CA LEU B 569 15.98 -19.09 17.36
C LEU B 569 16.98 -19.22 18.52
N LYS B 570 16.73 -20.17 19.42
CA LYS B 570 17.70 -20.48 20.47
C LYS B 570 19.03 -21.00 19.93
N GLU B 571 18.96 -21.95 19.00
CA GLU B 571 20.15 -22.47 18.33
C GLU B 571 20.99 -21.34 17.75
N VAL B 572 20.35 -20.47 16.95
CA VAL B 572 21.00 -19.31 16.35
C VAL B 572 21.68 -18.39 17.36
N VAL B 573 21.01 -18.08 18.46
CA VAL B 573 21.62 -17.24 19.50
C VAL B 573 22.83 -17.96 20.13
N ASN B 574 22.66 -19.25 20.43
CA ASN B 574 23.71 -20.06 21.02
C ASN B 574 24.90 -20.26 20.11
N LYS B 575 24.63 -20.66 18.86
CA LYS B 575 25.64 -20.78 17.81
C LYS B 575 26.54 -19.52 17.76
N TRP B 576 25.93 -18.35 17.89
CA TRP B 576 26.59 -17.04 17.74
C TRP B 576 27.72 -16.77 18.73
N ALA B 577 27.44 -17.12 19.98
CA ALA B 577 28.31 -16.82 21.13
C ALA B 577 29.74 -17.28 20.89
N GLU B 578 29.94 -18.27 20.03
CA GLU B 578 31.29 -18.72 19.75
C GLU B 578 31.53 -19.19 18.29
N SER B 579 30.93 -18.60 17.26
CA SER B 579 31.40 -17.51 16.36
C SER B 579 32.44 -16.37 16.55
N PRO B 580 33.27 -16.16 15.50
CA PRO B 580 34.04 -14.94 15.32
C PRO B 580 33.21 -13.67 15.58
N SER B 581 31.89 -13.73 15.42
CA SER B 581 31.05 -12.60 15.81
C SER B 581 31.08 -12.38 17.33
N ALA B 582 31.99 -11.49 17.76
CA ALA B 582 32.46 -11.41 19.15
C ALA B 582 33.06 -10.03 19.48
N ALA C 1 27.96 21.48 -41.30
CA ALA C 1 27.55 22.53 -42.25
C ALA C 1 26.17 23.02 -41.85
N THR C 2 25.96 24.33 -41.91
CA THR C 2 24.64 24.91 -41.64
C THR C 2 24.15 25.60 -42.93
N TYR C 3 22.89 25.34 -43.27
CA TYR C 3 22.32 25.84 -44.52
C TYR C 3 21.18 26.87 -44.31
N ASN C 4 21.04 27.79 -45.26
CA ASN C 4 19.85 28.64 -45.34
C ASN C 4 18.62 27.81 -45.71
N VAL C 5 17.64 27.75 -44.81
CA VAL C 5 16.37 27.06 -45.07
C VAL C 5 15.22 28.09 -45.13
N LYS C 6 14.74 28.36 -46.35
CA LYS C 6 13.60 29.27 -46.53
C LYS C 6 12.29 28.47 -46.57
N LEU C 7 11.42 28.76 -45.60
CA LEU C 7 10.13 28.10 -45.48
C LEU C 7 9.03 28.99 -46.07
N ILE C 8 8.35 28.49 -47.10
CA ILE C 8 7.20 29.16 -47.68
C ILE C 8 5.94 28.68 -46.97
N THR C 9 5.48 29.46 -45.99
CA THR C 9 4.27 29.12 -45.22
C THR C 9 3.07 29.94 -45.72
N PRO C 10 1.83 29.46 -45.47
CA PRO C 10 0.64 30.23 -45.84
C PRO C 10 0.60 31.65 -45.24
N GLU C 11 1.48 31.89 -44.27
CA GLU C 11 1.49 33.15 -43.52
C GLU C 11 2.65 34.07 -43.95
N GLY C 12 3.76 33.47 -44.37
CA GLY C 12 4.90 34.23 -44.87
C GLY C 12 6.14 33.40 -45.18
N GLU C 13 7.16 34.08 -45.69
CA GLU C 13 8.48 33.47 -45.85
C GLU C 13 9.26 33.63 -44.55
N VAL C 14 9.65 32.52 -43.93
CA VAL C 14 10.61 32.59 -42.84
C VAL C 14 11.91 31.88 -43.22
N GLU C 15 13.02 32.54 -42.91
CA GLU C 15 14.34 32.04 -43.32
C GLU C 15 15.10 31.65 -42.04
N LEU C 16 15.51 30.39 -41.96
CA LEU C 16 16.24 29.91 -40.79
C LEU C 16 17.53 29.20 -41.16
N GLN C 17 18.44 29.15 -40.19
CA GLN C 17 19.70 28.44 -40.38
C GLN C 17 19.65 27.11 -39.64
N VAL C 18 19.79 26.03 -40.40
CA VAL C 18 19.70 24.67 -39.85
C VAL C 18 20.97 23.86 -40.11
N PRO C 19 21.58 23.31 -39.03
CA PRO C 19 22.64 22.28 -39.12
C PRO C 19 22.23 21.03 -39.91
N ASP C 20 23.20 20.39 -40.55
CA ASP C 20 22.94 19.21 -41.39
C ASP C 20 22.70 17.93 -40.56
N ASP C 21 22.77 18.09 -39.24
CA ASP C 21 22.42 17.02 -38.31
C ASP C 21 21.16 17.38 -37.51
N VAL C 22 20.41 18.38 -37.96
CA VAL C 22 19.20 18.79 -37.25
C VAL C 22 18.00 18.79 -38.21
N TYR C 23 16.99 17.99 -37.89
CA TYR C 23 15.77 17.96 -38.68
C TYR C 23 15.21 19.39 -38.85
N ILE C 24 14.77 19.69 -40.06
CA ILE C 24 14.17 20.99 -40.33
C ILE C 24 13.06 21.38 -39.34
N LEU C 25 12.13 20.43 -39.07
CA LEU C 25 11.05 20.71 -38.10
C LEU C 25 11.60 21.10 -36.74
N ASP C 26 12.55 20.31 -36.25
CA ASP C 26 13.15 20.49 -34.93
C ASP C 26 13.75 21.89 -34.76
N GLN C 27 14.57 22.30 -35.73
CA GLN C 27 15.15 23.65 -35.70
C GLN C 27 14.08 24.76 -35.76
N ALA C 28 13.12 24.62 -36.67
CA ALA C 28 12.05 25.62 -36.86
C ALA C 28 11.32 25.92 -35.54
N GLU C 29 10.81 24.86 -34.91
CA GLU C 29 10.13 24.95 -33.64
C GLU C 29 10.99 25.59 -32.54
N GLU C 30 12.30 25.34 -32.61
CA GLU C 30 13.25 25.83 -31.59
C GLU C 30 13.41 27.35 -31.66
N ASP C 31 13.06 27.91 -32.81
CA ASP C 31 13.14 29.34 -33.05
C ASP C 31 11.87 30.06 -32.57
N GLY C 32 10.73 29.43 -32.86
CA GLY C 32 9.41 29.94 -32.49
C GLY C 32 8.44 29.80 -33.65
N ILE C 33 8.86 29.06 -34.66
CA ILE C 33 8.12 28.92 -35.91
C ILE C 33 7.19 27.70 -35.89
N ASP C 34 5.89 27.98 -35.87
CA ASP C 34 4.86 26.96 -35.77
C ASP C 34 4.65 26.25 -37.10
N LEU C 35 5.06 24.98 -37.16
CA LEU C 35 4.85 24.12 -38.31
C LEU C 35 3.96 22.92 -37.92
N PRO C 36 3.20 22.36 -38.89
CA PRO C 36 2.35 21.21 -38.55
C PRO C 36 3.16 19.93 -38.31
N TYR C 37 2.66 19.10 -37.41
CA TYR C 37 3.20 17.77 -37.16
C TYR C 37 2.19 16.92 -36.39
N SER C 38 2.50 15.63 -36.27
CA SER C 38 1.72 14.69 -35.47
C SER C 38 2.70 13.68 -34.88
N CYS C 39 3.21 12.78 -35.72
CA CYS C 39 4.00 11.63 -35.29
C CYS C 39 5.50 11.92 -35.09
N ARG C 40 6.00 12.94 -35.79
CA ARG C 40 7.43 13.32 -35.69
C ARG C 40 8.36 12.12 -35.79
N ALA C 41 7.95 11.09 -36.53
CA ALA C 41 8.79 9.92 -36.77
C ALA C 41 8.83 9.51 -38.25
N GLY C 42 8.57 10.48 -39.12
CA GLY C 42 8.58 10.25 -40.57
C GLY C 42 7.63 9.19 -41.10
N SER C 43 6.52 8.94 -40.38
CA SER C 43 5.63 7.80 -40.67
C SER C 43 4.25 8.23 -41.17
N CYS C 44 4.11 9.51 -41.53
CA CYS C 44 2.81 10.08 -41.88
C CYS C 44 2.90 11.30 -42.82
N SER C 45 1.76 11.98 -43.01
CA SER C 45 1.72 13.13 -43.92
C SER C 45 1.60 14.48 -43.21
N SER C 46 1.59 14.46 -41.87
CA SER C 46 1.34 15.68 -41.06
C SER C 46 2.29 16.85 -41.39
N CYS C 47 3.56 16.54 -41.56
CA CYS C 47 4.58 17.57 -41.65
C CYS C 47 4.99 17.79 -43.11
N ALA C 48 4.20 17.25 -44.04
CA ALA C 48 4.58 17.23 -45.46
C ALA C 48 4.87 18.61 -45.97
N GLY C 49 5.95 18.71 -46.76
CA GLY C 49 6.25 19.89 -47.52
C GLY C 49 6.63 19.56 -48.96
N LYS C 50 7.00 20.60 -49.70
CA LYS C 50 7.54 20.43 -51.04
C LYS C 50 8.93 21.06 -51.12
N VAL C 51 9.91 20.33 -51.62
CA VAL C 51 11.20 20.94 -51.97
C VAL C 51 11.13 21.58 -53.37
N VAL C 52 11.38 22.89 -53.41
CA VAL C 52 11.24 23.72 -54.61
C VAL C 52 12.62 24.15 -55.14
N SER C 53 13.61 24.12 -54.25
CA SER C 53 15.03 24.17 -54.62
C SER C 53 15.94 23.75 -53.48
N GLY C 54 17.04 23.09 -53.86
CA GLY C 54 17.97 22.49 -52.91
C GLY C 54 17.71 21.02 -52.67
N SER C 55 18.41 20.47 -51.69
CA SER C 55 18.32 19.05 -51.37
C SER C 55 18.22 18.81 -49.87
N VAL C 56 17.75 17.62 -49.51
CA VAL C 56 17.62 17.21 -48.11
C VAL C 56 18.06 15.76 -47.99
N ASP C 57 18.44 15.39 -46.77
CA ASP C 57 18.60 13.98 -46.42
C ASP C 57 17.38 13.61 -45.59
N GLN C 58 16.45 12.89 -46.22
CA GLN C 58 15.25 12.44 -45.51
C GLN C 58 15.21 10.90 -45.46
N SER C 59 16.38 10.29 -45.59
CA SER C 59 16.49 8.84 -45.62
C SER C 59 16.01 8.12 -44.34
N ASP C 60 15.74 8.87 -43.27
CA ASP C 60 15.15 8.30 -42.03
C ASP C 60 13.64 8.04 -42.18
N GLN C 61 13.00 8.82 -43.05
CA GLN C 61 11.57 8.70 -43.35
C GLN C 61 11.19 7.34 -43.99
N SER C 62 9.88 7.06 -44.03
CA SER C 62 9.38 5.73 -44.40
C SER C 62 8.00 5.79 -45.06
N TYR C 63 7.34 6.95 -44.93
CA TYR C 63 5.98 7.13 -45.42
C TYR C 63 5.94 7.24 -46.95
N LEU C 64 6.65 8.23 -47.49
CA LEU C 64 6.72 8.47 -48.94
C LEU C 64 7.44 7.33 -49.71
N ASP C 65 6.87 6.89 -50.83
CA ASP C 65 7.62 5.99 -51.72
C ASP C 65 8.67 6.73 -52.56
N ASP C 66 9.47 5.98 -53.33
CA ASP C 66 10.56 6.54 -54.15
C ASP C 66 10.08 7.55 -55.19
N GLY C 67 8.95 7.26 -55.84
CA GLY C 67 8.29 8.19 -56.75
C GLY C 67 7.98 9.54 -56.12
N GLN C 68 7.35 9.52 -54.95
CA GLN C 68 7.00 10.75 -54.22
C GLN C 68 8.19 11.57 -53.77
N ILE C 69 9.28 10.91 -53.35
CA ILE C 69 10.53 11.63 -53.04
C ILE C 69 11.18 12.21 -54.29
N ALA C 70 11.18 11.46 -55.39
CA ALA C 70 11.64 11.97 -56.67
C ALA C 70 10.86 13.22 -57.13
N ASP C 71 9.58 13.31 -56.74
CA ASP C 71 8.74 14.46 -57.09
C ASP C 71 8.97 15.68 -56.18
N GLY C 72 9.80 15.51 -55.15
CA GLY C 72 10.22 16.63 -54.32
C GLY C 72 9.43 16.81 -53.04
N TRP C 73 8.57 15.86 -52.71
CA TRP C 73 7.88 15.89 -51.43
C TRP C 73 8.88 15.63 -50.30
N VAL C 74 8.61 16.21 -49.14
CA VAL C 74 9.47 16.03 -47.97
C VAL C 74 8.67 15.92 -46.66
N LEU C 75 9.09 15.00 -45.79
CA LEU C 75 8.59 14.97 -44.43
C LEU C 75 9.52 15.78 -43.53
N THR C 76 9.09 16.98 -43.16
CA THR C 76 10.00 17.98 -42.56
C THR C 76 10.51 17.57 -41.16
N CYS C 77 9.73 16.74 -40.45
CA CYS C 77 10.15 16.19 -39.14
C CYS C 77 11.33 15.23 -39.29
N HIS C 78 11.50 14.64 -40.48
CA HIS C 78 12.57 13.65 -40.68
C HIS C 78 13.59 13.97 -41.78
N ALA C 79 13.82 15.27 -41.99
CA ALA C 79 14.62 15.79 -43.12
C ALA C 79 15.78 16.70 -42.70
N TYR C 80 16.99 16.30 -43.04
CA TYR C 80 18.19 17.12 -42.79
C TYR C 80 18.52 17.93 -44.03
N PRO C 81 18.77 19.24 -43.88
CA PRO C 81 19.24 20.00 -45.05
C PRO C 81 20.58 19.45 -45.51
N THR C 82 20.78 19.36 -46.83
CA THR C 82 22.09 19.04 -47.43
C THR C 82 22.60 20.15 -48.35
N SER C 83 21.74 21.16 -48.52
CA SER C 83 22.09 22.40 -49.23
C SER C 83 21.17 23.51 -48.70
N ASP C 84 21.41 24.74 -49.15
CA ASP C 84 20.38 25.75 -49.12
C ASP C 84 19.12 25.16 -49.77
N VAL C 85 17.97 25.41 -49.14
CA VAL C 85 16.73 24.78 -49.54
C VAL C 85 15.48 25.68 -49.33
N VAL C 86 14.63 25.73 -50.34
CA VAL C 86 13.34 26.39 -50.22
C VAL C 86 12.30 25.27 -50.04
N ILE C 87 11.48 25.36 -48.98
CA ILE C 87 10.37 24.42 -48.78
C ILE C 87 9.01 25.12 -48.56
N GLU C 88 8.03 24.77 -49.41
CA GLU C 88 6.60 25.13 -49.21
C GLU C 88 5.99 24.16 -48.19
N THR C 89 5.64 24.68 -47.02
CA THR C 89 5.16 23.84 -45.92
C THR C 89 3.62 23.77 -45.94
N HIS C 90 3.03 23.00 -45.02
CA HIS C 90 1.57 22.85 -44.92
C HIS C 90 0.97 22.23 -46.20
N LYS C 91 1.65 21.22 -46.73
CA LYS C 91 1.28 20.59 -48.01
C LYS C 91 0.66 19.21 -47.83
N GLU C 92 0.37 18.88 -46.57
CA GLU C 92 -0.27 17.59 -46.24
C GLU C 92 -1.52 17.39 -47.09
N GLU C 93 -2.41 18.39 -47.12
CA GLU C 93 -3.68 18.34 -47.88
C GLU C 93 -3.47 18.06 -49.38
N GLU C 94 -2.50 18.75 -49.96
CA GLU C 94 -2.04 18.53 -51.35
C GLU C 94 -1.71 17.07 -51.71
N LEU C 95 -1.53 16.21 -50.71
CA LEU C 95 -0.75 14.96 -50.86
C LEU C 95 -1.42 13.60 -51.25
N THR C 96 -2.44 13.06 -50.56
CA THR C 96 -3.35 13.65 -49.56
C THR C 96 -4.17 14.84 -50.06
FE1 SF4 D . 6.56 5.01 -28.50
FE2 SF4 D . 6.08 2.47 -27.70
FE3 SF4 D . 8.16 3.73 -26.71
FE4 SF4 D . 8.24 3.06 -29.34
S1 SF4 D . 8.23 1.60 -27.61
S2 SF4 D . 8.88 5.07 -28.37
S3 SF4 D . 5.98 3.20 -29.84
S4 SF4 D . 5.99 4.39 -26.37
FE SRM E . 3.55 -0.93 -27.51
CHA SRM E . 3.64 -0.15 -30.82
CHB SRM E . 6.87 -1.83 -27.52
CHC SRM E . 3.14 -2.52 -24.56
CHD SRM E . 0.90 1.09 -26.96
NA SRM E . 5.03 -1.00 -28.97
C1A SRM E . 4.89 -0.70 -30.28
C2A SRM E . 6.09 -0.97 -31.15
CMA SRM E . 5.73 -2.36 -31.74
CDA SRM E . 6.45 0.08 -32.19
CEA SRM E . 5.86 -0.24 -33.58
O3A SRM E . 4.63 -0.10 -33.77
O4A SRM E . 6.59 -0.69 -34.48
C3A SRM E . 7.03 -1.29 -30.05
CAA SRM E . 8.43 -1.77 -30.35
CBA SRM E . 9.60 -1.15 -29.57
CCA SRM E . 10.84 -2.01 -29.76
O1A SRM E . 10.91 -3.15 -29.24
O2A SRM E . 11.80 -1.58 -30.40
C4A SRM E . 6.29 -1.39 -28.80
NB SRM E . 4.77 -2.04 -26.30
C1B SRM E . 6.05 -2.30 -26.44
C2B SRM E . 6.66 -3.03 -25.30
CMB SRM E . 7.86 -3.92 -25.65
CDB SRM E . 7.11 -1.91 -24.32
CEB SRM E . 7.86 -2.42 -23.07
O3B SRM E . 7.59 -3.50 -22.55
O4B SRM E . 8.79 -1.77 -22.61
C3B SRM E . 5.50 -3.53 -24.50
CAB SRM E . 5.07 -4.76 -25.37
CBB SRM E . 3.78 -5.49 -24.86
CCB SRM E . 3.44 -6.85 -25.47
O1B SRM E . 4.16 -7.83 -25.23
O2B SRM E . 2.43 -7.06 -26.18
C4B SRM E . 4.43 -2.70 -25.17
NC SRM E . 2.17 -0.75 -25.99
C1C SRM E . 2.25 -1.35 -24.78
C2C SRM E . 1.23 -0.96 -23.91
CDC SRM E . 1.04 -1.39 -22.46
CEC SRM E . -0.02 -2.36 -22.20
O3C SRM E . -0.45 -2.96 -23.19
O4C SRM E . -0.40 -2.45 -21.04
C3C SRM E . 0.55 0.13 -24.61
CAC SRM E . -0.55 1.02 -24.09
CBC SRM E . -1.93 0.34 -23.96
CCC SRM E . -2.58 0.71 -25.25
O1C SRM E . -3.23 1.78 -25.33
O2C SRM E . -2.41 -0.08 -26.19
C4C SRM E . 1.20 0.17 -25.86
ND SRM E . 2.39 0.28 -28.74
C1D SRM E . 1.34 1.02 -28.39
C2D SRM E . 0.88 1.80 -29.44
CAD SRM E . -0.31 2.75 -29.43
CBD SRM E . -1.54 1.86 -29.62
CCD SRM E . -2.81 2.66 -29.84
O1D SRM E . -2.78 3.91 -29.88
O2D SRM E . -3.86 2.00 -30.04
C3D SRM E . 1.65 1.44 -30.54
CDD SRM E . 1.57 2.01 -31.93
CED SRM E . 0.51 1.42 -32.79
O3D SRM E . 0.05 0.30 -32.48
O4D SRM E . 0.18 2.09 -33.78
C4D SRM E . 2.60 0.56 -30.04
P PO4 F . 1.58 -3.30 -28.28
O1 PO4 F . 2.93 -2.72 -28.10
O2 PO4 F . 1.62 -3.99 -29.62
O3 PO4 F . 1.17 -4.41 -27.30
O4 PO4 F . 0.55 -2.20 -28.29
MG MG G . 11.27 -3.80 -13.78
FE1 SF4 H . 5.79 -2.73 36.75
FE2 SF4 H . 3.83 -1.10 35.83
FE3 SF4 H . 6.27 -0.65 35.10
FE4 SF4 H . 5.63 -0.21 37.69
S1 SF4 H . 4.87 0.97 35.95
S2 SF4 H . 7.55 -1.24 36.89
S3 SF4 H . 4.01 -1.84 37.95
S4 SF4 H . 5.10 -2.56 34.58
FE SRM I . -0.31 -0.28 35.29
CHA SRM I . -0.07 -0.90 38.59
CHB SRM I . 1.55 2.69 35.59
CHC SRM I . -1.37 0.74 32.28
CHD SRM I . -0.91 -3.53 34.55
NA SRM I . 0.59 0.73 36.87
C1A SRM I . 0.56 0.37 38.15
C2A SRM I . 1.18 1.36 39.11
CMA SRM I . 0.01 2.18 39.68
CDA SRM I . 2.03 0.73 40.19
CEA SRM I . 1.28 0.60 41.53
O3A SRM I . 0.34 -0.24 41.63
O4A SRM I . 1.60 1.34 42.50
C3A SRM I . 1.78 2.30 38.11
CAA SRM I . 2.47 3.58 38.55
CBA SRM I . 3.89 3.80 38.04
CCA SRM I . 4.24 5.27 38.29
O1A SRM I . 3.56 6.16 37.79
O2A SRM I . 5.23 5.54 38.99
C4A SRM I . 1.27 1.92 36.81
NB SRM I . 0.03 1.41 34.13
C1B SRM I . 0.75 2.48 34.40
C2B SRM I . 0.80 3.47 33.28
CMB SRM I . 0.96 4.92 33.72
CDB SRM I . 2.01 3.04 32.39
CEB SRM I . 2.36 3.92 31.21
O3B SRM I . 1.47 4.43 30.55
O4B SRM I . 3.57 4.14 30.93
C3B SRM I . -0.30 3.04 32.37
CAB SRM I . -1.48 3.73 33.16
CBB SRM I . -2.89 3.42 32.59
CCB SRM I . -4.10 4.23 33.06
O1B SRM I . -4.16 5.46 32.86
O2B SRM I . -5.11 3.66 33.52
C4B SRM I . -0.52 1.70 32.97
NC SRM I . -1.06 -1.26 33.64
C1C SRM I . -1.31 -0.72 32.41
C2C SRM I . -1.71 -1.64 31.43
CDC SRM I . -2.02 -1.43 29.96
CEC SRM I . -3.45 -1.35 29.57
O3C SRM I . -4.21 -1.17 30.54
O4C SRM I . -3.80 -1.44 28.35
C3C SRM I . -1.54 -2.92 32.14
CAC SRM I . -1.72 -4.28 31.54
CBC SRM I . -3.16 -4.59 31.22
CCC SRM I . -3.58 -5.35 32.44
O1C SRM I . -3.32 -6.57 32.49
O2C SRM I . -4.22 -4.72 33.30
C4C SRM I . -1.15 -2.58 33.44
ND SRM I . -0.46 -2.00 36.41
C1D SRM I . -0.75 -3.23 36.00
C2D SRM I . -0.70 -4.18 37.01
CAD SRM I . -0.97 -5.68 36.87
CBD SRM I . -2.45 -5.90 36.54
CCD SRM I . -3.00 -7.26 36.92
O1D SRM I . -2.29 -8.27 36.96
O2D SRM I . -4.19 -7.33 37.24
C3D SRM I . -0.45 -3.42 38.16
CDD SRM I . -0.25 -3.92 39.55
CED SRM I . -1.51 -4.36 40.18
O3D SRM I . -2.51 -3.72 39.84
O4D SRM I . -1.45 -5.31 40.99
C4D SRM I . -0.29 -2.11 37.74
P PO4 J . -3.22 0.24 35.72
O1 PO4 J . -1.80 0.67 35.78
O2 PO4 J . -3.93 0.76 36.98
O3 PO4 J . -3.92 0.83 34.52
O4 PO4 J . -3.31 -1.26 35.70
MG MG K . 5.00 7.47 22.19
FE1 FES L . 6.53 14.13 -39.81
FE2 FES L . 4.30 12.24 -38.91
S1 FES L . 5.65 12.33 -40.70
S2 FES L . 4.93 14.30 -38.30
#